data_4Y5V
#
_entry.id   4Y5V
#
_cell.length_a   125.730
_cell.length_b   215.021
_cell.length_c   171.905
_cell.angle_alpha   90.00
_cell.angle_beta   90.00
_cell.angle_gamma   90.00
#
_symmetry.space_group_name_H-M   'C 2 2 21'
#
loop_
_entity.id
_entity.type
_entity.pdbx_description
1 polymer 'diabody 305 VH domain'
2 polymer 'Diabody 305 VL domain'
3 polymer 'Erythropoietin receptor'
4 non-polymer GLYCEROL
5 non-polymer 'TRIETHYLENE GLYCOL'
6 non-polymer DI(HYDROXYETHYL)ETHER
7 water water
#
loop_
_entity_poly.entity_id
_entity_poly.type
_entity_poly.pdbx_seq_one_letter_code
_entity_poly.pdbx_strand_id
1 'polypeptide(L)'
;HSAFAGSEVQLVESGGGLVQPGGSLRLSCAASGFTFSSYWMSWVRQAPGKGLEWVANIKPDGSEKYYVDSVKGRFTISRD
NAKNSVYLQMNSLRAEDTAVYYCARVSRGGSYSDWGQGTLVTVSSGGGGS
;
A,D,G
2 'polypeptide(L)'
;SQSALTQPASVSGSPGQSITISCTGTSSDVGGYIYVSWYQQHPGKAPKLMIYDVSRRPSGISDRFSGSKSGNTASLTISG
LQAEDEADYYCNSYTTLSTWLFGGGTKVTVLAAAGGG
;
B,E,H
3 'polypeptide(L)'
;FAGSADPKFESKAALLAARGPEELLCFTERLEDLVCFWEEAASAGVGPGQYSFSYQLEDEPWKLCRLHQAPTARGAVRFW
CSLPTADTSSFVPLELRVTAASGAPRYHRVIHINEVVLLDAPVGLVARLADESGHVVLRWLPPPETPMTSHIRYEVDVSA
GQGAGSVQRVEILEGRTECVLSNLRGRTRYTFAVRARMAEPSFGGFWSAWSEPVSLLTPSDLDKEKAAA
;
C,F,I
#
loop_
_chem_comp.id
_chem_comp.type
_chem_comp.name
_chem_comp.formula
GOL non-polymer GLYCEROL 'C3 H8 O3'
PEG non-polymer DI(HYDROXYETHYL)ETHER 'C4 H10 O3'
PGE non-polymer 'TRIETHYLENE GLYCOL' 'C6 H14 O4'
#
# COMPACT_ATOMS: atom_id res chain seq x y z
N SER A 7 34.07 24.42 -2.10
CA SER A 7 33.79 23.29 -1.22
C SER A 7 32.76 23.64 -0.16
N GLU A 8 32.49 24.94 -0.03
CA GLU A 8 31.47 25.44 0.89
C GLU A 8 30.07 25.18 0.34
N VAL A 9 29.99 24.83 -0.94
CA VAL A 9 28.71 24.64 -1.61
C VAL A 9 27.94 23.47 -1.02
N GLN A 10 26.65 23.69 -0.79
CA GLN A 10 25.78 22.73 -0.14
C GLN A 10 24.42 22.64 -0.82
N LEU A 11 23.95 21.41 -1.02
CA LEU A 11 22.64 21.17 -1.62
C LEU A 11 21.84 20.23 -0.73
N VAL A 12 20.66 20.69 -0.30
CA VAL A 12 19.84 19.91 0.61
C VAL A 12 18.46 19.62 0.03
N GLU A 13 18.22 18.35 -0.31
CA GLU A 13 16.93 17.93 -0.87
C GLU A 13 15.86 17.77 0.20
N SER A 14 14.61 17.80 -0.23
CA SER A 14 13.46 17.61 0.66
C SER A 14 12.19 17.28 -0.13
N GLY A 15 11.24 16.63 0.53
CA GLY A 15 9.94 16.40 -0.07
C GLY A 15 9.65 14.96 -0.46
N GLY A 16 10.59 14.06 -0.21
CA GLY A 16 10.42 12.66 -0.54
C GLY A 16 9.43 11.96 0.39
N GLY A 17 9.33 10.65 0.26
CA GLY A 17 8.44 9.87 1.10
C GLY A 17 7.65 8.83 0.33
N LEU A 18 6.75 8.15 1.03
CA LEU A 18 5.91 7.12 0.43
C LEU A 18 4.67 7.71 -0.23
N VAL A 19 4.32 7.19 -1.40
CA VAL A 19 3.17 7.66 -2.14
C VAL A 19 2.55 6.52 -2.96
N GLN A 20 1.23 6.49 -3.02
CA GLN A 20 0.53 5.51 -3.84
C GLN A 20 0.81 5.73 -5.32
N PRO A 21 0.83 4.65 -6.11
CA PRO A 21 0.99 4.79 -7.57
C PRO A 21 -0.12 5.65 -8.16
N GLY A 22 0.26 6.64 -8.96
CA GLY A 22 -0.70 7.61 -9.47
C GLY A 22 -0.70 8.86 -8.64
N GLY A 23 -0.08 8.79 -7.46
CA GLY A 23 -0.02 9.92 -6.55
C GLY A 23 0.90 11.03 -6.99
N SER A 24 0.90 12.12 -6.23
CA SER A 24 1.72 13.28 -6.56
C SER A 24 2.77 13.55 -5.47
N LEU A 25 3.83 14.27 -5.83
CA LEU A 25 4.92 14.55 -4.91
C LEU A 25 5.77 15.73 -5.42
N ARG A 26 6.15 16.62 -4.52
CA ARG A 26 6.96 17.77 -4.89
C ARG A 26 8.29 17.83 -4.15
N LEU A 27 9.38 17.73 -4.88
CA LEU A 27 10.72 17.77 -4.27
C LEU A 27 11.29 19.19 -4.28
N SER A 28 12.06 19.51 -3.25
CA SER A 28 12.70 20.82 -3.13
C SER A 28 14.20 20.68 -2.90
N CYS A 29 14.97 21.63 -3.39
CA CYS A 29 16.42 21.61 -3.22
C CYS A 29 16.95 23.00 -2.88
N ALA A 30 17.30 23.20 -1.61
CA ALA A 30 17.83 24.48 -1.16
C ALA A 30 19.33 24.55 -1.42
N ALA A 31 19.76 25.56 -2.16
CA ALA A 31 21.16 25.71 -2.52
C ALA A 31 21.84 26.86 -1.76
N SER A 32 23.14 26.70 -1.52
CA SER A 32 23.93 27.75 -0.90
C SER A 32 25.41 27.57 -1.20
N GLY A 33 26.17 28.66 -1.19
CA GLY A 33 27.60 28.60 -1.40
C GLY A 33 28.04 29.02 -2.79
N PHE A 34 27.08 29.40 -3.64
CA PHE A 34 27.41 29.86 -4.99
C PHE A 34 26.30 30.74 -5.55
N THR A 35 26.60 31.43 -6.65
CA THR A 35 25.62 32.28 -7.32
C THR A 35 24.61 31.40 -8.05
N PHE A 36 23.51 31.08 -7.38
CA PHE A 36 22.53 30.12 -7.87
C PHE A 36 21.91 30.48 -9.22
N SER A 37 21.72 31.77 -9.47
CA SER A 37 20.97 32.22 -10.63
C SER A 37 21.75 32.15 -11.95
N SER A 38 23.00 31.71 -11.90
CA SER A 38 23.84 31.70 -13.09
C SER A 38 24.30 30.30 -13.46
N TYR A 39 23.67 29.28 -12.88
CA TYR A 39 24.02 27.90 -13.16
C TYR A 39 22.82 27.05 -13.51
N TRP A 40 23.01 26.12 -14.45
CA TRP A 40 22.02 25.08 -14.68
C TRP A 40 21.89 24.22 -13.44
N MET A 41 20.69 23.76 -13.15
CA MET A 41 20.47 22.80 -12.06
C MET A 41 19.83 21.54 -12.62
N SER A 42 20.08 20.40 -11.97
CA SER A 42 19.64 19.12 -12.49
C SER A 42 19.11 18.17 -11.43
N TRP A 43 18.25 17.26 -11.84
CA TRP A 43 17.79 16.17 -10.98
C TRP A 43 18.25 14.83 -11.53
N VAL A 44 18.89 14.03 -10.66
CA VAL A 44 19.34 12.70 -11.04
C VAL A 44 18.83 11.70 -10.01
N ARG A 45 18.25 10.59 -10.48
CA ARG A 45 17.70 9.59 -9.56
C ARG A 45 18.47 8.28 -9.64
N GLN A 46 18.31 7.46 -8.60
CA GLN A 46 18.98 6.16 -8.54
C GLN A 46 18.13 5.13 -7.81
N ALA A 47 17.58 4.19 -8.57
CA ALA A 47 16.81 3.10 -7.99
C ALA A 47 17.73 2.23 -7.13
N PRO A 48 17.21 1.70 -6.02
CA PRO A 48 17.98 0.89 -5.07
C PRO A 48 18.72 -0.28 -5.75
N GLY A 49 20.04 -0.26 -5.68
CA GLY A 49 20.85 -1.31 -6.27
C GLY A 49 21.14 -1.08 -7.74
N LYS A 50 20.55 -0.03 -8.30
CA LYS A 50 20.70 0.28 -9.72
C LYS A 50 21.64 1.46 -9.93
N GLY A 51 21.76 1.88 -11.20
CA GLY A 51 22.68 2.93 -11.58
C GLY A 51 22.04 4.31 -11.57
N LEU A 52 22.85 5.32 -11.93
CA LEU A 52 22.38 6.70 -11.95
C LEU A 52 21.56 6.98 -13.21
N GLU A 53 20.48 7.73 -13.06
CA GLU A 53 19.67 8.12 -14.21
C GLU A 53 19.35 9.60 -14.19
N TRP A 54 19.74 10.30 -15.26
CA TRP A 54 19.42 11.71 -15.43
C TRP A 54 17.91 11.87 -15.63
N VAL A 55 17.34 12.86 -14.95
CA VAL A 55 15.89 13.05 -15.00
C VAL A 55 15.51 14.36 -15.69
N ALA A 56 16.12 15.46 -15.27
CA ALA A 56 15.77 16.77 -15.81
C ALA A 56 16.86 17.82 -15.61
N ASN A 57 16.97 18.74 -16.57
CA ASN A 57 17.82 19.91 -16.45
C ASN A 57 16.99 21.18 -16.58
N ILE A 58 17.48 22.29 -16.04
CA ILE A 58 16.79 23.56 -16.20
C ILE A 58 17.78 24.72 -16.36
N LYS A 59 17.47 25.62 -17.28
CA LYS A 59 18.30 26.80 -17.53
C LYS A 59 18.35 27.68 -16.28
N PRO A 60 19.44 28.44 -16.10
CA PRO A 60 19.56 29.38 -14.98
C PRO A 60 18.35 30.31 -14.83
N ASP A 61 17.80 30.78 -15.94
CA ASP A 61 16.61 31.63 -15.90
C ASP A 61 15.33 30.81 -16.08
N GLY A 62 15.49 29.50 -16.27
CA GLY A 62 14.36 28.60 -16.37
C GLY A 62 13.56 28.68 -17.66
N SER A 63 14.16 29.27 -18.69
CA SER A 63 13.46 29.46 -19.96
C SER A 63 13.54 28.21 -20.83
N GLU A 64 14.44 27.30 -20.50
CA GLU A 64 14.57 26.04 -21.23
C GLU A 64 14.62 24.86 -20.27
N LYS A 65 13.86 23.82 -20.57
CA LYS A 65 13.79 22.63 -19.74
C LYS A 65 13.85 21.36 -20.56
N TYR A 66 14.58 20.37 -20.06
CA TYR A 66 14.71 19.09 -20.76
C TYR A 66 14.44 17.94 -19.79
N TYR A 67 13.79 16.89 -20.29
CA TYR A 67 13.42 15.77 -19.46
C TYR A 67 13.81 14.44 -20.08
N VAL A 68 14.09 13.46 -19.24
CA VAL A 68 14.26 12.08 -19.71
C VAL A 68 12.88 11.62 -20.19
N ASP A 69 12.86 10.75 -21.19
CA ASP A 69 11.64 10.38 -21.89
C ASP A 69 10.52 9.89 -20.98
N SER A 70 10.84 9.03 -20.04
CA SER A 70 9.83 8.36 -19.22
C SER A 70 9.11 9.25 -18.20
N VAL A 71 9.52 10.52 -18.09
CA VAL A 71 8.90 11.40 -17.11
C VAL A 71 8.18 12.57 -17.77
N LYS A 72 8.37 12.72 -19.08
CA LYS A 72 7.70 13.78 -19.83
C LYS A 72 6.19 13.75 -19.63
N GLY A 73 5.59 14.91 -19.39
CA GLY A 73 4.16 15.02 -19.17
C GLY A 73 3.76 14.69 -17.75
N ARG A 74 4.71 14.16 -16.97
CA ARG A 74 4.44 13.78 -15.59
C ARG A 74 5.27 14.60 -14.61
N PHE A 75 6.54 14.81 -14.94
CA PHE A 75 7.42 15.59 -14.07
C PHE A 75 7.60 17.01 -14.61
N THR A 76 7.75 17.95 -13.68
CA THR A 76 8.03 19.33 -14.05
C THR A 76 9.14 19.91 -13.17
N ILE A 77 10.22 20.35 -13.81
CA ILE A 77 11.31 20.97 -13.08
C ILE A 77 11.11 22.48 -13.07
N SER A 78 11.45 23.12 -11.96
CA SER A 78 11.32 24.56 -11.83
C SER A 78 12.32 25.08 -10.81
N ARG A 79 12.41 26.40 -10.69
CA ARG A 79 13.35 27.00 -9.78
C ARG A 79 12.94 28.41 -9.33
N ASP A 80 13.43 28.81 -8.17
CA ASP A 80 13.23 30.16 -7.66
C ASP A 80 14.58 30.74 -7.27
N ASN A 81 15.13 31.58 -8.14
CA ASN A 81 16.45 32.15 -7.93
C ASN A 81 16.55 33.04 -6.69
N ALA A 82 15.44 33.67 -6.33
CA ALA A 82 15.40 34.54 -5.15
C ALA A 82 15.47 33.72 -3.87
N LYS A 83 15.03 32.47 -3.95
CA LYS A 83 15.02 31.58 -2.80
C LYS A 83 16.10 30.51 -2.91
N ASN A 84 16.91 30.61 -3.96
CA ASN A 84 17.99 29.66 -4.22
C ASN A 84 17.52 28.21 -4.16
N SER A 85 16.42 27.91 -4.84
CA SER A 85 15.83 26.58 -4.77
C SER A 85 15.50 25.98 -6.13
N VAL A 86 15.64 24.67 -6.23
CA VAL A 86 15.19 23.92 -7.39
C VAL A 86 14.03 23.03 -6.98
N TYR A 87 13.05 22.87 -7.87
CA TYR A 87 11.91 22.04 -7.56
C TYR A 87 11.67 20.98 -8.63
N LEU A 88 11.07 19.87 -8.23
CA LEU A 88 10.65 18.84 -9.16
C LEU A 88 9.25 18.36 -8.81
N GLN A 89 8.27 18.84 -9.56
CA GLN A 89 6.90 18.39 -9.38
C GLN A 89 6.72 17.04 -10.04
N MET A 90 6.32 16.04 -9.24
CA MET A 90 6.17 14.69 -9.74
C MET A 90 4.71 14.25 -9.68
N ASN A 91 4.05 14.26 -10.84
CA ASN A 91 2.66 13.83 -10.94
C ASN A 91 2.55 12.45 -11.58
N SER A 92 1.44 11.77 -11.30
CA SER A 92 1.16 10.44 -11.86
C SER A 92 2.33 9.50 -11.65
N LEU A 93 2.73 9.35 -10.39
CA LEU A 93 3.92 8.58 -10.06
C LEU A 93 3.73 7.10 -10.32
N ARG A 94 4.75 6.47 -10.90
N ARG A 94 4.76 6.47 -10.86
CA ARG A 94 4.72 5.05 -11.20
CA ARG A 94 4.71 5.04 -11.18
C ARG A 94 5.64 4.29 -10.24
C ARG A 94 5.69 4.28 -10.29
N ALA A 95 5.53 2.97 -10.22
CA ALA A 95 6.34 2.15 -9.34
C ALA A 95 7.82 2.20 -9.73
N GLU A 96 8.09 2.32 -11.02
CA GLU A 96 9.46 2.40 -11.51
C GLU A 96 10.10 3.75 -11.23
N ASP A 97 9.33 4.68 -10.68
CA ASP A 97 9.87 5.98 -10.29
C ASP A 97 10.51 5.93 -8.90
N THR A 98 10.36 4.79 -8.24
CA THR A 98 10.94 4.60 -6.91
C THR A 98 12.46 4.66 -6.95
N ALA A 99 13.02 5.70 -6.34
CA ALA A 99 14.46 5.92 -6.37
C ALA A 99 14.89 7.01 -5.38
N VAL A 100 16.19 7.09 -5.12
CA VAL A 100 16.74 8.22 -4.42
C VAL A 100 16.96 9.35 -5.42
N TYR A 101 16.33 10.48 -5.18
CA TYR A 101 16.45 11.62 -6.10
C TYR A 101 17.50 12.61 -5.63
N TYR A 102 18.54 12.80 -6.44
CA TYR A 102 19.61 13.71 -6.14
C TYR A 102 19.42 15.07 -6.80
N CYS A 103 19.81 16.12 -6.09
CA CYS A 103 19.88 17.46 -6.65
C CYS A 103 21.33 17.76 -6.99
N ALA A 104 21.57 18.23 -8.22
CA ALA A 104 22.94 18.46 -8.65
C ALA A 104 23.12 19.81 -9.33
N ARG A 105 24.26 20.44 -9.04
CA ARG A 105 24.64 21.69 -9.70
C ARG A 105 25.40 21.39 -10.99
N VAL A 106 24.94 21.96 -12.10
CA VAL A 106 25.63 21.76 -13.37
C VAL A 106 26.73 22.79 -13.51
N SER A 107 27.94 22.33 -13.80
CA SER A 107 29.09 23.21 -13.92
C SER A 107 29.79 23.06 -15.25
N ARG A 108 31.12 23.09 -15.22
CA ARG A 108 31.94 23.08 -16.41
C ARG A 108 31.68 21.87 -17.29
N GLY A 109 31.38 22.12 -18.57
CA GLY A 109 31.13 21.06 -19.52
C GLY A 109 29.86 20.27 -19.26
N GLY A 110 28.98 20.82 -18.43
CA GLY A 110 27.73 20.16 -18.11
C GLY A 110 27.87 19.15 -16.99
N SER A 111 29.08 19.02 -16.45
CA SER A 111 29.35 18.06 -15.40
C SER A 111 28.65 18.43 -14.09
N TYR A 112 28.36 17.42 -13.29
CA TYR A 112 27.67 17.63 -12.02
C TYR A 112 28.69 17.76 -10.89
N SER A 113 29.11 19.00 -10.63
CA SER A 113 30.17 19.28 -9.68
C SER A 113 29.77 19.02 -8.24
N ASP A 114 28.53 19.35 -7.89
CA ASP A 114 28.06 19.21 -6.52
C ASP A 114 26.75 18.42 -6.42
N TRP A 115 26.69 17.53 -5.44
CA TRP A 115 25.54 16.67 -5.25
C TRP A 115 24.95 16.83 -3.86
N GLY A 116 23.63 16.72 -3.75
CA GLY A 116 22.97 16.65 -2.46
C GLY A 116 23.04 15.23 -1.95
N GLN A 117 22.53 14.97 -0.76
CA GLN A 117 22.54 13.63 -0.20
C GLN A 117 21.36 12.82 -0.76
N GLY A 118 20.39 13.51 -1.33
CA GLY A 118 19.27 12.84 -1.97
C GLY A 118 18.11 12.60 -1.03
N THR A 119 16.90 12.62 -1.57
CA THR A 119 15.70 12.31 -0.80
C THR A 119 15.01 11.10 -1.41
N LEU A 120 14.62 10.16 -0.56
CA LEU A 120 14.06 8.90 -1.04
C LEU A 120 12.58 9.02 -1.40
N VAL A 121 12.26 8.56 -2.60
CA VAL A 121 10.87 8.50 -3.06
C VAL A 121 10.47 7.05 -3.30
N THR A 122 9.47 6.59 -2.56
CA THR A 122 8.99 5.22 -2.71
C THR A 122 7.55 5.21 -3.20
N VAL A 123 7.33 4.58 -4.35
CA VAL A 123 5.99 4.49 -4.91
C VAL A 123 5.47 3.06 -4.83
N SER A 124 4.54 2.82 -3.92
CA SER A 124 3.97 1.49 -3.73
C SER A 124 2.57 1.56 -3.13
N SER A 125 1.87 0.42 -3.15
CA SER A 125 0.57 0.31 -2.52
C SER A 125 0.60 -0.71 -1.39
N GLY A 126 -0.53 -0.90 -0.73
CA GLY A 126 -0.60 -1.80 0.41
C GLY A 126 -1.33 -3.09 0.09
N GLY A 127 -0.69 -4.22 0.41
CA GLY A 127 -1.27 -5.52 0.14
C GLY A 127 -2.54 -5.79 0.93
N SER B 1 13.30 3.41 -22.67
CA SER B 1 14.20 4.47 -22.23
C SER B 1 15.44 4.52 -23.10
N GLN B 2 16.18 5.62 -23.01
CA GLN B 2 17.43 5.75 -23.76
C GLN B 2 18.49 4.85 -23.12
N SER B 3 19.08 3.98 -23.94
CA SER B 3 20.03 3.00 -23.45
C SER B 3 21.28 3.64 -22.86
N ALA B 4 21.63 3.25 -21.64
CA ALA B 4 22.79 3.79 -20.95
C ALA B 4 24.08 3.43 -21.69
N LEU B 5 25.08 4.30 -21.58
CA LEU B 5 26.38 4.05 -22.19
C LEU B 5 26.98 2.75 -21.66
N THR B 6 27.66 2.01 -22.53
CA THR B 6 28.15 0.69 -22.18
C THR B 6 29.45 0.74 -21.37
N GLN B 7 29.35 0.32 -20.12
CA GLN B 7 30.52 0.17 -19.26
C GLN B 7 30.66 -1.30 -18.88
N PRO B 8 31.90 -1.74 -18.60
CA PRO B 8 32.07 -3.09 -18.08
C PRO B 8 31.38 -3.22 -16.71
N ALA B 9 30.79 -4.38 -16.46
CA ALA B 9 30.06 -4.61 -15.22
C ALA B 9 30.98 -4.44 -14.01
N SER B 10 32.20 -4.97 -14.11
CA SER B 10 33.14 -4.90 -13.01
C SER B 10 34.59 -5.08 -13.47
N VAL B 11 35.49 -4.31 -12.86
CA VAL B 11 36.92 -4.47 -13.10
C VAL B 11 37.64 -4.59 -11.77
N SER B 12 38.73 -5.37 -11.75
CA SER B 12 39.47 -5.59 -10.52
C SER B 12 40.97 -5.41 -10.73
N GLY B 13 41.68 -5.17 -9.63
CA GLY B 13 43.12 -4.99 -9.68
C GLY B 13 43.76 -5.00 -8.31
N SER B 14 45.05 -5.36 -8.26
CA SER B 14 45.80 -5.35 -7.02
C SER B 14 46.25 -3.92 -6.70
N PRO B 15 46.46 -3.63 -5.41
CA PRO B 15 46.92 -2.29 -5.01
C PRO B 15 48.22 -1.89 -5.69
N GLY B 16 48.27 -0.67 -6.24
CA GLY B 16 49.45 -0.19 -6.92
C GLY B 16 49.36 -0.34 -8.43
N GLN B 17 48.54 -1.29 -8.87
CA GLN B 17 48.37 -1.57 -10.29
C GLN B 17 47.47 -0.50 -10.92
N SER B 18 47.43 -0.47 -12.26
CA SER B 18 46.57 0.48 -12.96
C SER B 18 45.42 -0.21 -13.68
N ILE B 19 44.22 0.34 -13.56
CA ILE B 19 43.05 -0.18 -14.25
C ILE B 19 42.40 0.89 -15.12
N THR B 20 41.63 0.45 -16.12
CA THR B 20 40.94 1.37 -17.02
C THR B 20 39.49 0.94 -17.24
N ILE B 21 38.58 1.89 -17.13
CA ILE B 21 37.16 1.63 -17.33
C ILE B 21 36.66 2.27 -18.63
N SER B 22 36.01 1.48 -19.48
CA SER B 22 35.55 1.96 -20.77
C SER B 22 34.11 2.46 -20.73
N CYS B 23 33.78 3.37 -21.64
CA CYS B 23 32.46 3.97 -21.74
C CYS B 23 32.09 4.20 -23.19
N THR B 24 31.40 3.24 -23.79
CA THR B 24 31.15 3.25 -25.22
C THR B 24 29.75 3.77 -25.57
N GLY B 25 29.71 4.73 -26.50
CA GLY B 25 28.45 5.25 -27.01
C GLY B 25 28.50 5.34 -28.52
N THR B 26 27.93 6.41 -29.07
CA THR B 26 27.95 6.64 -30.51
C THR B 26 28.59 7.99 -30.83
N SER B 27 28.59 8.32 -32.11
CA SER B 27 29.09 9.62 -32.57
C SER B 27 28.04 10.70 -32.32
N SER B 28 26.90 10.29 -31.76
CA SER B 28 25.81 11.20 -31.45
C SER B 28 25.86 11.64 -29.99
N ASP B 29 26.78 11.05 -29.22
CA ASP B 29 26.96 11.42 -27.82
C ASP B 29 28.43 11.52 -27.44
N VAL B 30 29.02 10.41 -27.03
CA VAL B 30 30.40 10.36 -26.58
C VAL B 30 31.38 10.83 -27.66
N GLY B 31 31.18 10.36 -28.89
CA GLY B 31 32.06 10.71 -29.98
C GLY B 31 31.69 11.98 -30.70
N GLY B 32 30.63 12.65 -30.22
CA GLY B 32 30.15 13.85 -30.86
C GLY B 32 30.42 15.12 -30.07
N TYR B 33 30.70 14.97 -28.78
CA TYR B 33 30.92 16.11 -27.90
C TYR B 33 32.11 15.88 -26.97
N ILE B 34 32.61 16.95 -26.38
CA ILE B 34 33.66 16.84 -25.36
C ILE B 34 33.05 16.80 -23.98
N TYR B 35 31.73 16.90 -23.91
CA TYR B 35 31.02 16.96 -22.64
C TYR B 35 30.89 15.59 -21.99
N VAL B 36 32.04 14.96 -21.73
CA VAL B 36 32.07 13.65 -21.09
C VAL B 36 32.67 13.75 -19.69
N SER B 37 31.98 13.19 -18.71
CA SER B 37 32.43 13.26 -17.32
C SER B 37 32.40 11.90 -16.62
N TRP B 38 33.17 11.79 -15.54
CA TRP B 38 33.22 10.56 -14.76
C TRP B 38 32.89 10.81 -13.29
N TYR B 39 32.20 9.87 -12.67
CA TYR B 39 31.76 10.01 -11.28
C TYR B 39 32.09 8.79 -10.44
N GLN B 40 32.40 9.03 -9.18
CA GLN B 40 32.70 7.96 -8.23
C GLN B 40 31.64 7.92 -7.14
N GLN B 41 31.17 6.73 -6.80
CA GLN B 41 30.16 6.60 -5.77
C GLN B 41 30.45 5.44 -4.82
N HIS B 42 30.69 5.77 -3.56
CA HIS B 42 30.83 4.76 -2.51
C HIS B 42 29.44 4.38 -2.00
N PRO B 43 29.28 3.13 -1.53
CA PRO B 43 28.00 2.64 -1.02
C PRO B 43 27.36 3.55 0.03
N GLY B 44 26.14 4.01 -0.26
CA GLY B 44 25.40 4.84 0.67
C GLY B 44 25.75 6.31 0.61
N LYS B 45 26.57 6.68 -0.37
CA LYS B 45 27.01 8.07 -0.51
C LYS B 45 26.62 8.65 -1.86
N ALA B 46 26.60 9.99 -1.92
CA ALA B 46 26.31 10.69 -3.17
C ALA B 46 27.50 10.60 -4.12
N PRO B 47 27.22 10.59 -5.43
CA PRO B 47 28.29 10.53 -6.44
C PRO B 47 29.25 11.71 -6.33
N LYS B 48 30.46 11.52 -6.83
CA LYS B 48 31.49 12.55 -6.74
C LYS B 48 32.17 12.73 -8.09
N LEU B 49 32.31 13.99 -8.50
CA LEU B 49 32.91 14.30 -9.80
C LEU B 49 34.41 14.04 -9.79
N MET B 50 34.88 13.17 -10.68
CA MET B 50 36.30 12.84 -10.76
C MET B 50 36.95 13.45 -11.99
N ILE B 51 36.24 13.38 -13.12
CA ILE B 51 36.73 13.89 -14.39
C ILE B 51 35.62 14.63 -15.13
N TYR B 52 35.93 15.77 -15.71
CA TYR B 52 34.99 16.47 -16.58
C TYR B 52 35.69 16.89 -17.88
N ASP B 53 34.91 17.16 -18.92
CA ASP B 53 35.46 17.53 -20.23
C ASP B 53 36.50 16.53 -20.70
N VAL B 54 36.14 15.25 -20.63
CA VAL B 54 36.98 14.13 -21.08
C VAL B 54 38.22 13.90 -20.22
N SER B 55 38.98 14.95 -19.93
CA SER B 55 40.28 14.79 -19.29
C SER B 55 40.59 15.75 -18.13
N ARG B 56 39.66 16.64 -17.81
CA ARG B 56 39.94 17.67 -16.81
C ARG B 56 39.56 17.21 -15.40
N ARG B 57 40.34 17.65 -14.41
CA ARG B 57 40.08 17.29 -13.02
C ARG B 57 39.67 18.50 -12.18
N PRO B 58 38.71 18.30 -11.27
CA PRO B 58 38.38 19.30 -10.26
C PRO B 58 39.57 19.58 -9.35
N SER B 59 39.49 20.64 -8.54
CA SER B 59 40.64 21.09 -7.76
C SER B 59 41.13 20.13 -6.68
N GLY B 60 40.23 19.30 -6.16
CA GLY B 60 40.59 18.39 -5.08
C GLY B 60 40.78 16.94 -5.45
N ILE B 61 40.79 16.65 -6.75
CA ILE B 61 40.89 15.27 -7.22
C ILE B 61 42.33 14.86 -7.50
N SER B 62 42.69 13.67 -7.01
CA SER B 62 44.03 13.11 -7.18
C SER B 62 44.44 12.98 -8.64
N ASP B 63 45.74 13.09 -8.90
CA ASP B 63 46.28 12.97 -10.25
C ASP B 63 46.40 11.50 -10.67
N ARG B 64 45.99 10.60 -9.78
CA ARG B 64 45.96 9.17 -10.12
C ARG B 64 44.81 8.89 -11.06
N PHE B 65 43.81 9.76 -11.05
CA PHE B 65 42.65 9.63 -11.93
C PHE B 65 42.86 10.45 -13.21
N SER B 66 42.74 9.79 -14.35
CA SER B 66 42.89 10.45 -15.63
C SER B 66 41.83 9.97 -16.62
N GLY B 67 41.45 10.84 -17.54
CA GLY B 67 40.42 10.51 -18.51
C GLY B 67 40.86 10.77 -19.95
N SER B 68 40.28 10.01 -20.87
CA SER B 68 40.55 10.16 -22.29
C SER B 68 39.43 9.54 -23.11
N LYS B 69 39.41 9.81 -24.41
CA LYS B 69 38.46 9.16 -25.30
C LYS B 69 38.99 9.07 -26.72
N SER B 70 38.64 7.99 -27.40
CA SER B 70 38.99 7.82 -28.80
C SER B 70 37.80 7.23 -29.54
N GLY B 71 37.37 7.90 -30.61
CA GLY B 71 36.20 7.48 -31.35
C GLY B 71 34.96 7.74 -30.52
N ASN B 72 34.23 6.68 -30.21
CA ASN B 72 33.00 6.79 -29.43
C ASN B 72 33.12 6.16 -28.05
N THR B 73 34.35 5.98 -27.59
CA THR B 73 34.59 5.34 -26.30
C THR B 73 35.48 6.19 -25.39
N ALA B 74 34.95 6.55 -24.23
CA ALA B 74 35.70 7.29 -23.23
C ALA B 74 36.31 6.31 -22.24
N SER B 75 37.43 6.68 -21.64
CA SER B 75 38.12 5.80 -20.71
C SER B 75 38.58 6.51 -19.45
N LEU B 76 38.32 5.90 -18.30
CA LEU B 76 38.78 6.41 -17.03
C LEU B 76 39.88 5.50 -16.49
N THR B 77 41.06 6.07 -16.28
CA THR B 77 42.20 5.30 -15.81
C THR B 77 42.54 5.64 -14.36
N ILE B 78 42.73 4.60 -13.54
CA ILE B 78 43.12 4.79 -12.16
C ILE B 78 44.49 4.17 -11.91
N SER B 79 45.52 5.00 -11.85
CA SER B 79 46.87 4.53 -11.58
C SER B 79 47.11 4.48 -10.08
N GLY B 80 48.01 3.61 -9.64
CA GLY B 80 48.32 3.45 -8.23
C GLY B 80 47.07 3.12 -7.43
N LEU B 81 46.43 2.00 -7.77
CA LEU B 81 45.16 1.61 -7.17
C LEU B 81 45.25 1.45 -5.66
N GLN B 82 44.28 2.00 -4.95
CA GLN B 82 44.23 1.92 -3.49
C GLN B 82 42.91 1.31 -3.04
N ALA B 83 42.83 0.95 -1.76
CA ALA B 83 41.64 0.32 -1.20
C ALA B 83 40.45 1.27 -1.22
N GLU B 84 40.71 2.56 -1.09
CA GLU B 84 39.66 3.57 -1.08
C GLU B 84 39.05 3.79 -2.45
N ASP B 85 39.68 3.23 -3.48
CA ASP B 85 39.20 3.38 -4.84
C ASP B 85 38.06 2.40 -5.15
N GLU B 86 37.81 1.49 -4.21
CA GLU B 86 36.71 0.54 -4.35
C GLU B 86 35.36 1.25 -4.29
N ALA B 87 34.76 1.44 -5.46
CA ALA B 87 33.47 2.10 -5.57
C ALA B 87 32.82 1.87 -6.92
N ASP B 88 31.63 2.43 -7.10
CA ASP B 88 31.00 2.46 -8.42
C ASP B 88 31.48 3.66 -9.21
N TYR B 89 31.68 3.46 -10.50
CA TYR B 89 32.11 4.55 -11.36
C TYR B 89 31.18 4.68 -12.55
N TYR B 90 30.67 5.89 -12.76
CA TYR B 90 29.77 6.16 -13.87
C TYR B 90 30.34 7.20 -14.81
N CYS B 91 30.12 7.00 -16.12
CA CYS B 91 30.42 8.04 -17.08
C CYS B 91 29.14 8.76 -17.46
N ASN B 92 29.28 9.93 -18.08
CA ASN B 92 28.13 10.72 -18.49
C ASN B 92 28.47 11.53 -19.72
N SER B 93 27.50 11.64 -20.63
CA SER B 93 27.71 12.36 -21.87
C SER B 93 26.48 13.11 -22.33
N TYR B 94 26.71 14.24 -23.01
CA TYR B 94 25.63 14.97 -23.67
C TYR B 94 25.25 14.19 -24.93
N THR B 95 23.96 14.22 -25.28
CA THR B 95 23.50 13.53 -26.48
C THR B 95 22.84 14.49 -27.47
N THR B 96 22.65 14.00 -28.70
CA THR B 96 22.02 14.77 -29.77
C THR B 96 20.57 15.11 -29.44
N LEU B 97 19.98 14.34 -28.53
CA LEU B 97 18.58 14.51 -28.16
C LEU B 97 18.40 15.55 -27.07
N SER B 98 19.42 16.38 -26.89
CA SER B 98 19.43 17.40 -25.82
C SER B 98 19.17 16.76 -24.47
N THR B 99 19.81 15.63 -24.22
CA THR B 99 19.72 14.95 -22.94
C THR B 99 21.12 14.66 -22.40
N TRP B 100 21.17 14.24 -21.14
CA TRP B 100 22.43 13.81 -20.55
C TRP B 100 22.29 12.35 -20.13
N LEU B 101 23.27 11.54 -20.51
CA LEU B 101 23.14 10.09 -20.41
C LEU B 101 24.26 9.45 -19.61
N PHE B 102 23.88 8.78 -18.52
CA PHE B 102 24.84 8.05 -17.70
C PHE B 102 25.16 6.68 -18.29
N GLY B 103 26.26 6.09 -17.87
CA GLY B 103 26.59 4.74 -18.25
C GLY B 103 26.01 3.76 -17.24
N GLY B 104 26.14 2.47 -17.52
CA GLY B 104 25.60 1.45 -16.65
C GLY B 104 26.26 1.41 -15.29
N GLY B 105 27.54 1.76 -15.24
CA GLY B 105 28.28 1.75 -13.99
C GLY B 105 29.22 0.56 -13.85
N THR B 106 30.38 0.80 -13.24
CA THR B 106 31.38 -0.26 -13.08
C THR B 106 31.76 -0.42 -11.61
N LYS B 107 31.63 -1.64 -11.10
CA LYS B 107 31.99 -1.93 -9.71
C LYS B 107 33.49 -2.25 -9.65
N VAL B 108 34.27 -1.38 -9.03
CA VAL B 108 35.71 -1.63 -8.90
C VAL B 108 36.06 -2.35 -7.61
N THR B 109 36.80 -3.46 -7.74
CA THR B 109 37.20 -4.26 -6.60
C THR B 109 38.73 -4.32 -6.48
N VAL B 110 39.24 -4.03 -5.29
CA VAL B 110 40.67 -4.07 -5.03
C VAL B 110 41.06 -5.32 -4.25
N LEU B 111 42.02 -6.07 -4.78
CA LEU B 111 42.47 -7.31 -4.16
C LEU B 111 43.63 -7.07 -3.21
N PRO C 7 44.46 32.25 -40.88
CA PRO C 7 43.84 32.28 -42.21
C PRO C 7 42.32 32.11 -42.14
N LYS C 8 41.85 31.18 -41.31
CA LYS C 8 40.42 30.97 -41.14
C LYS C 8 39.93 31.84 -39.99
N PHE C 9 40.82 32.16 -39.07
CA PHE C 9 40.51 33.03 -37.95
C PHE C 9 40.31 34.46 -38.44
N GLU C 10 41.22 34.92 -39.30
CA GLU C 10 41.19 36.29 -39.80
C GLU C 10 39.94 36.56 -40.62
N SER C 11 39.51 35.56 -41.40
CA SER C 11 38.32 35.69 -42.24
C SER C 11 37.07 35.86 -41.37
N LYS C 12 36.96 35.03 -40.34
CA LYS C 12 35.85 35.09 -39.41
C LYS C 12 35.90 36.35 -38.55
N ALA C 13 37.10 36.79 -38.23
CA ALA C 13 37.29 38.02 -37.45
C ALA C 13 36.83 39.24 -38.24
N ALA C 14 37.22 39.29 -39.51
CA ALA C 14 36.83 40.39 -40.39
C ALA C 14 35.32 40.42 -40.57
N LEU C 15 34.72 39.22 -40.63
CA LEU C 15 33.28 39.09 -40.75
C LEU C 15 32.58 39.71 -39.56
N LEU C 16 33.04 39.36 -38.35
CA LEU C 16 32.50 39.92 -37.13
C LEU C 16 32.85 41.40 -36.99
N ALA C 17 33.99 41.81 -37.53
CA ALA C 17 34.37 43.22 -37.46
C ALA C 17 33.44 44.10 -38.29
N ALA C 18 32.95 43.54 -39.40
CA ALA C 18 32.04 44.25 -40.29
C ALA C 18 30.72 44.55 -39.60
N ARG C 19 30.33 43.67 -38.68
CA ARG C 19 29.12 43.84 -37.90
C ARG C 19 29.49 44.25 -36.47
N GLY C 20 29.12 45.46 -36.07
CA GLY C 20 29.50 45.95 -34.75
C GLY C 20 31.01 46.06 -34.59
N PRO C 21 31.65 47.01 -35.29
CA PRO C 21 33.11 47.18 -35.26
C PRO C 21 33.62 47.75 -33.95
N GLU C 22 32.76 48.47 -33.23
CA GLU C 22 33.15 49.19 -32.03
C GLU C 22 33.21 48.26 -30.82
N GLU C 23 32.32 47.29 -30.78
CA GLU C 23 32.16 46.39 -29.64
C GLU C 23 33.20 45.27 -29.56
N LEU C 24 33.24 44.59 -28.41
CA LEU C 24 34.11 43.45 -28.19
C LEU C 24 33.53 42.19 -28.84
N LEU C 25 34.34 41.52 -29.64
CA LEU C 25 33.88 40.36 -30.40
C LEU C 25 34.49 39.06 -29.90
N CYS C 26 33.66 38.14 -29.42
CA CYS C 26 34.12 36.83 -28.98
C CYS C 26 33.41 35.71 -29.74
N PHE C 27 34.13 34.66 -30.09
CA PHE C 27 33.52 33.52 -30.77
C PHE C 27 34.33 32.23 -30.58
N THR C 28 33.65 31.10 -30.71
CA THR C 28 34.29 29.79 -30.63
C THR C 28 34.05 29.00 -31.90
N GLU C 29 34.92 28.03 -32.19
CA GLU C 29 34.80 27.26 -33.41
C GLU C 29 34.52 25.78 -33.17
N ARG C 30 35.12 25.21 -32.12
CA ARG C 30 34.96 23.78 -31.87
C ARG C 30 34.49 23.52 -30.46
N LEU C 31 34.04 24.56 -29.77
CA LEU C 31 33.64 24.49 -28.37
C LEU C 31 34.81 24.02 -27.50
N GLU C 32 36.03 24.22 -28.01
CA GLU C 32 37.25 23.92 -27.27
C GLU C 32 38.21 25.11 -27.34
N ASP C 33 37.68 26.25 -27.79
CA ASP C 33 38.50 27.43 -28.01
C ASP C 33 37.70 28.70 -27.80
N LEU C 34 38.40 29.80 -27.55
CA LEU C 34 37.74 31.10 -27.47
C LEU C 34 38.73 32.23 -27.75
N VAL C 35 38.31 33.17 -28.60
CA VAL C 35 39.10 34.35 -28.88
C VAL C 35 38.23 35.60 -28.84
N CYS C 36 38.62 36.57 -28.01
CA CYS C 36 37.96 37.87 -27.99
C CYS C 36 38.86 38.92 -28.60
N PHE C 37 38.28 39.80 -29.42
CA PHE C 37 39.08 40.79 -30.12
C PHE C 37 38.29 42.06 -30.41
N TRP C 38 38.96 43.20 -30.32
CA TRP C 38 38.36 44.47 -30.67
C TRP C 38 39.34 45.30 -31.49
N GLU C 39 38.81 46.22 -32.30
CA GLU C 39 39.65 47.00 -33.20
C GLU C 39 39.54 48.49 -32.87
N GLU C 40 40.68 49.16 -32.80
CA GLU C 40 40.73 50.59 -32.50
C GLU C 40 41.54 51.38 -33.52
N ALA C 41 41.48 52.70 -33.40
CA ALA C 41 42.22 53.60 -34.29
C ALA C 41 43.71 53.60 -33.95
N PRO C 48 49.51 53.35 -29.72
CA PRO C 48 48.34 52.50 -29.92
C PRO C 48 47.46 52.43 -28.66
N GLY C 49 48.10 52.32 -27.51
CA GLY C 49 47.42 52.26 -26.23
C GLY C 49 47.65 50.92 -25.57
N GLN C 50 47.54 50.89 -24.24
CA GLN C 50 47.73 49.66 -23.48
C GLN C 50 46.48 49.25 -22.70
N TYR C 51 46.20 47.95 -22.68
CA TYR C 51 45.02 47.43 -22.00
C TYR C 51 45.36 46.20 -21.18
N SER C 52 44.43 45.82 -20.29
CA SER C 52 44.56 44.59 -19.52
C SER C 52 43.32 43.73 -19.71
N PHE C 53 43.52 42.49 -20.17
CA PHE C 53 42.41 41.58 -20.38
C PHE C 53 42.27 40.61 -19.22
N SER C 54 41.14 40.67 -18.54
CA SER C 54 40.88 39.76 -17.43
C SER C 54 39.60 38.99 -17.65
N TYR C 55 39.52 37.80 -17.06
CA TYR C 55 38.33 36.96 -17.19
C TYR C 55 38.11 36.12 -15.94
N GLN C 56 36.85 35.83 -15.67
CA GLN C 56 36.48 34.97 -14.54
C GLN C 56 35.63 33.82 -15.05
N LEU C 57 36.09 32.60 -14.78
CA LEU C 57 35.39 31.40 -15.22
C LEU C 57 34.66 30.75 -14.06
N GLU C 58 33.37 30.52 -14.23
CA GLU C 58 32.53 29.89 -13.22
C GLU C 58 32.64 30.69 -11.93
N ASP C 59 33.21 30.10 -10.89
CA ASP C 59 33.44 30.81 -9.64
C ASP C 59 34.94 30.92 -9.33
N GLU C 60 35.77 30.45 -10.26
CA GLU C 60 37.22 30.52 -10.12
C GLU C 60 37.66 31.97 -10.03
N PRO C 61 38.80 32.23 -9.37
CA PRO C 61 39.27 33.61 -9.25
C PRO C 61 39.63 34.22 -10.60
N TRP C 62 39.67 35.54 -10.65
CA TRP C 62 39.98 36.27 -11.87
C TRP C 62 41.40 35.98 -12.37
N LYS C 63 41.50 35.76 -13.67
CA LYS C 63 42.79 35.51 -14.30
C LYS C 63 43.08 36.55 -15.36
N LEU C 64 44.35 36.73 -15.69
CA LEU C 64 44.74 37.65 -16.76
C LEU C 64 45.13 36.89 -18.01
N CYS C 65 44.67 37.38 -19.16
CA CYS C 65 44.98 36.75 -20.43
C CYS C 65 46.05 37.53 -21.17
N ARG C 66 47.01 36.82 -21.75
CA ARG C 66 48.06 37.47 -22.51
C ARG C 66 47.45 38.13 -23.74
N LEU C 67 47.49 39.46 -23.75
CA LEU C 67 46.85 40.22 -24.81
C LEU C 67 47.80 40.44 -25.97
N HIS C 68 47.33 40.12 -27.18
CA HIS C 68 48.13 40.31 -28.38
C HIS C 68 47.61 41.48 -29.18
N GLN C 69 48.45 42.03 -30.05
CA GLN C 69 48.05 43.16 -30.88
C GLN C 69 48.76 43.15 -32.23
N ALA C 70 48.05 43.58 -33.26
CA ALA C 70 48.60 43.65 -34.62
C ALA C 70 47.83 44.66 -35.46
N PRO C 71 48.51 45.32 -36.40
CA PRO C 71 47.88 46.33 -37.26
C PRO C 71 47.04 45.71 -38.38
N THR C 72 45.95 46.38 -38.74
CA THR C 72 45.11 45.92 -39.84
C THR C 72 45.27 46.81 -41.07
N ALA C 73 45.91 47.97 -40.89
CA ALA C 73 46.14 48.94 -41.96
C ALA C 73 44.84 49.35 -42.64
N GLY C 75 44.70 52.94 -40.96
CA GLY C 75 45.53 52.02 -40.19
C GLY C 75 44.99 51.77 -38.80
N ALA C 76 44.28 50.65 -38.64
CA ALA C 76 43.75 50.28 -37.34
C ALA C 76 44.53 49.14 -36.68
N VAL C 77 44.35 48.97 -35.38
CA VAL C 77 45.05 47.94 -34.61
C VAL C 77 44.06 46.95 -34.00
N ARG C 78 44.35 45.66 -34.11
CA ARG C 78 43.49 44.63 -33.54
C ARG C 78 44.07 44.04 -32.25
N PHE C 79 43.35 44.17 -31.15
CA PHE C 79 43.74 43.55 -29.88
C PHE C 79 42.96 42.27 -29.64
N TRP C 80 43.64 41.13 -29.51
CA TRP C 80 42.95 39.87 -29.24
C TRP C 80 43.58 39.05 -28.12
N CYS C 81 42.75 38.25 -27.45
CA CYS C 81 43.21 37.32 -26.43
C CYS C 81 42.72 35.90 -26.74
N SER C 82 43.65 34.96 -26.77
CA SER C 82 43.33 33.55 -26.94
C SER C 82 43.33 32.83 -25.60
N LEU C 83 42.14 32.55 -25.07
CA LEU C 83 42.01 31.90 -23.78
C LEU C 83 42.68 30.52 -23.73
N PRO C 84 43.28 30.18 -22.59
CA PRO C 84 43.82 28.84 -22.38
C PRO C 84 42.74 27.78 -22.57
N THR C 85 43.09 26.66 -23.19
CA THR C 85 42.13 25.62 -23.51
C THR C 85 41.43 25.05 -22.27
N ALA C 86 42.15 25.05 -21.14
CA ALA C 86 41.60 24.53 -19.89
C ALA C 86 40.49 25.41 -19.35
N ASP C 87 40.48 26.68 -19.75
CA ASP C 87 39.48 27.63 -19.28
C ASP C 87 38.39 27.89 -20.30
N THR C 88 38.20 26.94 -21.23
CA THR C 88 37.18 27.07 -22.25
C THR C 88 36.03 26.10 -22.03
N SER C 89 35.48 26.11 -20.83
CA SER C 89 34.38 25.22 -20.48
C SER C 89 33.02 25.83 -20.81
N SER C 90 32.07 24.98 -21.16
CA SER C 90 30.74 25.44 -21.56
C SER C 90 29.74 25.42 -20.40
N PHE C 91 28.58 26.04 -20.63
CA PHE C 91 27.46 26.03 -19.68
C PHE C 91 27.79 26.69 -18.34
N VAL C 92 28.80 27.55 -18.34
CA VAL C 92 29.17 28.31 -17.15
C VAL C 92 29.42 29.76 -17.50
N PRO C 93 29.10 30.69 -16.59
CA PRO C 93 29.32 32.12 -16.86
C PRO C 93 30.80 32.45 -17.03
N LEU C 94 31.12 33.14 -18.12
CA LEU C 94 32.48 33.62 -18.31
C LEU C 94 32.47 35.13 -18.41
N GLU C 95 32.78 35.79 -17.29
CA GLU C 95 32.77 37.24 -17.24
C GLU C 95 34.05 37.80 -17.82
N LEU C 96 33.92 38.80 -18.69
CA LEU C 96 35.08 39.39 -19.35
C LEU C 96 35.21 40.85 -18.98
N ARG C 97 36.44 41.33 -18.82
CA ARG C 97 36.69 42.73 -18.51
C ARG C 97 37.96 43.24 -19.16
N VAL C 98 37.81 44.21 -20.05
CA VAL C 98 38.96 44.88 -20.66
C VAL C 98 39.17 46.24 -20.01
N THR C 99 40.30 46.41 -19.34
CA THR C 99 40.56 47.64 -18.62
C THR C 99 41.75 48.38 -19.23
N ALA C 100 41.58 49.67 -19.47
CA ALA C 100 42.65 50.51 -19.99
C ALA C 100 43.77 50.64 -18.96
N ALA C 101 44.96 51.00 -19.42
CA ALA C 101 46.11 51.15 -18.55
C ALA C 101 45.91 52.28 -17.53
N SER C 102 45.04 53.22 -17.87
CA SER C 102 44.73 54.33 -16.99
C SER C 102 43.84 53.87 -15.83
N GLY C 103 43.26 52.68 -15.99
CA GLY C 103 42.35 52.14 -15.01
C GLY C 103 40.90 52.28 -15.47
N ALA C 104 40.72 52.99 -16.57
CA ALA C 104 39.38 53.18 -17.14
C ALA C 104 38.87 51.89 -17.76
N PRO C 105 37.55 51.65 -17.65
CA PRO C 105 36.94 50.43 -18.20
C PRO C 105 36.62 50.55 -19.67
N ARG C 106 37.09 49.59 -20.47
CA ARG C 106 36.85 49.60 -21.91
C ARG C 106 35.68 48.68 -22.28
N TYR C 107 35.73 47.44 -21.80
CA TYR C 107 34.65 46.48 -22.07
C TYR C 107 34.31 45.66 -20.83
N HIS C 108 33.06 45.20 -20.78
CA HIS C 108 32.60 44.34 -19.69
C HIS C 108 31.44 43.47 -20.16
N ARG C 109 31.72 42.19 -20.40
CA ARG C 109 30.71 41.26 -20.89
C ARG C 109 30.64 39.99 -20.06
N VAL C 110 29.46 39.38 -20.05
CA VAL C 110 29.28 38.06 -19.46
C VAL C 110 28.68 37.13 -20.52
N ILE C 111 29.49 36.19 -21.00
CA ILE C 111 29.05 35.32 -22.08
C ILE C 111 29.09 33.85 -21.68
N HIS C 112 28.49 33.01 -22.53
CA HIS C 112 28.62 31.57 -22.42
C HIS C 112 29.29 31.09 -23.70
N ILE C 113 30.28 30.23 -23.56
CA ILE C 113 31.06 29.76 -24.69
C ILE C 113 30.19 29.00 -25.69
N ASN C 114 29.22 28.24 -25.18
CA ASN C 114 28.33 27.49 -26.04
C ASN C 114 27.32 28.39 -26.76
N GLU C 115 27.37 29.69 -26.48
CA GLU C 115 26.43 30.63 -27.06
C GLU C 115 27.11 31.63 -28.01
N VAL C 116 28.37 31.35 -28.34
CA VAL C 116 29.11 32.21 -29.26
C VAL C 116 29.79 31.39 -30.35
N VAL C 117 29.06 30.40 -30.88
CA VAL C 117 29.60 29.53 -31.90
C VAL C 117 29.57 30.20 -33.27
N LEU C 118 30.67 30.09 -34.01
CA LEU C 118 30.77 30.61 -35.36
C LEU C 118 31.32 29.54 -36.30
N LEU C 119 30.43 28.89 -37.02
CA LEU C 119 30.80 27.79 -37.90
C LEU C 119 31.43 28.29 -39.19
N ASP C 120 31.96 27.36 -39.99
CA ASP C 120 32.45 27.69 -41.31
C ASP C 120 31.25 27.90 -42.23
N ALA C 121 31.50 28.41 -43.43
CA ALA C 121 30.43 28.58 -44.40
C ALA C 121 30.07 27.23 -45.00
N PRO C 122 28.78 27.02 -45.30
CA PRO C 122 28.34 25.82 -46.00
C PRO C 122 29.06 25.66 -47.34
N VAL C 123 29.15 24.44 -47.85
CA VAL C 123 29.86 24.20 -49.10
C VAL C 123 29.03 23.36 -50.06
N GLY C 124 29.48 23.28 -51.30
CA GLY C 124 28.83 22.45 -52.32
C GLY C 124 27.44 22.91 -52.69
N LEU C 125 27.24 24.21 -52.81
CA LEU C 125 25.94 24.76 -53.20
C LEU C 125 25.67 24.52 -54.68
N VAL C 126 24.54 23.88 -54.97
CA VAL C 126 24.16 23.59 -56.35
C VAL C 126 22.73 24.04 -56.63
N ALA C 127 22.54 24.76 -57.71
CA ALA C 127 21.21 25.18 -58.13
C ALA C 127 20.77 24.38 -59.35
N ARG C 128 19.53 23.90 -59.34
CA ARG C 128 19.02 23.08 -60.43
C ARG C 128 17.53 23.28 -60.64
N LEU C 129 17.08 23.14 -61.89
CA LEU C 129 15.66 23.15 -62.21
C LEU C 129 15.08 21.77 -61.91
N ALA C 130 13.79 21.71 -61.60
CA ALA C 130 13.14 20.42 -61.41
C ALA C 130 12.79 19.83 -62.76
N ASP C 131 12.61 18.52 -62.80
CA ASP C 131 12.44 17.78 -64.05
C ASP C 131 11.33 18.33 -64.94
N GLU C 132 10.13 18.47 -64.38
CA GLU C 132 8.98 18.93 -65.14
C GLU C 132 8.33 20.15 -64.49
N SER C 133 8.69 20.40 -63.24
CA SER C 133 8.08 21.47 -62.45
C SER C 133 8.37 22.87 -62.97
N GLY C 134 9.65 23.21 -63.11
CA GLY C 134 10.01 24.55 -63.52
C GLY C 134 10.66 25.29 -62.37
N HIS C 135 10.49 24.73 -61.17
CA HIS C 135 10.93 25.37 -59.95
C HIS C 135 12.40 25.10 -59.68
N VAL C 136 13.04 25.98 -58.93
CA VAL C 136 14.45 25.85 -58.61
C VAL C 136 14.65 25.16 -57.27
N VAL C 137 15.48 24.12 -57.27
CA VAL C 137 15.82 23.43 -56.04
C VAL C 137 17.29 23.69 -55.69
N LEU C 138 17.53 24.15 -54.46
CA LEU C 138 18.88 24.39 -53.98
C LEU C 138 19.32 23.26 -53.06
N ARG C 139 20.55 22.80 -53.26
CA ARG C 139 21.14 21.79 -52.37
C ARG C 139 22.57 22.18 -51.99
N TRP C 140 22.91 21.95 -50.74
CA TRP C 140 24.24 22.28 -50.25
C TRP C 140 24.71 21.29 -49.19
N LEU C 141 25.95 21.44 -48.76
CA LEU C 141 26.52 20.60 -47.72
C LEU C 141 26.79 21.43 -46.47
N PRO C 142 26.69 20.80 -45.29
CA PRO C 142 27.00 21.44 -44.01
C PRO C 142 28.45 21.91 -43.97
N PRO C 143 28.78 22.83 -43.05
CA PRO C 143 30.18 23.25 -42.89
C PRO C 143 31.10 22.06 -42.65
N PRO C 144 32.20 21.97 -43.43
CA PRO C 144 33.15 20.86 -43.33
C PRO C 144 33.78 20.77 -41.95
N GLU C 145 34.21 19.56 -41.57
CA GLU C 145 34.87 19.32 -40.29
C GLU C 145 34.09 19.91 -39.12
N THR C 146 32.77 19.71 -39.14
CA THR C 146 31.92 20.16 -38.05
C THR C 146 30.99 19.03 -37.60
N PRO C 147 31.04 18.70 -36.31
CA PRO C 147 30.17 17.66 -35.77
C PRO C 147 28.75 18.14 -35.53
N MET C 148 27.84 17.20 -35.29
CA MET C 148 26.44 17.49 -34.97
C MET C 148 25.78 18.32 -36.08
N THR C 149 25.67 17.71 -37.26
CA THR C 149 25.07 18.35 -38.42
C THR C 149 23.56 18.57 -38.26
N SER C 150 22.90 17.66 -37.55
CA SER C 150 21.45 17.69 -37.40
C SER C 150 20.94 18.94 -36.70
N HIS C 151 21.82 19.62 -35.95
CA HIS C 151 21.42 20.81 -35.19
C HIS C 151 21.91 22.11 -35.79
N ILE C 152 22.03 22.14 -37.12
CA ILE C 152 22.44 23.36 -37.81
C ILE C 152 21.32 23.87 -38.71
N ARG C 153 20.88 25.10 -38.48
CA ARG C 153 19.87 25.70 -39.35
C ARG C 153 20.52 26.68 -40.33
N TYR C 154 19.89 26.87 -41.48
CA TYR C 154 20.49 27.67 -42.55
C TYR C 154 19.60 28.82 -42.99
N GLU C 155 20.18 29.72 -43.78
CA GLU C 155 19.45 30.83 -44.39
C GLU C 155 19.96 31.05 -45.80
N VAL C 156 19.06 30.97 -46.79
CA VAL C 156 19.46 31.17 -48.17
C VAL C 156 19.07 32.56 -48.66
N ASP C 157 19.97 33.17 -49.43
CA ASP C 157 19.74 34.49 -49.99
C ASP C 157 19.39 34.41 -51.47
N VAL C 158 18.28 35.07 -51.84
CA VAL C 158 17.81 35.09 -53.22
C VAL C 158 17.98 36.49 -53.81
N SER C 159 18.77 36.60 -54.87
CA SER C 159 19.06 37.88 -55.49
C SER C 159 18.84 37.84 -57.00
N ALA C 160 18.46 38.97 -57.58
CA ALA C 160 18.25 39.07 -59.02
C ALA C 160 19.00 40.28 -59.56
N GLY C 161 19.22 40.31 -60.87
CA GLY C 161 20.11 41.30 -61.45
C GLY C 161 19.53 42.70 -61.50
N GLN C 162 20.17 43.57 -62.26
CA GLN C 162 19.80 44.98 -62.36
C GLN C 162 19.58 45.61 -60.98
N GLY C 163 18.38 46.13 -60.75
CA GLY C 163 18.02 46.71 -59.48
C GLY C 163 17.47 45.68 -58.51
N SER C 166 15.38 43.69 -54.17
CA SER C 166 16.17 42.80 -55.02
C SER C 166 16.75 41.64 -54.21
N VAL C 167 16.24 41.48 -52.99
CA VAL C 167 16.76 40.47 -52.08
C VAL C 167 15.60 39.69 -51.46
N GLN C 168 15.84 38.42 -51.14
CA GLN C 168 14.84 37.57 -50.51
C GLN C 168 15.54 36.55 -49.62
N ARG C 169 15.11 36.48 -48.36
CA ARG C 169 15.72 35.60 -47.38
C ARG C 169 14.76 34.48 -46.98
N VAL C 170 15.25 33.25 -47.02
CA VAL C 170 14.43 32.10 -46.64
C VAL C 170 15.10 31.32 -45.52
N GLU C 171 14.36 31.11 -44.44
CA GLU C 171 14.88 30.39 -43.29
C GLU C 171 14.75 28.88 -43.48
N ILE C 172 15.85 28.17 -43.25
CA ILE C 172 15.86 26.72 -43.38
C ILE C 172 15.94 26.06 -42.01
N LEU C 173 15.02 25.13 -41.74
CA LEU C 173 14.99 24.44 -40.46
C LEU C 173 16.22 23.56 -40.26
N GLU C 174 16.54 23.29 -39.00
CA GLU C 174 17.77 22.59 -38.64
C GLU C 174 17.83 21.18 -39.23
N GLY C 175 19.02 20.80 -39.72
CA GLY C 175 19.22 19.49 -40.27
C GLY C 175 18.94 19.40 -41.76
N ARG C 176 18.10 20.31 -42.24
CA ARG C 176 17.70 20.28 -43.65
C ARG C 176 18.70 21.04 -44.52
N THR C 177 19.22 20.35 -45.52
CA THR C 177 20.29 20.91 -46.35
C THR C 177 19.86 21.11 -47.79
N GLU C 178 18.57 21.37 -48.00
CA GLU C 178 18.08 21.70 -49.33
C GLU C 178 16.80 22.53 -49.28
N CYS C 179 16.56 23.27 -50.37
CA CYS C 179 15.47 24.23 -50.41
C CYS C 179 14.85 24.28 -51.81
N VAL C 180 13.52 24.25 -51.86
CA VAL C 180 12.82 24.37 -53.13
C VAL C 180 12.14 25.72 -53.24
N LEU C 181 12.55 26.52 -54.21
CA LEU C 181 12.04 27.87 -54.36
C LEU C 181 10.98 28.00 -55.45
N SER C 182 9.89 28.67 -55.10
CA SER C 182 8.82 28.97 -56.05
C SER C 182 8.67 30.48 -56.13
N ASN C 183 7.71 30.92 -56.94
CA ASN C 183 7.41 32.35 -57.10
C ASN C 183 8.57 33.18 -57.65
N LEU C 184 9.49 32.55 -58.37
CA LEU C 184 10.60 33.28 -59.00
C LEU C 184 10.18 33.81 -60.36
N ARG C 185 10.60 35.04 -60.67
CA ARG C 185 10.27 35.68 -61.93
C ARG C 185 10.88 34.92 -63.11
N GLY C 186 10.11 34.79 -64.18
CA GLY C 186 10.55 34.06 -65.36
C GLY C 186 11.63 34.78 -66.15
N ARG C 187 12.53 33.99 -66.75
CA ARG C 187 13.65 34.52 -67.53
C ARG C 187 14.44 35.59 -66.79
N THR C 188 14.73 35.34 -65.53
CA THR C 188 15.57 36.26 -64.78
C THR C 188 16.83 35.49 -64.38
N ARG C 189 17.89 36.22 -64.04
CA ARG C 189 19.10 35.59 -63.53
C ARG C 189 19.17 35.69 -62.03
N TYR C 190 18.97 34.56 -61.35
CA TYR C 190 19.01 34.55 -59.89
C TYR C 190 20.36 34.07 -59.40
N THR C 191 20.76 34.57 -58.23
CA THR C 191 22.00 34.14 -57.60
C THR C 191 21.70 33.74 -56.16
N PHE C 192 22.27 32.62 -55.73
CA PHE C 192 21.91 32.06 -54.43
C PHE C 192 23.14 31.87 -53.55
N ALA C 193 22.94 32.01 -52.24
CA ALA C 193 23.99 31.78 -51.27
C ALA C 193 23.37 31.27 -49.98
N VAL C 194 24.15 30.56 -49.17
CA VAL C 194 23.60 29.99 -47.94
C VAL C 194 24.62 30.07 -46.81
N ARG C 195 24.15 30.46 -45.63
CA ARG C 195 24.98 30.52 -44.43
C ARG C 195 24.37 29.67 -43.31
N ALA C 196 25.17 29.39 -42.28
CA ALA C 196 24.76 28.47 -41.23
C ALA C 196 24.96 29.06 -39.83
N ARG C 197 24.29 28.44 -38.85
CA ARG C 197 24.45 28.82 -37.45
C ARG C 197 23.92 27.71 -36.55
N MET C 198 24.31 27.74 -35.28
CA MET C 198 23.83 26.74 -34.32
C MET C 198 22.36 26.98 -33.99
N ALA C 199 21.59 25.89 -33.90
CA ALA C 199 20.16 26.00 -33.66
C ALA C 199 19.74 25.13 -32.48
N GLU C 200 20.66 24.29 -32.01
CA GLU C 200 20.38 23.43 -30.86
C GLU C 200 20.05 24.30 -29.65
N PRO C 201 19.01 23.92 -28.90
CA PRO C 201 18.51 24.70 -27.76
C PRO C 201 19.58 25.14 -26.76
N SER C 202 20.49 24.23 -26.42
CA SER C 202 21.54 24.55 -25.44
C SER C 202 22.72 25.29 -26.06
N PHE C 203 22.63 25.61 -27.35
CA PHE C 203 23.73 26.27 -28.04
C PHE C 203 23.26 27.55 -28.74
N GLY C 204 24.21 28.30 -29.27
CA GLY C 204 23.92 29.55 -29.95
C GLY C 204 25.17 30.17 -30.54
N GLY C 205 24.99 31.26 -31.27
CA GLY C 205 26.11 31.93 -31.92
C GLY C 205 25.69 32.95 -32.96
N PHE C 206 26.45 33.03 -34.05
CA PHE C 206 26.21 34.04 -35.07
C PHE C 206 26.16 33.41 -36.46
N TRP C 207 25.56 34.11 -37.42
CA TRP C 207 25.52 33.63 -38.78
C TRP C 207 26.93 33.53 -39.35
N SER C 208 27.22 32.43 -40.01
CA SER C 208 28.52 32.26 -40.65
C SER C 208 28.58 33.12 -41.91
N ALA C 209 29.74 33.14 -42.53
CA ALA C 209 29.87 33.82 -43.82
C ALA C 209 29.04 33.08 -44.86
N TRP C 210 28.65 33.79 -45.91
CA TRP C 210 27.90 33.17 -47.00
C TRP C 210 28.78 32.17 -47.74
N SER C 211 28.14 31.14 -48.30
CA SER C 211 28.85 30.16 -49.08
C SER C 211 29.28 30.76 -50.40
N GLU C 212 30.01 29.99 -51.20
CA GLU C 212 30.31 30.39 -52.56
C GLU C 212 28.98 30.43 -53.31
N PRO C 213 28.71 31.55 -54.01
CA PRO C 213 27.40 31.72 -54.65
C PRO C 213 27.26 30.90 -55.94
N VAL C 214 26.01 30.62 -56.31
CA VAL C 214 25.72 29.94 -57.55
C VAL C 214 24.61 30.68 -58.29
N SER C 215 24.69 30.72 -59.61
CA SER C 215 23.67 31.39 -60.41
C SER C 215 22.86 30.40 -61.24
N LEU C 216 21.70 30.85 -61.71
CA LEU C 216 20.82 30.03 -62.53
C LEU C 216 19.82 30.90 -63.29
N LEU C 217 19.61 30.57 -64.55
CA LEU C 217 18.65 31.29 -65.38
C LEU C 217 17.32 30.54 -65.41
N THR C 218 16.28 31.18 -64.90
CA THR C 218 14.94 30.59 -64.88
C THR C 218 14.31 30.63 -66.27
N PRO C 219 13.41 29.67 -66.55
CA PRO C 219 12.62 29.64 -67.80
C PRO C 219 11.52 30.69 -67.71
N SER C 220 10.66 30.81 -68.71
CA SER C 220 9.72 31.94 -68.69
C SER C 220 8.34 31.54 -68.18
N ASP C 221 7.64 32.52 -67.59
CA ASP C 221 6.30 32.30 -67.06
C ASP C 221 5.25 32.50 -68.14
N SER D 7 -30.65 -19.35 -19.40
CA SER D 7 -31.39 -19.43 -20.66
C SER D 7 -31.89 -18.07 -21.10
N GLU D 8 -33.00 -17.62 -20.51
CA GLU D 8 -33.53 -16.30 -20.81
C GLU D 8 -32.72 -15.21 -20.09
N VAL D 9 -32.01 -15.60 -19.03
CA VAL D 9 -31.21 -14.65 -18.26
C VAL D 9 -29.96 -14.24 -19.04
N GLN D 10 -29.69 -12.94 -19.08
CA GLN D 10 -28.53 -12.44 -19.81
C GLN D 10 -27.82 -11.32 -19.05
N LEU D 11 -26.50 -11.39 -18.98
CA LEU D 11 -25.70 -10.36 -18.31
C LEU D 11 -24.59 -9.87 -19.22
N VAL D 12 -24.57 -8.57 -19.49
CA VAL D 12 -23.59 -7.99 -20.39
C VAL D 12 -22.75 -6.90 -19.71
N GLU D 13 -21.48 -7.21 -19.47
CA GLU D 13 -20.57 -6.24 -18.86
C GLU D 13 -20.08 -5.21 -19.89
N SER D 14 -19.62 -4.07 -19.38
CA SER D 14 -19.09 -3.01 -20.23
C SER D 14 -18.27 -2.01 -19.40
N GLY D 15 -17.35 -1.31 -20.05
CA GLY D 15 -16.61 -0.25 -19.39
C GLY D 15 -15.15 -0.55 -19.12
N GLY D 16 -14.70 -1.74 -19.51
CA GLY D 16 -13.32 -2.14 -19.30
C GLY D 16 -12.35 -1.40 -20.21
N GLY D 17 -11.09 -1.82 -20.18
CA GLY D 17 -10.07 -1.20 -21.01
C GLY D 17 -8.77 -0.95 -20.27
N LEU D 18 -7.83 -0.30 -20.95
CA LEU D 18 -6.53 0.01 -20.38
C LEU D 18 -6.57 1.31 -19.56
N VAL D 19 -5.87 1.31 -18.43
CA VAL D 19 -5.83 2.47 -17.54
C VAL D 19 -4.47 2.57 -16.84
N GLN D 20 -3.94 3.78 -16.71
CA GLN D 20 -2.72 4.02 -15.96
C GLN D 20 -2.98 3.77 -14.48
N PRO D 21 -1.94 3.30 -13.75
CA PRO D 21 -2.10 3.11 -12.31
C PRO D 21 -2.49 4.41 -11.60
N GLY D 22 -3.54 4.33 -10.77
CA GLY D 22 -4.07 5.52 -10.13
C GLY D 22 -5.29 6.05 -10.85
N GLY D 23 -5.49 5.59 -12.09
CA GLY D 23 -6.60 6.04 -12.89
C GLY D 23 -7.94 5.50 -12.42
N SER D 24 -9.02 5.95 -13.06
CA SER D 24 -10.37 5.54 -12.68
C SER D 24 -11.06 4.81 -13.83
N LEU D 25 -12.09 4.04 -13.49
CA LEU D 25 -12.81 3.24 -14.45
C LEU D 25 -14.17 2.83 -13.89
N ARG D 26 -15.21 2.93 -14.71
CA ARG D 26 -16.56 2.59 -14.27
C ARG D 26 -17.16 1.47 -15.12
N LEU D 27 -17.44 0.34 -14.48
CA LEU D 27 -18.02 -0.81 -15.18
C LEU D 27 -19.54 -0.81 -15.11
N SER D 28 -20.17 -1.32 -16.17
CA SER D 28 -21.63 -1.43 -16.21
C SER D 28 -22.03 -2.85 -16.57
N CYS D 29 -23.17 -3.27 -16.03
CA CYS D 29 -23.69 -4.61 -16.28
C CYS D 29 -25.18 -4.57 -16.54
N ALA D 30 -25.58 -4.71 -17.80
CA ALA D 30 -26.99 -4.70 -18.17
C ALA D 30 -27.60 -6.09 -17.98
N ALA D 31 -28.66 -6.16 -17.18
CA ALA D 31 -29.31 -7.44 -16.89
C ALA D 31 -30.65 -7.55 -17.60
N SER D 32 -31.04 -8.78 -17.92
CA SER D 32 -32.35 -9.05 -18.51
C SER D 32 -32.73 -10.51 -18.31
N GLY D 33 -34.03 -10.79 -18.29
CA GLY D 33 -34.51 -12.15 -18.18
C GLY D 33 -34.99 -12.54 -16.80
N PHE D 34 -34.91 -11.59 -15.86
CA PHE D 34 -35.37 -11.85 -14.50
C PHE D 34 -35.75 -10.56 -13.78
N THR D 35 -36.43 -10.69 -12.65
CA THR D 35 -36.80 -9.54 -11.85
C THR D 35 -35.56 -9.00 -11.14
N PHE D 36 -34.90 -8.06 -11.80
CA PHE D 36 -33.60 -7.55 -11.35
C PHE D 36 -33.63 -6.94 -9.94
N SER D 37 -34.74 -6.30 -9.59
CA SER D 37 -34.82 -5.53 -8.35
C SER D 37 -35.00 -6.39 -7.10
N SER D 38 -35.06 -7.70 -7.28
N SER D 38 -35.07 -7.70 -7.28
CA SER D 38 -35.31 -8.60 -6.15
CA SER D 38 -35.32 -8.60 -6.15
C SER D 38 -34.16 -9.56 -5.91
C SER D 38 -34.18 -9.59 -5.94
N TYR D 39 -33.01 -9.28 -6.51
CA TYR D 39 -31.84 -10.12 -6.35
C TYR D 39 -30.59 -9.35 -5.98
N TRP D 40 -29.76 -9.96 -5.13
CA TRP D 40 -28.42 -9.45 -4.89
C TRP D 40 -27.63 -9.54 -6.19
N MET D 41 -26.75 -8.56 -6.42
CA MET D 41 -25.84 -8.61 -7.56
C MET D 41 -24.41 -8.54 -7.07
N SER D 42 -23.50 -9.14 -7.84
CA SER D 42 -22.12 -9.28 -7.40
C SER D 42 -21.09 -9.06 -8.51
N TRP D 43 -19.89 -8.65 -8.10
CA TRP D 43 -18.76 -8.57 -9.02
C TRP D 43 -17.67 -9.54 -8.62
N VAL D 44 -17.23 -10.35 -9.56
CA VAL D 44 -16.13 -11.29 -9.33
C VAL D 44 -15.08 -11.09 -10.42
N ARG D 45 -13.81 -10.98 -10.01
CA ARG D 45 -12.73 -10.77 -10.97
C ARG D 45 -11.80 -11.97 -11.03
N GLN D 46 -11.03 -12.05 -12.11
CA GLN D 46 -10.10 -13.16 -12.29
C GLN D 46 -8.85 -12.69 -13.04
N ALA D 47 -7.73 -12.61 -12.33
CA ALA D 47 -6.46 -12.25 -12.95
C ALA D 47 -6.04 -13.34 -13.93
N PRO D 48 -5.42 -12.95 -15.05
CA PRO D 48 -5.01 -13.90 -16.10
C PRO D 48 -4.19 -15.06 -15.56
N GLY D 49 -4.72 -16.27 -15.69
CA GLY D 49 -4.03 -17.46 -15.22
C GLY D 49 -4.28 -17.76 -13.76
N LYS D 50 -5.00 -16.86 -13.08
CA LYS D 50 -5.27 -17.02 -11.66
C LYS D 50 -6.72 -17.44 -11.41
N GLY D 51 -7.09 -17.52 -10.14
CA GLY D 51 -8.40 -17.99 -9.76
C GLY D 51 -9.44 -16.88 -9.62
N LEU D 52 -10.65 -17.27 -9.25
CA LEU D 52 -11.75 -16.32 -9.09
C LEU D 52 -11.64 -15.60 -7.76
N GLU D 53 -11.90 -14.30 -7.76
CA GLU D 53 -11.89 -13.52 -6.52
C GLU D 53 -13.14 -12.65 -6.41
N TRP D 54 -13.87 -12.84 -5.32
CA TRP D 54 -15.04 -12.03 -5.03
C TRP D 54 -14.62 -10.59 -4.75
N VAL D 55 -15.36 -9.64 -5.33
CA VAL D 55 -15.00 -8.23 -5.18
C VAL D 55 -16.04 -7.45 -4.37
N ALA D 56 -17.31 -7.59 -4.74
CA ALA D 56 -18.37 -6.83 -4.07
C ALA D 56 -19.76 -7.43 -4.23
N ASN D 57 -20.58 -7.27 -3.21
CA ASN D 57 -22.00 -7.59 -3.28
C ASN D 57 -22.85 -6.35 -3.01
N ILE D 58 -24.08 -6.38 -3.49
CA ILE D 58 -25.01 -5.28 -3.23
C ILE D 58 -26.43 -5.81 -3.02
N LYS D 59 -27.11 -5.26 -2.02
CA LYS D 59 -28.48 -5.63 -1.71
C LYS D 59 -29.41 -5.27 -2.87
N PRO D 60 -30.53 -6.02 -3.02
CA PRO D 60 -31.55 -5.72 -4.04
C PRO D 60 -32.00 -4.25 -4.04
N ASP D 61 -32.16 -3.66 -2.86
CA ASP D 61 -32.55 -2.26 -2.76
C ASP D 61 -31.33 -1.36 -2.62
N GLY D 62 -30.14 -1.98 -2.60
CA GLY D 62 -28.89 -1.23 -2.56
C GLY D 62 -28.56 -0.58 -1.23
N SER D 63 -29.23 -1.01 -0.16
CA SER D 63 -29.04 -0.42 1.15
C SER D 63 -27.84 -1.00 1.90
N GLU D 64 -27.35 -2.15 1.45
CA GLU D 64 -26.18 -2.78 2.06
C GLU D 64 -25.15 -3.18 1.03
N LYS D 65 -23.88 -2.87 1.30
CA LYS D 65 -22.79 -3.18 0.38
C LYS D 65 -21.58 -3.77 1.10
N TYR D 66 -20.95 -4.77 0.48
CA TYR D 66 -19.78 -5.42 1.06
C TYR D 66 -18.65 -5.50 0.05
N TYR D 67 -17.42 -5.33 0.52
CA TYR D 67 -16.27 -5.33 -0.36
C TYR D 67 -15.17 -6.24 0.18
N VAL D 68 -14.38 -6.81 -0.73
CA VAL D 68 -13.17 -7.51 -0.33
C VAL D 68 -12.21 -6.46 0.23
N ASP D 69 -11.39 -6.85 1.19
CA ASP D 69 -10.58 -5.91 1.96
C ASP D 69 -9.69 -5.02 1.10
N SER D 70 -9.03 -5.62 0.11
CA SER D 70 -8.03 -4.91 -0.70
C SER D 70 -8.64 -3.88 -1.63
N VAL D 71 -9.96 -3.77 -1.60
CA VAL D 71 -10.68 -2.90 -2.52
C VAL D 71 -11.42 -1.77 -1.80
N LYS D 72 -11.57 -1.89 -0.48
CA LYS D 72 -12.24 -0.88 0.33
C LYS D 72 -11.64 0.51 0.17
N GLY D 73 -12.51 1.51 0.01
CA GLY D 73 -12.07 2.88 -0.16
C GLY D 73 -11.69 3.23 -1.59
N ARG D 74 -11.61 2.22 -2.45
CA ARG D 74 -11.23 2.45 -3.84
C ARG D 74 -12.36 2.11 -4.80
N PHE D 75 -13.05 0.99 -4.55
CA PHE D 75 -14.15 0.60 -5.42
C PHE D 75 -15.50 0.91 -4.79
N THR D 76 -16.48 1.23 -5.62
CA THR D 76 -17.84 1.46 -5.16
C THR D 76 -18.84 0.74 -6.04
N ILE D 77 -19.62 -0.15 -5.43
CA ILE D 77 -20.66 -0.87 -6.16
C ILE D 77 -21.99 -0.12 -6.02
N SER D 78 -22.76 -0.13 -7.09
CA SER D 78 -24.07 0.53 -7.09
C SER D 78 -25.01 -0.14 -8.09
N ARG D 79 -26.27 0.28 -8.10
CA ARG D 79 -27.23 -0.31 -9.03
C ARG D 79 -28.38 0.64 -9.34
N ASP D 80 -28.99 0.44 -10.49
CA ASP D 80 -30.17 1.20 -10.89
C ASP D 80 -31.24 0.20 -11.34
N ASN D 81 -32.19 -0.07 -10.45
CA ASN D 81 -33.22 -1.08 -10.72
C ASN D 81 -34.12 -0.72 -11.89
N ALA D 82 -34.30 0.58 -12.14
CA ALA D 82 -35.14 1.03 -13.25
C ALA D 82 -34.49 0.75 -14.60
N LYS D 83 -33.16 0.68 -14.61
CA LYS D 83 -32.42 0.42 -15.84
C LYS D 83 -31.84 -0.99 -15.85
N ASN D 84 -32.18 -1.77 -14.83
CA ASN D 84 -31.72 -3.14 -14.69
C ASN D 84 -30.20 -3.25 -14.83
N SER D 85 -29.47 -2.39 -14.12
CA SER D 85 -28.03 -2.35 -14.26
C SER D 85 -27.28 -2.36 -12.93
N VAL D 86 -26.11 -2.98 -12.94
CA VAL D 86 -25.19 -2.92 -11.81
C VAL D 86 -23.97 -2.13 -12.24
N TYR D 87 -23.40 -1.36 -11.31
CA TYR D 87 -22.23 -0.57 -11.63
C TYR D 87 -21.10 -0.81 -10.64
N LEU D 88 -19.86 -0.64 -11.11
CA LEU D 88 -18.71 -0.72 -10.24
C LEU D 88 -17.73 0.41 -10.54
N GLN D 89 -17.74 1.43 -9.71
CA GLN D 89 -16.80 2.54 -9.84
C GLN D 89 -15.44 2.13 -9.26
N MET D 90 -14.40 2.15 -10.09
CA MET D 90 -13.07 1.76 -9.64
C MET D 90 -12.11 2.94 -9.68
N ASN D 91 -11.81 3.50 -8.51
CA ASN D 91 -10.88 4.61 -8.39
C ASN D 91 -9.52 4.16 -7.87
N SER D 92 -8.48 4.94 -8.15
CA SER D 92 -7.12 4.66 -7.70
C SER D 92 -6.71 3.24 -8.05
N LEU D 93 -6.76 2.91 -9.34
CA LEU D 93 -6.52 1.54 -9.79
C LEU D 93 -5.07 1.13 -9.60
N ARG D 94 -4.89 -0.10 -9.11
N ARG D 94 -4.88 -0.11 -9.15
CA ARG D 94 -3.55 -0.66 -8.90
CA ARG D 94 -3.55 -0.64 -8.92
C ARG D 94 -3.26 -1.71 -9.95
C ARG D 94 -3.28 -1.78 -9.89
N ALA D 95 -2.00 -2.13 -10.05
CA ALA D 95 -1.60 -3.13 -11.03
C ALA D 95 -2.23 -4.50 -10.72
N GLU D 96 -2.40 -4.79 -9.43
CA GLU D 96 -2.99 -6.05 -9.01
C GLU D 96 -4.50 -6.08 -9.23
N ASP D 97 -5.08 -4.97 -9.68
CA ASP D 97 -6.50 -4.93 -10.00
C ASP D 97 -6.75 -5.43 -11.43
N THR D 98 -5.67 -5.67 -12.16
CA THR D 98 -5.75 -6.15 -13.53
C THR D 98 -6.37 -7.54 -13.58
N ALA D 99 -7.55 -7.64 -14.17
CA ALA D 99 -8.30 -8.90 -14.22
C ALA D 99 -9.49 -8.81 -15.16
N VAL D 100 -10.07 -9.96 -15.48
CA VAL D 100 -11.37 -9.99 -16.12
C VAL D 100 -12.43 -9.87 -15.05
N TYR D 101 -13.27 -8.84 -15.17
CA TYR D 101 -14.33 -8.62 -14.18
C TYR D 101 -15.66 -9.19 -14.64
N TYR D 102 -16.18 -10.14 -13.88
CA TYR D 102 -17.46 -10.77 -14.18
C TYR D 102 -18.59 -10.14 -13.40
N CYS D 103 -19.74 -10.03 -14.04
CA CYS D 103 -20.97 -9.63 -13.38
C CYS D 103 -21.80 -10.88 -13.10
N ALA D 104 -22.27 -11.04 -11.87
CA ALA D 104 -23.00 -12.25 -11.51
C ALA D 104 -24.28 -11.96 -10.73
N ARG D 105 -25.31 -12.76 -11.02
CA ARG D 105 -26.56 -12.70 -10.27
C ARG D 105 -26.48 -13.63 -9.07
N VAL D 106 -26.77 -13.11 -7.89
CA VAL D 106 -26.77 -13.94 -6.69
C VAL D 106 -28.12 -14.62 -6.52
N SER D 107 -28.09 -15.93 -6.33
CA SER D 107 -29.31 -16.72 -6.23
C SER D 107 -29.37 -17.53 -4.95
N ARG D 108 -29.86 -18.77 -5.08
CA ARG D 108 -30.08 -19.65 -3.93
C ARG D 108 -28.82 -19.87 -3.11
N GLY D 109 -28.91 -19.60 -1.81
CA GLY D 109 -27.79 -19.80 -0.91
C GLY D 109 -26.64 -18.86 -1.17
N GLY D 110 -26.88 -17.82 -1.95
CA GLY D 110 -25.86 -16.84 -2.28
C GLY D 110 -25.01 -17.24 -3.47
N SER D 111 -25.34 -18.38 -4.06
CA SER D 111 -24.59 -18.89 -5.21
C SER D 111 -24.77 -18.01 -6.43
N TYR D 112 -23.77 -18.03 -7.32
CA TYR D 112 -23.81 -17.21 -8.53
C TYR D 112 -24.36 -18.02 -9.70
N SER D 113 -25.68 -17.97 -9.87
CA SER D 113 -26.38 -18.77 -10.87
C SER D 113 -26.06 -18.34 -12.29
N ASP D 114 -25.96 -17.04 -12.51
CA ASP D 114 -25.76 -16.51 -13.86
C ASP D 114 -24.56 -15.57 -13.92
N TRP D 115 -23.76 -15.74 -14.97
CA TRP D 115 -22.54 -14.97 -15.15
C TRP D 115 -22.53 -14.23 -16.48
N GLY D 116 -21.92 -13.06 -16.50
CA GLY D 116 -21.68 -12.35 -17.74
C GLY D 116 -20.45 -12.94 -18.40
N GLN D 117 -20.10 -12.45 -19.59
CA GLN D 117 -18.92 -12.96 -20.29
C GLN D 117 -17.65 -12.32 -19.76
N GLY D 118 -17.82 -11.23 -19.01
CA GLY D 118 -16.71 -10.56 -18.37
C GLY D 118 -16.11 -9.45 -19.21
N THR D 119 -15.62 -8.42 -18.55
CA THR D 119 -14.93 -7.32 -19.22
C THR D 119 -13.51 -7.17 -18.68
N LEU D 120 -12.55 -7.00 -19.58
CA LEU D 120 -11.14 -6.96 -19.19
C LEU D 120 -10.74 -5.57 -18.70
N VAL D 121 -10.11 -5.54 -17.52
CA VAL D 121 -9.54 -4.32 -16.99
C VAL D 121 -8.03 -4.48 -16.84
N THR D 122 -7.28 -3.66 -17.56
CA THR D 122 -5.82 -3.72 -17.51
C THR D 122 -5.22 -2.45 -16.95
N VAL D 123 -4.49 -2.58 -15.85
CA VAL D 123 -3.83 -1.44 -15.22
C VAL D 123 -2.32 -1.54 -15.40
N SER D 124 -1.76 -0.69 -16.25
CA SER D 124 -0.33 -0.72 -16.53
C SER D 124 0.16 0.66 -16.96
N SER D 125 1.48 0.81 -17.06
CA SER D 125 2.08 2.06 -17.51
C SER D 125 2.76 1.91 -18.85
N GLY D 126 3.48 0.80 -19.04
CA GLY D 126 4.24 0.58 -20.25
C GLY D 126 5.25 1.69 -20.42
N GLY D 127 5.27 2.30 -21.60
CA GLY D 127 6.13 3.43 -21.88
C GLY D 127 7.59 3.19 -21.53
N GLY D 128 8.09 2.00 -21.86
CA GLY D 128 9.46 1.64 -21.55
C GLY D 128 10.46 2.51 -22.27
N SER E 1 -4.82 -9.88 1.42
CA SER E 1 -6.16 -10.32 1.09
C SER E 1 -6.56 -11.53 1.91
N GLN E 2 -7.85 -11.84 1.91
CA GLN E 2 -8.36 -13.00 2.64
C GLN E 2 -7.94 -14.29 1.94
N SER E 3 -7.32 -15.19 2.69
CA SER E 3 -6.77 -16.42 2.13
C SER E 3 -7.86 -17.32 1.55
N ALA E 4 -7.67 -17.72 0.29
CA ALA E 4 -8.63 -18.55 -0.41
C ALA E 4 -8.76 -19.93 0.24
N LEU E 5 -9.95 -20.52 0.13
CA LEU E 5 -10.19 -21.88 0.62
C LEU E 5 -9.24 -22.85 -0.05
N THR E 6 -8.76 -23.83 0.71
CA THR E 6 -7.73 -24.74 0.23
C THR E 6 -8.28 -25.86 -0.65
N GLN E 7 -7.92 -25.83 -1.93
CA GLN E 7 -8.26 -26.90 -2.86
C GLN E 7 -6.98 -27.55 -3.38
N PRO E 8 -7.07 -28.83 -3.76
CA PRO E 8 -5.91 -29.47 -4.41
C PRO E 8 -5.59 -28.77 -5.72
N ALA E 9 -4.30 -28.65 -6.04
CA ALA E 9 -3.86 -27.95 -7.23
C ALA E 9 -4.43 -28.59 -8.49
N SER E 10 -4.40 -29.91 -8.56
CA SER E 10 -4.90 -30.64 -9.71
C SER E 10 -5.22 -32.08 -9.38
N VAL E 11 -6.30 -32.59 -9.96
CA VAL E 11 -6.66 -34.00 -9.83
C VAL E 11 -6.91 -34.60 -11.21
N SER E 12 -6.60 -35.88 -11.36
CA SER E 12 -6.77 -36.55 -12.65
C SER E 12 -7.47 -37.90 -12.48
N GLY E 13 -8.04 -38.40 -13.56
CA GLY E 13 -8.74 -39.67 -13.54
C GLY E 13 -9.07 -40.19 -14.92
N SER E 14 -9.21 -41.52 -15.02
CA SER E 14 -9.58 -42.16 -16.27
C SER E 14 -11.09 -42.08 -16.49
N PRO E 15 -11.52 -42.12 -17.77
CA PRO E 15 -12.96 -42.08 -18.08
C PRO E 15 -13.73 -43.21 -17.40
N GLY E 16 -14.85 -42.86 -16.78
CA GLY E 16 -15.68 -43.84 -16.09
C GLY E 16 -15.42 -43.85 -14.59
N GLN E 17 -14.22 -43.42 -14.21
CA GLN E 17 -13.85 -43.40 -12.79
C GLN E 17 -14.47 -42.20 -12.08
N SER E 18 -14.42 -42.22 -10.76
CA SER E 18 -14.94 -41.11 -9.96
C SER E 18 -13.81 -40.36 -9.26
N ILE E 19 -13.87 -39.04 -9.30
CA ILE E 19 -12.89 -38.21 -8.63
C ILE E 19 -13.56 -37.28 -7.62
N THR E 20 -12.79 -36.80 -6.66
CA THR E 20 -13.33 -35.91 -5.64
C THR E 20 -12.41 -34.72 -5.42
N ILE E 21 -13.00 -33.52 -5.38
CA ILE E 21 -12.24 -32.30 -5.16
C ILE E 21 -12.53 -31.74 -3.77
N SER E 22 -11.47 -31.49 -3.00
CA SER E 22 -11.62 -31.02 -1.62
C SER E 22 -11.60 -29.50 -1.52
N CYS E 23 -12.26 -28.98 -0.50
CA CYS E 23 -12.34 -27.54 -0.26
C CYS E 23 -12.33 -27.25 1.24
N THR E 24 -11.14 -26.99 1.79
CA THR E 24 -10.98 -26.85 3.23
C THR E 24 -10.95 -25.40 3.69
N GLY E 25 -11.76 -25.09 4.71
CA GLY E 25 -11.78 -23.78 5.31
C GLY E 25 -11.75 -23.85 6.82
N THR E 26 -12.51 -22.99 7.48
CA THR E 26 -12.63 -23.01 8.93
C THR E 26 -14.08 -23.17 9.36
N SER E 27 -14.32 -23.14 10.66
CA SER E 27 -15.68 -23.21 11.19
C SER E 27 -16.36 -21.85 11.09
N SER E 28 -15.63 -20.86 10.58
CA SER E 28 -16.17 -19.51 10.41
C SER E 28 -16.66 -19.28 8.98
N ASP E 29 -16.45 -20.26 8.12
CA ASP E 29 -16.90 -20.17 6.73
C ASP E 29 -17.55 -21.46 6.24
N VAL E 30 -16.75 -22.38 5.70
CA VAL E 30 -17.25 -23.63 5.16
C VAL E 30 -18.00 -24.45 6.19
N GLY E 31 -17.44 -24.57 7.38
CA GLY E 31 -18.04 -25.36 8.45
C GLY E 31 -19.03 -24.59 9.29
N GLY E 32 -19.26 -23.32 8.94
CA GLY E 32 -20.14 -22.47 9.72
C GLY E 32 -21.46 -22.20 9.03
N TYR E 33 -21.50 -22.41 7.72
CA TYR E 33 -22.70 -22.15 6.93
C TYR E 33 -22.96 -23.28 5.93
N ILE E 34 -24.18 -23.32 5.41
CA ILE E 34 -24.52 -24.25 4.34
C ILE E 34 -24.35 -23.56 2.99
N TYR E 35 -23.97 -22.30 3.02
CA TYR E 35 -23.84 -21.50 1.81
C TYR E 35 -22.54 -21.82 1.08
N VAL E 36 -22.37 -23.07 0.71
CA VAL E 36 -21.19 -23.52 -0.02
C VAL E 36 -21.59 -23.92 -1.43
N SER E 37 -20.88 -23.39 -2.42
CA SER E 37 -21.21 -23.66 -3.82
C SER E 37 -19.98 -24.06 -4.64
N TRP E 38 -20.22 -24.71 -5.76
CA TRP E 38 -19.14 -25.15 -6.65
C TRP E 38 -19.33 -24.61 -8.06
N TYR E 39 -18.23 -24.28 -8.73
CA TYR E 39 -18.29 -23.71 -10.06
C TYR E 39 -17.31 -24.37 -11.02
N GLN E 40 -17.73 -24.50 -12.28
CA GLN E 40 -16.88 -25.07 -13.32
C GLN E 40 -16.55 -24.02 -14.37
N GLN E 41 -15.28 -23.99 -14.79
CA GLN E 41 -14.84 -23.01 -15.78
C GLN E 41 -13.95 -23.63 -16.83
N HIS E 42 -14.43 -23.66 -18.07
CA HIS E 42 -13.64 -24.08 -19.21
C HIS E 42 -12.81 -22.90 -19.70
N PRO E 43 -11.63 -23.18 -20.28
CA PRO E 43 -10.71 -22.13 -20.77
C PRO E 43 -11.39 -21.11 -21.68
N GLY E 44 -11.32 -19.83 -21.29
CA GLY E 44 -11.85 -18.76 -22.09
C GLY E 44 -13.34 -18.52 -21.93
N LYS E 45 -13.95 -19.24 -20.99
CA LYS E 45 -15.39 -19.13 -20.79
C LYS E 45 -15.73 -18.68 -19.37
N ALA E 46 -16.94 -18.18 -19.19
CA ALA E 46 -17.42 -17.76 -17.87
C ALA E 46 -17.73 -18.98 -17.01
N PRO E 47 -17.53 -18.86 -15.68
CA PRO E 47 -17.81 -19.96 -14.75
C PRO E 47 -19.27 -20.41 -14.80
N LYS E 48 -19.50 -21.66 -14.39
CA LYS E 48 -20.83 -22.25 -14.43
C LYS E 48 -21.18 -22.91 -13.10
N LEU E 49 -22.35 -22.60 -12.57
CA LEU E 49 -22.78 -23.15 -11.29
C LEU E 49 -23.11 -24.62 -11.40
N MET E 50 -22.42 -25.44 -10.62
CA MET E 50 -22.63 -26.89 -10.65
C MET E 50 -23.36 -27.35 -9.40
N ILE E 51 -22.98 -26.80 -8.25
CA ILE E 51 -23.57 -27.16 -6.97
C ILE E 51 -23.81 -25.92 -6.12
N TYR E 52 -24.97 -25.85 -5.47
CA TYR E 52 -25.25 -24.80 -4.49
C TYR E 52 -25.82 -25.45 -3.24
N ASP E 53 -25.77 -24.74 -2.12
CA ASP E 53 -26.23 -25.25 -0.83
C ASP E 53 -25.62 -26.62 -0.53
N VAL E 54 -24.30 -26.70 -0.70
CA VAL E 54 -23.51 -27.90 -0.41
C VAL E 54 -23.80 -29.10 -1.33
N SER E 55 -25.08 -29.43 -1.55
CA SER E 55 -25.41 -30.67 -2.24
C SER E 55 -26.47 -30.53 -3.33
N ARG E 56 -26.99 -29.32 -3.53
CA ARG E 56 -28.09 -29.13 -4.47
C ARG E 56 -27.58 -28.84 -5.89
N ARG E 57 -28.31 -29.32 -6.90
CA ARG E 57 -27.95 -29.06 -8.28
C ARG E 57 -28.99 -28.17 -8.95
N PRO E 58 -28.52 -27.17 -9.72
CA PRO E 58 -29.40 -26.37 -10.57
C PRO E 58 -30.02 -27.19 -11.69
N SER E 59 -31.05 -26.65 -12.33
CA SER E 59 -31.73 -27.36 -13.39
C SER E 59 -30.84 -27.47 -14.62
N GLY E 60 -30.55 -28.68 -15.06
CA GLY E 60 -29.71 -28.91 -16.21
C GLY E 60 -28.29 -29.35 -15.90
N ILE E 61 -28.00 -29.59 -14.63
CA ILE E 61 -26.68 -30.07 -14.24
C ILE E 61 -26.77 -31.58 -14.12
N SER E 62 -25.80 -32.29 -14.70
CA SER E 62 -25.78 -33.75 -14.66
C SER E 62 -25.76 -34.26 -13.23
N ASP E 63 -26.36 -35.43 -13.01
CA ASP E 63 -26.39 -36.05 -11.70
C ASP E 63 -25.06 -36.73 -11.40
N ARG E 64 -24.13 -36.64 -12.34
CA ARG E 64 -22.78 -37.15 -12.15
C ARG E 64 -22.01 -36.26 -11.17
N PHE E 65 -22.46 -35.01 -11.04
CA PHE E 65 -21.87 -34.07 -10.11
C PHE E 65 -22.62 -34.07 -8.79
N SER E 66 -21.91 -34.30 -7.70
CA SER E 66 -22.52 -34.31 -6.38
C SER E 66 -21.64 -33.59 -5.37
N GLY E 67 -22.27 -32.98 -4.37
CA GLY E 67 -21.54 -32.24 -3.35
C GLY E 67 -21.88 -32.66 -1.94
N SER E 68 -20.91 -32.50 -1.04
CA SER E 68 -21.10 -32.82 0.37
C SER E 68 -20.06 -32.10 1.21
N LYS E 69 -20.25 -32.07 2.51
CA LYS E 69 -19.24 -31.52 3.42
C LYS E 69 -19.32 -32.14 4.81
N SER E 70 -18.16 -32.27 5.44
CA SER E 70 -18.06 -32.74 6.82
C SER E 70 -17.01 -31.91 7.56
N GLY E 71 -17.41 -31.33 8.68
CA GLY E 71 -16.53 -30.45 9.42
C GLY E 71 -16.31 -29.14 8.69
N ASN E 72 -15.06 -28.87 8.35
CA ASN E 72 -14.72 -27.62 7.67
C ASN E 72 -14.26 -27.85 6.24
N THR E 73 -14.60 -29.02 5.70
CA THR E 73 -14.16 -29.38 4.36
C THR E 73 -15.32 -29.81 3.47
N ALA E 74 -15.51 -29.08 2.37
CA ALA E 74 -16.52 -29.44 1.39
C ALA E 74 -15.90 -30.29 0.29
N SER E 75 -16.69 -31.16 -0.32
CA SER E 75 -16.17 -32.05 -1.36
C SER E 75 -17.10 -32.13 -2.56
N LEU E 76 -16.52 -32.01 -3.75
CA LEU E 76 -17.25 -32.17 -4.99
C LEU E 76 -16.84 -33.46 -5.69
N THR E 77 -17.79 -34.36 -5.90
CA THR E 77 -17.49 -35.65 -6.52
C THR E 77 -18.07 -35.73 -7.94
N ILE E 78 -17.23 -36.17 -8.88
CA ILE E 78 -17.65 -36.35 -10.26
C ILE E 78 -17.57 -37.82 -10.68
N SER E 79 -18.72 -38.48 -10.74
CA SER E 79 -18.78 -39.88 -11.17
C SER E 79 -18.89 -39.98 -12.68
N GLY E 80 -18.42 -41.10 -13.23
CA GLY E 80 -18.44 -41.32 -14.67
C GLY E 80 -17.72 -40.21 -15.41
N LEU E 81 -16.45 -40.04 -15.10
CA LEU E 81 -15.65 -38.94 -15.62
C LEU E 81 -15.60 -38.94 -17.15
N GLN E 82 -15.81 -37.77 -17.75
CA GLN E 82 -15.81 -37.62 -19.19
C GLN E 82 -14.81 -36.57 -19.66
N ALA E 83 -14.58 -36.53 -20.96
CA ALA E 83 -13.63 -35.59 -21.56
C ALA E 83 -14.10 -34.14 -21.39
N GLU E 84 -15.42 -33.96 -21.37
CA GLU E 84 -16.00 -32.62 -21.25
C GLU E 84 -15.84 -32.07 -19.84
N ASP E 85 -15.44 -32.92 -18.91
CA ASP E 85 -15.28 -32.53 -17.52
C ASP E 85 -13.94 -31.83 -17.25
N GLU E 86 -13.07 -31.82 -18.25
CA GLU E 86 -11.78 -31.15 -18.12
C GLU E 86 -11.94 -29.64 -18.01
N ALA E 87 -11.82 -29.12 -16.79
CA ALA E 87 -11.94 -27.70 -16.53
C ALA E 87 -11.39 -27.36 -15.16
N ASP E 88 -11.40 -26.07 -14.83
CA ASP E 88 -11.07 -25.63 -13.48
C ASP E 88 -12.31 -25.65 -12.61
N TYR E 89 -12.14 -26.05 -11.35
CA TYR E 89 -13.28 -26.08 -10.43
C TYR E 89 -12.99 -25.27 -9.17
N TYR E 90 -13.90 -24.36 -8.85
CA TYR E 90 -13.77 -23.51 -7.67
C TYR E 90 -14.91 -23.75 -6.69
N CYS E 91 -14.59 -23.73 -5.41
CA CYS E 91 -15.61 -23.72 -4.38
C CYS E 91 -15.81 -22.30 -3.87
N ASN E 92 -16.91 -22.08 -3.14
CA ASN E 92 -17.20 -20.76 -2.61
C ASN E 92 -17.99 -20.86 -1.32
N SER E 93 -17.70 -19.98 -0.38
CA SER E 93 -18.36 -20.02 0.93
C SER E 93 -18.58 -18.63 1.52
N TYR E 94 -19.68 -18.51 2.25
CA TYR E 94 -19.94 -17.30 3.03
C TYR E 94 -19.03 -17.31 4.25
N THR E 95 -18.58 -16.13 4.68
CA THR E 95 -17.71 -16.04 5.85
C THR E 95 -18.32 -15.17 6.94
N THR E 96 -17.77 -15.28 8.15
CA THR E 96 -18.23 -14.49 9.29
C THR E 96 -18.02 -12.99 9.08
N LEU E 97 -17.13 -12.64 8.15
CA LEU E 97 -16.81 -11.24 7.87
C LEU E 97 -17.77 -10.63 6.86
N SER E 98 -18.92 -11.29 6.66
CA SER E 98 -19.91 -10.89 5.67
C SER E 98 -19.28 -10.76 4.28
N THR E 99 -18.45 -11.72 3.93
CA THR E 99 -17.84 -11.79 2.62
C THR E 99 -18.06 -13.16 2.01
N TRP E 100 -17.76 -13.30 0.73
CA TRP E 100 -17.83 -14.58 0.05
C TRP E 100 -16.44 -14.94 -0.47
N LEU E 101 -16.02 -16.18 -0.22
CA LEU E 101 -14.63 -16.57 -0.43
C LEU E 101 -14.49 -17.77 -1.37
N PHE E 102 -13.79 -17.57 -2.47
CA PHE E 102 -13.52 -18.64 -3.41
C PHE E 102 -12.34 -19.50 -2.96
N GLY E 103 -12.24 -20.70 -3.50
CA GLY E 103 -11.10 -21.56 -3.26
C GLY E 103 -10.02 -21.29 -4.30
N GLY E 104 -8.87 -21.93 -4.13
CA GLY E 104 -7.75 -21.74 -5.05
C GLY E 104 -8.04 -22.24 -6.45
N GLY E 105 -8.86 -23.28 -6.54
CA GLY E 105 -9.21 -23.86 -7.83
C GLY E 105 -8.47 -25.15 -8.09
N THR E 106 -9.15 -26.10 -8.73
CA THR E 106 -8.57 -27.39 -9.02
C THR E 106 -8.66 -27.73 -10.50
N LYS E 107 -7.51 -28.04 -11.11
CA LYS E 107 -7.47 -28.43 -12.51
C LYS E 107 -7.71 -29.92 -12.70
N VAL E 108 -8.86 -30.24 -13.29
CA VAL E 108 -9.20 -31.61 -13.59
C VAL E 108 -8.74 -32.00 -14.99
N THR E 109 -7.97 -33.07 -15.08
CA THR E 109 -7.49 -33.57 -16.37
C THR E 109 -7.91 -35.02 -16.58
N VAL E 110 -8.50 -35.31 -17.74
CA VAL E 110 -8.88 -36.68 -18.04
C VAL E 110 -7.90 -37.31 -19.04
N LEU E 111 -7.32 -38.44 -18.64
CA LEU E 111 -6.36 -39.14 -19.50
C LEU E 111 -7.05 -40.23 -20.31
N ALA E 112 -6.75 -40.30 -21.60
CA ALA E 112 -7.34 -41.31 -22.47
C ALA E 112 -6.67 -42.67 -22.26
N PRO F 7 -41.72 -29.99 19.92
CA PRO F 7 -41.52 -29.53 21.30
C PRO F 7 -41.07 -28.09 21.36
N LYS F 8 -40.15 -27.71 20.48
CA LYS F 8 -39.63 -26.35 20.42
C LYS F 8 -40.44 -25.50 19.44
N PHE F 9 -41.08 -26.16 18.49
CA PHE F 9 -41.88 -25.45 17.49
C PHE F 9 -43.13 -24.81 18.08
N GLU F 10 -43.87 -25.56 18.90
CA GLU F 10 -45.10 -25.04 19.49
C GLU F 10 -44.84 -23.87 20.42
N SER F 11 -43.72 -23.94 21.15
CA SER F 11 -43.35 -22.88 22.07
C SER F 11 -43.03 -21.59 21.31
N LYS F 12 -42.26 -21.72 20.24
CA LYS F 12 -41.93 -20.58 19.39
C LYS F 12 -43.14 -20.07 18.61
N ALA F 13 -44.02 -20.99 18.22
CA ALA F 13 -45.24 -20.63 17.52
C ALA F 13 -46.16 -19.83 18.42
N ALA F 14 -46.30 -20.29 19.67
CA ALA F 14 -47.12 -19.60 20.65
C ALA F 14 -46.56 -18.22 20.94
N LEU F 15 -45.23 -18.12 20.95
CA LEU F 15 -44.56 -16.85 21.16
C LEU F 15 -44.91 -15.86 20.06
N LEU F 16 -44.81 -16.31 18.81
CA LEU F 16 -45.19 -15.48 17.68
C LEU F 16 -46.70 -15.26 17.64
N ALA F 17 -47.47 -16.22 18.12
CA ALA F 17 -48.92 -16.07 18.18
C ALA F 17 -49.29 -14.99 19.18
N ALA F 18 -48.47 -14.87 20.21
CA ALA F 18 -48.66 -13.88 21.27
C ALA F 18 -48.54 -12.47 20.70
N ARG F 19 -47.72 -12.32 19.66
CA ARG F 19 -47.59 -11.03 19.01
C ARG F 19 -48.35 -11.10 17.69
N GLY F 20 -49.44 -10.35 17.56
CA GLY F 20 -50.19 -10.42 16.32
C GLY F 20 -50.73 -11.81 15.98
N PRO F 21 -51.73 -12.29 16.73
CA PRO F 21 -52.25 -13.63 16.48
C PRO F 21 -52.97 -13.75 15.13
N GLU F 22 -53.42 -12.61 14.61
CA GLU F 22 -54.23 -12.57 13.39
C GLU F 22 -53.42 -12.71 12.11
N GLU F 23 -52.20 -12.20 12.11
CA GLU F 23 -51.37 -12.17 10.90
C GLU F 23 -50.72 -13.50 10.56
N LEU F 24 -50.18 -13.60 9.35
CA LEU F 24 -49.47 -14.79 8.91
C LEU F 24 -48.05 -14.81 9.49
N LEU F 25 -47.70 -15.91 10.16
CA LEU F 25 -46.42 -16.01 10.83
C LEU F 25 -45.50 -17.05 10.21
N CYS F 26 -44.35 -16.60 9.72
CA CYS F 26 -43.34 -17.50 9.16
C CYS F 26 -42.02 -17.32 9.89
N PHE F 27 -41.33 -18.42 10.16
CA PHE F 27 -40.02 -18.34 10.81
C PHE F 27 -39.15 -19.55 10.50
N THR F 28 -37.83 -19.35 10.61
CA THR F 28 -36.87 -20.42 10.42
C THR F 28 -36.02 -20.54 11.69
N GLU F 29 -35.45 -21.72 11.91
CA GLU F 29 -34.66 -21.95 13.12
C GLU F 29 -33.19 -22.20 12.80
N ARG F 30 -32.96 -22.90 11.70
CA ARG F 30 -31.61 -23.33 11.32
C ARG F 30 -31.24 -22.96 9.88
N LEU F 31 -32.06 -22.09 9.28
CA LEU F 31 -31.87 -21.66 7.89
C LEU F 31 -31.89 -22.82 6.89
N GLU F 32 -32.50 -23.93 7.29
CA GLU F 32 -32.69 -25.08 6.42
C GLU F 32 -34.14 -25.52 6.49
N ASP F 33 -34.97 -24.66 7.07
CA ASP F 33 -36.37 -24.97 7.33
C ASP F 33 -37.23 -23.71 7.26
N LEU F 34 -38.52 -23.90 7.08
CA LEU F 34 -39.46 -22.79 7.13
C LEU F 34 -40.85 -23.30 7.47
N VAL F 35 -41.52 -22.61 8.39
CA VAL F 35 -42.89 -22.93 8.75
C VAL F 35 -43.73 -21.66 8.78
N CYS F 36 -44.79 -21.65 8.00
CA CYS F 36 -45.77 -20.57 8.05
C CYS F 36 -47.06 -21.07 8.69
N PHE F 37 -47.65 -20.27 9.57
CA PHE F 37 -48.85 -20.68 10.29
C PHE F 37 -49.71 -19.49 10.68
N TRP F 38 -51.02 -19.67 10.60
CA TRP F 38 -51.95 -18.65 11.05
C TRP F 38 -53.09 -19.30 11.83
N GLU F 39 -53.70 -18.53 12.72
CA GLU F 39 -54.75 -19.06 13.58
C GLU F 39 -56.08 -18.33 13.34
N GLU F 40 -57.16 -19.08 13.23
CA GLU F 40 -58.48 -18.48 13.03
C GLU F 40 -59.53 -18.96 14.03
N ALA F 41 -60.66 -18.27 14.05
CA ALA F 41 -61.78 -18.63 14.92
C ALA F 41 -62.55 -19.82 14.34
N ALA F 42 -62.89 -20.78 15.18
CA ALA F 42 -63.66 -21.94 14.74
C ALA F 42 -65.15 -21.60 14.67
N PRO F 48 -64.72 -24.67 10.30
CA PRO F 48 -63.37 -24.39 9.82
C PRO F 48 -63.29 -24.29 8.30
N GLY F 49 -62.78 -23.16 7.82
CA GLY F 49 -62.63 -22.91 6.40
C GLY F 49 -61.52 -23.72 5.75
N GLN F 50 -61.56 -23.81 4.43
CA GLN F 50 -60.54 -24.55 3.69
C GLN F 50 -59.71 -23.58 2.85
N TYR F 51 -58.40 -23.83 2.80
CA TYR F 51 -57.48 -22.93 2.13
C TYR F 51 -56.48 -23.69 1.26
N SER F 52 -55.80 -22.96 0.39
CA SER F 52 -54.72 -23.51 -0.42
C SER F 52 -53.46 -22.69 -0.23
N PHE F 53 -52.37 -23.35 0.16
CA PHE F 53 -51.10 -22.67 0.38
C PHE F 53 -50.19 -22.83 -0.83
N SER F 54 -49.84 -21.70 -1.45
CA SER F 54 -48.94 -21.72 -2.60
C SER F 54 -47.73 -20.81 -2.37
N TYR F 55 -46.62 -21.14 -3.03
CA TYR F 55 -45.41 -20.35 -2.89
C TYR F 55 -44.56 -20.37 -4.16
N GLN F 56 -43.84 -19.28 -4.40
CA GLN F 56 -42.92 -19.20 -5.53
C GLN F 56 -41.52 -18.80 -5.07
N LEU F 57 -40.56 -19.66 -5.34
CA LEU F 57 -39.17 -19.40 -4.94
C LEU F 57 -38.29 -19.09 -6.15
N GLU F 58 -37.60 -17.95 -6.09
CA GLU F 58 -36.66 -17.54 -7.13
C GLU F 58 -37.28 -17.49 -8.53
N ASP F 59 -36.87 -18.42 -9.39
CA ASP F 59 -37.38 -18.52 -10.75
C ASP F 59 -38.21 -19.79 -10.91
N GLU F 60 -38.31 -20.55 -9.83
CA GLU F 60 -39.10 -21.78 -9.84
C GLU F 60 -40.58 -21.49 -10.05
N PRO F 61 -41.30 -22.42 -10.69
CA PRO F 61 -42.75 -22.26 -10.88
C PRO F 61 -43.49 -22.32 -9.55
N TRP F 62 -44.72 -21.82 -9.52
CA TRP F 62 -45.52 -21.86 -8.31
C TRP F 62 -45.80 -23.29 -7.88
N LYS F 63 -45.64 -23.57 -6.59
CA LYS F 63 -45.92 -24.88 -6.05
C LYS F 63 -46.98 -24.80 -4.97
N LEU F 64 -47.64 -25.93 -4.71
CA LEU F 64 -48.62 -26.01 -3.64
C LEU F 64 -48.03 -26.75 -2.44
N CYS F 65 -48.28 -26.24 -1.25
CA CYS F 65 -47.78 -26.87 -0.04
C CYS F 65 -48.91 -27.61 0.66
N ARG F 66 -48.63 -28.83 1.11
CA ARG F 66 -49.64 -29.59 1.83
C ARG F 66 -49.92 -28.89 3.15
N LEU F 67 -51.15 -28.37 3.27
CA LEU F 67 -51.51 -27.57 4.43
C LEU F 67 -52.06 -28.47 5.53
N HIS F 68 -51.54 -28.27 6.74
CA HIS F 68 -51.97 -29.06 7.89
C HIS F 68 -52.86 -28.21 8.79
N GLN F 69 -53.64 -28.87 9.63
CA GLN F 69 -54.52 -28.17 10.56
C GLN F 69 -54.65 -28.92 11.88
N ALA F 70 -54.78 -28.16 12.95
CA ALA F 70 -54.95 -28.73 14.28
C ALA F 70 -55.62 -27.71 15.18
N PRO F 71 -56.44 -28.20 16.13
CA PRO F 71 -57.13 -27.26 17.02
C PRO F 71 -56.22 -26.76 18.13
N THR F 72 -56.40 -25.51 18.52
CA THR F 72 -55.68 -24.95 19.66
C THR F 72 -56.66 -24.82 20.81
N ALA F 73 -56.19 -25.10 22.02
CA ALA F 73 -57.03 -25.01 23.21
C ALA F 73 -57.64 -23.61 23.26
N ARG F 74 -58.87 -23.52 23.79
CA ARG F 74 -59.78 -22.38 23.64
C ARG F 74 -60.45 -22.45 22.26
N GLY F 75 -60.38 -23.63 21.65
CA GLY F 75 -61.19 -23.96 20.49
C GLY F 75 -60.90 -23.29 19.16
N ALA F 76 -59.66 -22.85 18.94
CA ALA F 76 -59.30 -22.25 17.66
C ALA F 76 -58.48 -23.24 16.83
N VAL F 77 -58.34 -22.96 15.54
CA VAL F 77 -57.62 -23.88 14.65
C VAL F 77 -56.35 -23.25 14.06
N ARG F 78 -55.26 -24.00 14.10
CA ARG F 78 -53.99 -23.56 13.53
C ARG F 78 -53.70 -24.23 12.19
N PHE F 79 -53.57 -23.44 11.14
CA PHE F 79 -53.18 -23.95 9.82
C PHE F 79 -51.70 -23.69 9.57
N TRP F 80 -50.91 -24.74 9.36
CA TRP F 80 -49.49 -24.54 9.07
C TRP F 80 -48.99 -25.34 7.88
N CYS F 81 -47.97 -24.79 7.21
CA CYS F 81 -47.27 -25.48 6.13
C CYS F 81 -45.77 -25.51 6.41
N SER F 82 -45.20 -26.70 6.38
CA SER F 82 -43.75 -26.85 6.51
C SER F 82 -43.15 -27.05 5.13
N LEU F 83 -42.51 -25.99 4.62
CA LEU F 83 -41.94 -26.03 3.28
C LEU F 83 -40.91 -27.13 3.14
N PRO F 84 -40.87 -27.79 1.97
CA PRO F 84 -39.85 -28.78 1.65
C PRO F 84 -38.46 -28.18 1.80
N THR F 85 -37.52 -28.94 2.32
CA THR F 85 -36.18 -28.44 2.62
C THR F 85 -35.48 -27.91 1.37
N ALA F 86 -35.81 -28.48 0.21
CA ALA F 86 -35.21 -28.07 -1.06
C ALA F 86 -35.64 -26.66 -1.44
N ASP F 87 -36.77 -26.23 -0.91
CA ASP F 87 -37.30 -24.91 -1.22
C ASP F 87 -37.06 -23.89 -0.10
N THR F 88 -36.06 -24.16 0.73
CA THR F 88 -35.74 -23.25 1.83
C THR F 88 -34.39 -22.58 1.61
N SER F 89 -34.20 -21.99 0.44
CA SER F 89 -32.95 -21.32 0.11
C SER F 89 -32.98 -19.86 0.54
N SER F 90 -31.83 -19.33 0.93
CA SER F 90 -31.73 -17.97 1.43
C SER F 90 -31.36 -16.96 0.35
N PHE F 91 -31.48 -15.67 0.69
CA PHE F 91 -31.07 -14.56 -0.17
C PHE F 91 -31.85 -14.51 -1.48
N VAL F 92 -33.02 -15.13 -1.51
CA VAL F 92 -33.89 -15.08 -2.69
C VAL F 92 -35.33 -14.82 -2.27
N PRO F 93 -36.08 -14.08 -3.11
CA PRO F 93 -37.48 -13.79 -2.80
C PRO F 93 -38.36 -15.04 -2.76
N LEU F 94 -39.10 -15.20 -1.67
CA LEU F 94 -40.05 -16.29 -1.55
C LEU F 94 -41.45 -15.74 -1.39
N GLU F 95 -42.20 -15.71 -2.49
CA GLU F 95 -43.55 -15.17 -2.48
C GLU F 95 -44.54 -16.19 -1.95
N LEU F 96 -45.39 -15.75 -1.03
CA LEU F 96 -46.37 -16.64 -0.40
C LEU F 96 -47.78 -16.16 -0.72
N ARG F 97 -48.70 -17.11 -0.89
CA ARG F 97 -50.09 -16.76 -1.17
C ARG F 97 -51.03 -17.76 -0.51
N VAL F 98 -51.82 -17.29 0.45
CA VAL F 98 -52.85 -18.11 1.06
C VAL F 98 -54.22 -17.73 0.52
N THR F 99 -54.84 -18.67 -0.20
CA THR F 99 -56.12 -18.41 -0.83
C THR F 99 -57.23 -19.30 -0.28
N ALA F 100 -58.37 -18.70 0.05
CA ALA F 100 -59.53 -19.45 0.50
C ALA F 100 -60.05 -20.32 -0.64
N ALA F 101 -60.82 -21.34 -0.30
CA ALA F 101 -61.37 -22.25 -1.30
C ALA F 101 -62.32 -21.52 -2.24
N SER F 102 -62.89 -20.42 -1.77
CA SER F 102 -63.80 -19.61 -2.57
C SER F 102 -63.06 -18.84 -3.65
N GLY F 103 -61.74 -18.75 -3.51
CA GLY F 103 -60.92 -17.99 -4.42
C GLY F 103 -60.50 -16.67 -3.79
N ALA F 104 -61.07 -16.37 -2.63
CA ALA F 104 -60.76 -15.15 -1.92
C ALA F 104 -59.34 -15.18 -1.35
N PRO F 105 -58.66 -14.03 -1.34
CA PRO F 105 -57.29 -13.94 -0.84
C PRO F 105 -57.22 -13.76 0.68
N ARG F 106 -56.46 -14.62 1.35
CA ARG F 106 -56.31 -14.54 2.80
C ARG F 106 -55.01 -13.84 3.20
N TYR F 107 -53.90 -14.30 2.63
CA TYR F 107 -52.58 -13.71 2.90
C TYR F 107 -51.75 -13.59 1.64
N HIS F 108 -50.85 -12.61 1.61
CA HIS F 108 -49.93 -12.43 0.50
C HIS F 108 -48.65 -11.74 0.96
N ARG F 109 -47.58 -12.51 1.13
CA ARG F 109 -46.31 -11.98 1.61
C ARG F 109 -45.15 -12.37 0.70
N VAL F 110 -44.11 -11.54 0.70
CA VAL F 110 -42.86 -11.87 0.03
C VAL F 110 -41.72 -11.77 1.04
N ILE F 111 -41.15 -12.90 1.42
CA ILE F 111 -40.12 -12.92 2.45
C ILE F 111 -38.79 -13.50 1.97
N HIS F 112 -37.77 -13.33 2.81
CA HIS F 112 -36.49 -14.01 2.63
C HIS F 112 -36.26 -14.90 3.84
N ILE F 113 -35.81 -16.12 3.60
CA ILE F 113 -35.65 -17.10 4.67
C ILE F 113 -34.68 -16.60 5.74
N ASN F 114 -33.63 -15.93 5.29
CA ASN F 114 -32.61 -15.40 6.18
C ASN F 114 -33.04 -14.17 6.98
N GLU F 115 -34.27 -13.72 6.74
CA GLU F 115 -34.76 -12.52 7.43
C GLU F 115 -35.91 -12.82 8.38
N VAL F 116 -36.14 -14.11 8.63
CA VAL F 116 -37.18 -14.53 9.56
C VAL F 116 -36.64 -15.57 10.54
N VAL F 117 -35.45 -15.31 11.05
CA VAL F 117 -34.81 -16.23 11.98
C VAL F 117 -35.35 -16.09 13.39
N LEU F 118 -35.63 -17.21 14.04
CA LEU F 118 -36.07 -17.23 15.43
C LEU F 118 -35.26 -18.22 16.23
N LEU F 119 -34.26 -17.71 16.95
CA LEU F 119 -33.34 -18.54 17.70
C LEU F 119 -33.96 -19.05 18.99
N ASP F 120 -33.26 -19.96 19.66
CA ASP F 120 -33.68 -20.39 20.98
C ASP F 120 -33.34 -19.30 21.99
N ALA F 121 -33.82 -19.45 23.21
CA ALA F 121 -33.52 -18.49 24.26
C ALA F 121 -32.10 -18.72 24.77
N PRO F 122 -31.39 -17.64 25.12
CA PRO F 122 -30.07 -17.72 25.75
C PRO F 122 -30.09 -18.56 27.03
N VAL F 123 -28.95 -19.11 27.41
CA VAL F 123 -28.87 -19.95 28.60
C VAL F 123 -27.72 -19.55 29.51
N GLY F 124 -27.70 -20.10 30.71
CA GLY F 124 -26.62 -19.88 31.66
C GLY F 124 -26.50 -18.45 32.14
N LEU F 125 -27.64 -17.82 32.40
CA LEU F 125 -27.66 -16.45 32.91
C LEU F 125 -27.23 -16.40 34.37
N VAL F 126 -26.23 -15.58 34.66
CA VAL F 126 -25.72 -15.44 36.03
C VAL F 126 -25.61 -13.98 36.44
N ALA F 127 -26.15 -13.64 37.60
CA ALA F 127 -26.03 -12.29 38.14
C ALA F 127 -25.08 -12.27 39.33
N ARG F 128 -24.18 -11.28 39.34
CA ARG F 128 -23.20 -11.17 40.42
C ARG F 128 -22.82 -9.72 40.68
N LEU F 129 -22.46 -9.41 41.93
CA LEU F 129 -21.97 -8.09 42.29
C LEU F 129 -20.48 -7.97 41.95
N ALA F 130 -20.05 -6.75 41.64
CA ALA F 130 -18.64 -6.47 41.39
C ALA F 130 -17.86 -6.26 42.68
N GLU F 132 -15.21 -4.67 44.94
CA GLU F 132 -15.70 -3.75 45.97
C GLU F 132 -16.86 -2.91 45.44
N SER F 133 -17.01 -2.88 44.11
CA SER F 133 -18.03 -2.07 43.46
C SER F 133 -19.43 -2.58 43.78
N GLY F 134 -20.40 -1.66 43.80
CA GLY F 134 -21.77 -2.01 44.12
C GLY F 134 -22.56 -2.31 42.86
N HIS F 135 -21.85 -2.47 41.74
CA HIS F 135 -22.50 -2.65 40.45
C HIS F 135 -22.84 -4.13 40.20
N VAL F 136 -23.87 -4.36 39.40
CA VAL F 136 -24.30 -5.71 39.05
C VAL F 136 -23.76 -6.12 37.69
N VAL F 137 -23.13 -7.29 37.62
CA VAL F 137 -22.66 -7.82 36.35
C VAL F 137 -23.47 -9.04 35.91
N LEU F 138 -24.01 -8.97 34.70
CA LEU F 138 -24.76 -10.08 34.13
C LEU F 138 -23.91 -10.83 33.11
N ARG F 139 -23.95 -12.17 33.18
CA ARG F 139 -23.28 -12.99 32.17
C ARG F 139 -24.20 -14.12 31.72
N TRP F 140 -24.18 -14.40 30.43
CA TRP F 140 -25.00 -15.47 29.87
C TRP F 140 -24.30 -16.16 28.72
N LEU F 141 -24.91 -17.24 28.23
CA LEU F 141 -24.39 -17.96 27.08
C LEU F 141 -25.34 -17.84 25.91
N PRO F 142 -24.80 -17.86 24.68
CA PRO F 142 -25.64 -17.83 23.48
C PRO F 142 -26.57 -19.05 23.44
N PRO F 143 -27.65 -18.97 22.63
CA PRO F 143 -28.55 -20.12 22.46
C PRO F 143 -27.78 -21.36 22.01
N PRO F 144 -28.02 -22.50 22.69
CA PRO F 144 -27.33 -23.76 22.42
C PRO F 144 -27.51 -24.25 20.99
N GLU F 145 -26.57 -25.06 20.52
CA GLU F 145 -26.57 -25.68 19.18
C GLU F 145 -26.93 -24.68 18.08
N THR F 146 -26.31 -23.51 18.14
CA THR F 146 -26.49 -22.48 17.12
C THR F 146 -25.14 -21.97 16.63
N PRO F 147 -24.91 -22.04 15.31
CA PRO F 147 -23.65 -21.52 14.77
C PRO F 147 -23.66 -20.00 14.66
N MET F 148 -22.49 -19.41 14.45
CA MET F 148 -22.34 -17.97 14.30
C MET F 148 -22.91 -17.19 15.47
N THR F 149 -22.33 -17.42 16.64
CA THR F 149 -22.73 -16.73 17.86
C THR F 149 -22.33 -15.25 17.79
N SER F 150 -21.24 -14.98 17.08
CA SER F 150 -20.67 -13.63 16.98
C SER F 150 -21.63 -12.60 16.38
N HIS F 151 -22.62 -13.08 15.63
CA HIS F 151 -23.57 -12.19 14.98
C HIS F 151 -24.93 -12.18 15.66
N ILE F 152 -24.92 -12.40 16.97
CA ILE F 152 -26.15 -12.36 17.76
C ILE F 152 -26.13 -11.20 18.74
N ARG F 153 -27.11 -10.31 18.64
CA ARG F 153 -27.24 -9.23 19.61
C ARG F 153 -28.34 -9.58 20.60
N TYR F 154 -28.23 -9.03 21.81
CA TYR F 154 -29.14 -9.39 22.89
C TYR F 154 -29.85 -8.19 23.47
N GLU F 155 -30.85 -8.46 24.30
CA GLU F 155 -31.57 -7.43 25.03
C GLU F 155 -31.88 -7.94 26.43
N VAL F 156 -31.42 -7.23 27.45
CA VAL F 156 -31.67 -7.65 28.82
C VAL F 156 -32.79 -6.83 29.46
N ASP F 157 -33.67 -7.52 30.18
CA ASP F 157 -34.76 -6.85 30.90
C ASP F 157 -34.47 -6.77 32.39
N VAL F 158 -34.54 -5.55 32.93
CA VAL F 158 -34.34 -5.32 34.34
C VAL F 158 -35.65 -4.88 34.98
N SER F 159 -36.18 -5.65 35.92
CA SER F 159 -37.44 -5.29 36.54
C SER F 159 -37.41 -5.37 38.05
N ALA F 160 -38.10 -4.43 38.70
CA ALA F 160 -38.24 -4.41 40.14
C ALA F 160 -39.68 -4.12 40.57
N GLY F 161 -40.08 -2.87 40.34
CA GLY F 161 -41.33 -2.34 40.86
C GLY F 161 -42.60 -2.81 40.17
N GLN F 162 -43.68 -2.06 40.40
CA GLN F 162 -45.00 -2.41 39.87
C GLN F 162 -45.49 -1.32 38.93
N SER F 166 -41.96 0.10 35.41
CA SER F 166 -41.52 -0.88 36.40
C SER F 166 -40.45 -1.81 35.85
N VAL F 167 -39.92 -1.45 34.68
CA VAL F 167 -38.91 -2.28 34.01
C VAL F 167 -37.76 -1.44 33.47
N GLN F 168 -36.79 -2.11 32.86
CA GLN F 168 -35.68 -1.44 32.21
C GLN F 168 -35.16 -2.32 31.07
N ARG F 169 -35.04 -1.74 29.88
CA ARG F 169 -34.57 -2.48 28.72
C ARG F 169 -33.21 -1.96 28.28
N VAL F 170 -32.25 -2.86 28.14
CA VAL F 170 -30.91 -2.50 27.71
C VAL F 170 -30.48 -3.31 26.49
N GLU F 171 -30.06 -2.60 25.44
CA GLU F 171 -29.61 -3.26 24.22
C GLU F 171 -28.13 -3.65 24.32
N ILE F 172 -27.83 -4.90 23.98
CA ILE F 172 -26.46 -5.40 24.00
C ILE F 172 -25.95 -5.59 22.57
N LEU F 173 -24.78 -5.04 22.28
CA LEU F 173 -24.21 -5.14 20.93
C LEU F 173 -23.85 -6.59 20.61
N GLU F 174 -23.80 -6.90 19.32
CA GLU F 174 -23.62 -8.27 18.85
C GLU F 174 -22.30 -8.89 19.29
N GLY F 175 -22.35 -10.16 19.67
CA GLY F 175 -21.16 -10.89 20.10
C GLY F 175 -20.89 -10.79 21.58
N ARG F 176 -21.41 -9.74 22.21
CA ARG F 176 -21.17 -9.51 23.62
C ARG F 176 -22.19 -10.23 24.48
N THR F 177 -21.69 -11.08 25.39
CA THR F 177 -22.56 -11.93 26.19
C THR F 177 -22.51 -11.59 27.67
N GLU F 178 -22.25 -10.32 27.98
CA GLU F 178 -22.29 -9.85 29.36
C GLU F 178 -22.60 -8.36 29.45
N CYS F 179 -23.12 -7.95 30.60
CA CYS F 179 -23.63 -6.60 30.78
C CYS F 179 -23.38 -6.11 32.21
N VAL F 180 -22.88 -4.89 32.33
CA VAL F 180 -22.64 -4.29 33.65
C VAL F 180 -23.67 -3.21 33.91
N LEU F 181 -24.49 -3.42 34.94
CA LEU F 181 -25.56 -2.49 35.26
C LEU F 181 -25.23 -1.58 36.43
N SER F 182 -25.50 -0.29 36.25
CA SER F 182 -25.32 0.69 37.31
C SER F 182 -26.66 1.37 37.60
N ASN F 183 -26.63 2.44 38.39
CA ASN F 183 -27.83 3.22 38.72
C ASN F 183 -28.99 2.37 39.24
N LEU F 184 -28.68 1.22 39.83
CA LEU F 184 -29.70 0.34 40.38
C LEU F 184 -30.03 0.74 41.80
N ARG F 185 -31.32 0.70 42.16
CA ARG F 185 -31.76 1.09 43.49
C ARG F 185 -31.20 0.16 44.55
N GLY F 186 -30.77 0.73 45.67
CA GLY F 186 -30.19 -0.04 46.76
C GLY F 186 -31.22 -0.84 47.53
N ARG F 187 -30.81 -2.01 48.04
CA ARG F 187 -31.68 -2.90 48.80
C ARG F 187 -33.00 -3.18 48.09
N THR F 188 -32.91 -3.45 46.80
CA THR F 188 -34.10 -3.84 46.05
C THR F 188 -33.85 -5.25 45.53
N ARG F 189 -34.91 -5.97 45.18
CA ARG F 189 -34.75 -7.27 44.57
C ARG F 189 -34.97 -7.13 43.07
N TYR F 190 -33.89 -7.25 42.31
CA TYR F 190 -33.99 -7.12 40.87
C TYR F 190 -34.06 -8.50 40.23
N THR F 191 -34.74 -8.57 39.09
CA THR F 191 -34.85 -9.80 38.33
C THR F 191 -34.43 -9.51 36.90
N PHE F 192 -33.63 -10.40 36.33
CA PHE F 192 -33.04 -10.13 35.02
C PHE F 192 -33.39 -11.24 34.05
N ALA F 193 -33.52 -10.86 32.79
CA ALA F 193 -33.76 -11.83 31.72
C ALA F 193 -33.12 -11.31 30.44
N VAL F 194 -32.81 -12.21 29.52
CA VAL F 194 -32.15 -11.83 28.29
C VAL F 194 -32.67 -12.65 27.12
N ARG F 195 -32.94 -11.97 26.00
CA ARG F 195 -33.36 -12.64 24.78
C ARG F 195 -32.41 -12.32 23.63
N ALA F 196 -32.49 -13.09 22.56
CA ALA F 196 -31.53 -12.97 21.47
C ALA F 196 -32.20 -12.83 20.11
N ARG F 197 -31.43 -12.36 19.13
CA ARG F 197 -31.89 -12.26 17.75
C ARG F 197 -30.71 -12.08 16.82
N MET F 198 -30.92 -12.34 15.53
CA MET F 198 -29.86 -12.17 14.54
C MET F 198 -29.56 -10.70 14.30
N ALA F 199 -28.28 -10.37 14.19
CA ALA F 199 -27.83 -8.99 14.05
C ALA F 199 -26.94 -8.82 12.83
N GLU F 200 -26.55 -9.94 12.22
CA GLU F 200 -25.71 -9.92 11.04
C GLU F 200 -26.40 -9.14 9.93
N PRO F 201 -25.63 -8.31 9.21
CA PRO F 201 -26.15 -7.42 8.16
C PRO F 201 -27.04 -8.14 7.15
N SER F 202 -26.62 -9.32 6.71
CA SER F 202 -27.37 -10.08 5.72
C SER F 202 -28.49 -10.93 6.32
N PHE F 203 -28.69 -10.82 7.63
CA PHE F 203 -29.69 -11.63 8.31
C PHE F 203 -30.68 -10.79 9.13
N GLY F 204 -31.70 -11.45 9.66
CA GLY F 204 -32.73 -10.77 10.43
C GLY F 204 -33.75 -11.76 10.97
N GLY F 205 -34.67 -11.27 11.79
CA GLY F 205 -35.66 -12.13 12.40
C GLY F 205 -36.42 -11.47 13.54
N PHE F 206 -36.72 -12.25 14.56
CA PHE F 206 -37.54 -11.76 15.68
C PHE F 206 -36.86 -12.06 17.01
N TRP F 207 -37.25 -11.34 18.05
CA TRP F 207 -36.72 -11.59 19.39
C TRP F 207 -37.12 -12.97 19.86
N SER F 208 -36.17 -13.69 20.44
CA SER F 208 -36.46 -15.02 20.97
C SER F 208 -37.25 -14.87 22.26
N ALA F 209 -37.70 -15.99 22.82
CA ALA F 209 -38.34 -15.95 24.12
C ALA F 209 -37.30 -15.55 25.16
N TRP F 210 -37.76 -15.01 26.28
CA TRP F 210 -36.84 -14.66 27.35
C TRP F 210 -36.22 -15.90 27.96
N SER F 211 -34.98 -15.78 28.40
CA SER F 211 -34.29 -16.87 29.05
C SER F 211 -34.88 -17.11 30.43
N GLU F 212 -34.40 -18.15 31.10
CA GLU F 212 -34.75 -18.36 32.50
C GLU F 212 -34.16 -17.21 33.30
N PRO F 213 -35.00 -16.56 34.13
CA PRO F 213 -34.60 -15.35 34.86
C PRO F 213 -33.71 -15.63 36.06
N VAL F 214 -32.97 -14.61 36.48
CA VAL F 214 -32.14 -14.69 37.67
C VAL F 214 -32.41 -13.48 38.55
N SER F 215 -32.41 -13.69 39.86
CA SER F 215 -32.66 -12.60 40.81
C SER F 215 -31.41 -12.27 41.62
N LEU F 216 -31.41 -11.08 42.22
CA LEU F 216 -30.29 -10.64 43.03
C LEU F 216 -30.70 -9.48 43.92
N LEU F 217 -30.27 -9.50 45.17
CA LEU F 217 -30.55 -8.40 46.10
C LEU F 217 -29.38 -7.44 46.17
N THR F 218 -29.61 -6.21 45.73
CA THR F 218 -28.58 -5.17 45.73
C THR F 218 -28.27 -4.62 47.12
N PRO F 219 -27.01 -4.18 47.33
CA PRO F 219 -26.67 -3.52 48.59
C PRO F 219 -27.14 -2.06 48.68
N SER F 220 -26.90 -1.45 49.84
CA SER F 220 -27.39 -0.11 50.19
C SER F 220 -26.29 0.95 50.17
N ASP F 221 -26.70 2.21 50.28
CA ASP F 221 -25.76 3.32 50.30
C ASP F 221 -25.16 3.49 51.69
N SER G 7 7.11 15.56 29.10
CA SER G 7 8.26 14.86 29.68
C SER G 7 9.47 14.96 28.75
N GLU G 8 10.29 13.92 28.73
CA GLU G 8 11.44 13.90 27.83
C GLU G 8 10.97 13.61 26.40
N VAL G 9 9.86 12.89 26.29
CA VAL G 9 9.26 12.57 24.99
C VAL G 9 8.48 13.76 24.46
N GLN G 10 8.64 14.08 23.18
CA GLN G 10 7.91 15.19 22.60
C GLN G 10 7.39 14.82 21.22
N LEU G 11 6.10 15.09 21.00
CA LEU G 11 5.46 14.80 19.72
C LEU G 11 4.72 16.03 19.21
N VAL G 12 5.08 16.49 18.02
CA VAL G 12 4.48 17.69 17.46
C VAL G 12 3.81 17.42 16.12
N GLU G 13 2.49 17.48 16.10
CA GLU G 13 1.75 17.26 14.86
C GLU G 13 1.77 18.49 13.98
N SER G 14 1.52 18.29 12.68
CA SER G 14 1.47 19.38 11.72
C SER G 14 0.77 18.94 10.45
N GLY G 15 0.22 19.89 9.70
CA GLY G 15 -0.36 19.59 8.40
C GLY G 15 -1.87 19.65 8.33
N GLY G 16 -2.52 19.97 9.45
CA GLY G 16 -3.96 20.06 9.48
C GLY G 16 -4.51 21.26 8.73
N GLY G 17 -5.82 21.47 8.84
CA GLY G 17 -6.45 22.60 8.18
C GLY G 17 -7.76 22.26 7.50
N LEU G 18 -8.32 23.25 6.81
CA LEU G 18 -9.59 23.09 6.10
C LEU G 18 -9.40 22.51 4.70
N VAL G 19 -10.30 21.61 4.31
CA VAL G 19 -10.23 20.97 3.00
C VAL G 19 -11.62 20.60 2.51
N GLN G 20 -11.87 20.78 1.22
CA GLN G 20 -13.13 20.36 0.61
C GLN G 20 -13.23 18.83 0.62
N PRO G 21 -14.45 18.30 0.73
CA PRO G 21 -14.64 16.84 0.68
C PRO G 21 -14.11 16.25 -0.62
N GLY G 22 -13.32 15.18 -0.50
CA GLY G 22 -12.65 14.59 -1.64
C GLY G 22 -11.22 15.08 -1.75
N GLY G 23 -10.90 16.13 -1.00
CA GLY G 23 -9.57 16.72 -1.04
C GLY G 23 -8.51 15.87 -0.35
N SER G 24 -7.26 16.31 -0.43
CA SER G 24 -6.14 15.56 0.15
C SER G 24 -5.46 16.34 1.26
N LEU G 25 -4.76 15.63 2.13
CA LEU G 25 -4.10 16.26 3.28
C LEU G 25 -3.03 15.32 3.82
N ARG G 26 -1.85 15.87 4.14
CA ARG G 26 -0.76 15.06 4.67
C ARG G 26 -0.33 15.55 6.05
N LEU G 27 -0.49 14.70 7.05
CA LEU G 27 -0.11 15.06 8.41
C LEU G 27 1.29 14.56 8.71
N SER G 28 2.02 15.31 9.53
CA SER G 28 3.37 14.95 9.94
C SER G 28 3.52 15.01 11.45
N CYS G 29 4.36 14.15 12.00
CA CYS G 29 4.57 14.11 13.45
C CYS G 29 6.06 13.99 13.79
N ALA G 30 6.64 15.10 14.24
CA ALA G 30 8.05 15.11 14.61
C ALA G 30 8.24 14.59 16.03
N ALA G 31 9.05 13.55 16.17
CA ALA G 31 9.28 12.93 17.46
C ALA G 31 10.67 13.23 18.02
N SER G 32 10.78 13.27 19.35
CA SER G 32 12.06 13.44 20.02
C SER G 32 11.99 12.95 21.46
N GLY G 33 13.13 12.55 22.01
CA GLY G 33 13.20 12.13 23.40
C GLY G 33 13.25 10.62 23.59
N PHE G 34 13.22 9.88 22.49
CA PHE G 34 13.30 8.42 22.56
C PHE G 34 13.83 7.85 21.26
N THR G 35 14.20 6.57 21.28
CA THR G 35 14.68 5.89 20.08
C THR G 35 13.50 5.59 19.15
N PHE G 36 13.25 6.52 18.23
CA PHE G 36 12.08 6.50 17.36
C PHE G 36 11.96 5.23 16.53
N SER G 37 13.10 4.68 16.10
CA SER G 37 13.11 3.57 15.17
C SER G 37 12.79 2.22 15.80
N SER G 38 12.55 2.21 17.10
CA SER G 38 12.31 0.95 17.81
C SER G 38 10.93 0.90 18.47
N TYR G 39 10.05 1.81 18.09
CA TYR G 39 8.70 1.84 18.64
C TYR G 39 7.64 1.92 17.54
N TRP G 40 6.53 1.24 17.77
CA TRP G 40 5.35 1.42 16.93
C TRP G 40 4.86 2.85 17.09
N MET G 41 4.32 3.42 16.01
CA MET G 41 3.70 4.74 16.08
C MET G 41 2.25 4.63 15.62
N SER G 42 1.40 5.51 16.14
CA SER G 42 -0.03 5.43 15.89
C SER G 42 -0.70 6.77 15.67
N TRP G 43 -1.81 6.76 14.93
CA TRP G 43 -2.65 7.94 14.79
C TRP G 43 -4.02 7.70 15.41
N VAL G 44 -4.44 8.61 16.27
CA VAL G 44 -5.76 8.53 16.89
C VAL G 44 -6.49 9.85 16.69
N ARG G 45 -7.74 9.79 16.25
CA ARG G 45 -8.50 11.02 16.00
C ARG G 45 -9.68 11.15 16.95
N GLN G 46 -10.19 12.37 17.08
CA GLN G 46 -11.32 12.63 17.94
C GLN G 46 -12.20 13.73 17.37
N ALA G 47 -13.37 13.36 16.88
CA ALA G 47 -14.33 14.32 16.36
C ALA G 47 -14.82 15.22 17.50
N PRO G 48 -15.07 16.50 17.20
CA PRO G 48 -15.48 17.48 18.22
C PRO G 48 -16.65 17.01 19.06
N GLY G 49 -16.42 16.84 20.36
CA GLY G 49 -17.47 16.43 21.27
C GLY G 49 -17.65 14.92 21.34
N LYS G 50 -16.91 14.20 20.49
CA LYS G 50 -17.03 12.75 20.43
C LYS G 50 -15.86 12.05 21.11
N GLY G 51 -15.83 10.73 21.02
CA GLY G 51 -14.81 9.95 21.70
C GLY G 51 -13.59 9.70 20.85
N LEU G 52 -12.61 8.99 21.41
CA LEU G 52 -11.37 8.69 20.71
C LEU G 52 -11.54 7.54 19.74
N GLU G 53 -10.94 7.68 18.56
CA GLU G 53 -11.00 6.61 17.55
C GLU G 53 -9.61 6.32 16.98
N TRP G 54 -9.20 5.07 17.10
CA TRP G 54 -7.94 4.60 16.53
C TRP G 54 -8.02 4.62 15.01
N VAL G 55 -6.97 5.12 14.37
CA VAL G 55 -6.96 5.24 12.91
C VAL G 55 -5.95 4.31 12.26
N ALA G 56 -4.71 4.33 12.74
CA ALA G 56 -3.65 3.53 12.13
C ALA G 56 -2.47 3.25 13.06
N ASN G 57 -1.87 2.08 12.89
CA ASN G 57 -0.62 1.73 13.54
C ASN G 57 0.45 1.41 12.50
N ILE G 58 1.72 1.55 12.88
CA ILE G 58 2.80 1.19 11.97
C ILE G 58 3.97 0.55 12.71
N LYS G 59 4.52 -0.51 12.12
CA LYS G 59 5.66 -1.22 12.69
C LYS G 59 6.89 -0.31 12.74
N PRO G 60 7.80 -0.55 13.71
CA PRO G 60 9.05 0.20 13.83
C PRO G 60 9.82 0.31 12.51
N ASP G 61 9.87 -0.77 11.73
CA ASP G 61 10.55 -0.74 10.44
C ASP G 61 9.57 -0.40 9.32
N GLY G 62 8.30 -0.23 9.68
CA GLY G 62 7.28 0.17 8.74
C GLY G 62 6.86 -0.93 7.78
N SER G 63 7.19 -2.17 8.11
CA SER G 63 6.91 -3.30 7.23
C SER G 63 5.48 -3.82 7.39
N GLU G 64 4.82 -3.40 8.48
CA GLU G 64 3.43 -3.80 8.71
C GLU G 64 2.59 -2.58 9.09
N LYS G 65 1.42 -2.47 8.48
CA LYS G 65 0.53 -1.34 8.71
C LYS G 65 -0.92 -1.80 8.86
N TYR G 66 -1.63 -1.20 9.81
CA TYR G 66 -3.02 -1.56 10.04
C TYR G 66 -3.88 -0.30 10.10
N TYR G 67 -5.10 -0.39 9.58
CA TYR G 67 -5.99 0.75 9.50
C TYR G 67 -7.37 0.42 10.03
N VAL G 68 -8.05 1.42 10.57
CA VAL G 68 -9.46 1.29 10.90
C VAL G 68 -10.21 1.17 9.56
N ASP G 69 -11.31 0.42 9.57
CA ASP G 69 -11.99 0.03 8.33
C ASP G 69 -12.34 1.21 7.41
N SER G 70 -12.87 2.28 8.00
CA SER G 70 -13.41 3.39 7.22
C SER G 70 -12.36 4.24 6.50
N VAL G 71 -11.07 3.96 6.70
CA VAL G 71 -10.03 4.76 6.07
C VAL G 71 -9.20 3.96 5.08
N LYS G 72 -9.42 2.65 5.05
CA LYS G 72 -8.72 1.78 4.11
C LYS G 72 -8.91 2.27 2.68
N GLY G 73 -7.81 2.32 1.92
CA GLY G 73 -7.87 2.78 0.54
C GLY G 73 -7.83 4.28 0.41
N ARG G 74 -7.98 4.98 1.53
CA ARG G 74 -7.96 6.44 1.52
C ARG G 74 -6.79 7.00 2.33
N PHE G 75 -6.51 6.41 3.48
CA PHE G 75 -5.42 6.87 4.33
C PHE G 75 -4.20 5.95 4.18
N THR G 76 -3.02 6.54 4.27
CA THR G 76 -1.78 5.77 4.27
C THR G 76 -0.85 6.28 5.36
N ILE G 77 -0.47 5.39 6.26
CA ILE G 77 0.48 5.74 7.31
C ILE G 77 1.90 5.37 6.86
N SER G 78 2.86 6.20 7.22
CA SER G 78 4.26 5.94 6.88
C SER G 78 5.18 6.60 7.89
N ARG G 79 6.48 6.33 7.76
CA ARG G 79 7.46 6.90 8.69
C ARG G 79 8.83 7.02 8.07
N ASP G 80 9.62 7.93 8.61
CA ASP G 80 11.02 8.11 8.23
C ASP G 80 11.86 8.10 9.50
N ASN G 81 12.48 6.96 9.79
CA ASN G 81 13.25 6.80 11.03
C ASN G 81 14.46 7.73 11.11
N ALA G 82 15.02 8.07 9.95
CA ALA G 82 16.17 8.97 9.92
C ALA G 82 15.77 10.40 10.27
N LYS G 83 14.51 10.72 10.03
CA LYS G 83 14.00 12.07 10.31
C LYS G 83 13.10 12.08 11.53
N ASN G 84 12.99 10.93 12.20
CA ASN G 84 12.15 10.78 13.39
C ASN G 84 10.74 11.32 13.20
N SER G 85 10.10 10.93 12.11
CA SER G 85 8.78 11.47 11.79
C SER G 85 7.78 10.39 11.40
N VAL G 86 6.52 10.63 11.77
CA VAL G 86 5.41 9.80 11.32
C VAL G 86 4.54 10.62 10.39
N TYR G 87 4.00 9.97 9.36
CA TYR G 87 3.14 10.67 8.42
C TYR G 87 1.81 9.97 8.25
N LEU G 88 0.78 10.74 7.91
CA LEU G 88 -0.52 10.18 7.57
C LEU G 88 -1.05 10.87 6.33
N GLN G 89 -0.95 10.19 5.19
CA GLN G 89 -1.50 10.73 3.95
C GLN G 89 -3.00 10.49 3.92
N MET G 90 -3.77 11.56 3.81
CA MET G 90 -5.23 11.46 3.83
C MET G 90 -5.82 11.87 2.49
N ASN G 91 -6.21 10.88 1.69
CA ASN G 91 -6.83 11.13 0.39
C ASN G 91 -8.34 10.89 0.43
N SER G 92 -9.05 11.49 -0.51
CA SER G 92 -10.50 11.34 -0.62
C SER G 92 -11.18 11.60 0.72
N LEU G 93 -10.93 12.79 1.27
CA LEU G 93 -11.41 13.10 2.61
C LEU G 93 -12.91 13.27 2.66
N ARG G 94 -13.52 12.70 3.71
N ARG G 94 -13.51 12.73 3.73
CA ARG G 94 -14.96 12.79 3.91
CA ARG G 94 -14.95 12.81 3.90
C ARG G 94 -15.28 13.74 5.06
C ARG G 94 -15.29 13.69 5.10
N ALA G 95 -16.55 14.10 5.19
CA ALA G 95 -16.98 15.01 6.24
C ALA G 95 -16.82 14.36 7.62
N GLU G 96 -17.02 13.05 7.68
CA GLU G 96 -16.90 12.31 8.92
C GLU G 96 -15.43 12.12 9.34
N ASP G 97 -14.50 12.56 8.50
CA ASP G 97 -13.09 12.49 8.83
C ASP G 97 -12.68 13.71 9.65
N THR G 98 -13.62 14.65 9.81
CA THR G 98 -13.38 15.86 10.58
C THR G 98 -13.13 15.53 12.05
N ALA G 99 -11.90 15.76 12.50
CA ALA G 99 -11.51 15.44 13.86
C ALA G 99 -10.16 16.06 14.21
N VAL G 100 -9.84 16.07 15.50
CA VAL G 100 -8.48 16.38 15.93
C VAL G 100 -7.66 15.11 15.84
N TYR G 101 -6.60 15.15 15.04
CA TYR G 101 -5.76 13.98 14.87
C TYR G 101 -4.55 14.01 15.78
N TYR G 102 -4.46 13.01 16.66
CA TYR G 102 -3.35 12.92 17.60
C TYR G 102 -2.28 11.97 17.08
N CYS G 103 -1.03 12.33 17.35
CA CYS G 103 0.09 11.44 17.11
C CYS G 103 0.47 10.80 18.44
N ALA G 104 0.58 9.47 18.45
CA ALA G 104 0.86 8.77 19.70
C ALA G 104 1.94 7.72 19.55
N ARG G 105 2.79 7.63 20.58
CA ARG G 105 3.76 6.56 20.66
C ARG G 105 3.14 5.38 21.38
N VAL G 106 3.14 4.22 20.74
CA VAL G 106 2.61 3.03 21.38
C VAL G 106 3.74 2.38 22.17
N SER G 107 3.45 2.03 23.40
CA SER G 107 4.45 1.47 24.29
C SER G 107 4.04 0.10 24.80
N ARG G 108 4.29 -0.14 26.08
CA ARG G 108 4.08 -1.43 26.70
C ARG G 108 2.63 -1.92 26.55
N GLY G 109 2.48 -3.13 26.02
CA GLY G 109 1.18 -3.73 25.81
C GLY G 109 0.36 -3.03 24.74
N GLY G 110 1.03 -2.20 23.95
CA GLY G 110 0.36 -1.49 22.87
C GLY G 110 -0.27 -0.19 23.31
N SER G 111 -0.12 0.13 24.59
CA SER G 111 -0.71 1.35 25.14
C SER G 111 -0.05 2.59 24.58
N TYR G 112 -0.78 3.69 24.53
CA TYR G 112 -0.28 4.95 24.00
C TYR G 112 0.27 5.82 25.11
N SER G 113 1.56 5.66 25.38
CA SER G 113 2.21 6.30 26.51
C SER G 113 2.34 7.81 26.33
N ASP G 114 2.62 8.24 25.11
CA ASP G 114 2.83 9.66 24.84
C ASP G 114 1.95 10.16 23.71
N TRP G 115 1.36 11.33 23.90
CA TRP G 115 0.45 11.92 22.92
C TRP G 115 0.93 13.29 22.49
N GLY G 116 0.68 13.63 21.24
CA GLY G 116 0.94 14.98 20.76
C GLY G 116 -0.20 15.88 21.19
N GLN G 117 -0.12 17.16 20.87
CA GLN G 117 -1.17 18.09 21.25
C GLN G 117 -2.32 18.02 20.25
N GLY G 118 -2.06 17.40 19.11
CA GLY G 118 -3.08 17.18 18.10
C GLY G 118 -3.20 18.30 17.07
N THR G 119 -3.55 17.93 15.85
CA THR G 119 -3.78 18.89 14.78
C THR G 119 -5.21 18.74 14.25
N LEU G 120 -5.89 19.88 14.06
CA LEU G 120 -7.29 19.87 13.64
C LEU G 120 -7.44 19.70 12.13
N VAL G 121 -8.28 18.74 11.75
CA VAL G 121 -8.62 18.55 10.34
C VAL G 121 -10.12 18.79 10.14
N THR G 122 -10.45 19.77 9.32
CA THR G 122 -11.84 20.10 9.05
C THR G 122 -12.18 19.87 7.59
N VAL G 123 -13.14 18.98 7.33
CA VAL G 123 -13.56 18.69 5.97
C VAL G 123 -14.96 19.25 5.74
N SER G 124 -15.03 20.34 4.98
CA SER G 124 -16.30 20.98 4.69
C SER G 124 -16.25 21.75 3.37
N SER G 125 -17.38 22.29 2.96
CA SER G 125 -17.46 23.05 1.72
C SER G 125 -18.41 24.23 1.83
N SER H 1 -18.64 1.04 11.00
CA SER H 1 -17.41 0.96 11.78
C SER H 1 -17.52 -0.10 12.88
N GLN H 2 -16.38 -0.47 13.45
CA GLN H 2 -16.35 -1.43 14.54
C GLN H 2 -16.90 -0.81 15.82
N SER H 3 -17.87 -1.48 16.43
CA SER H 3 -18.55 -0.94 17.61
C SER H 3 -17.59 -0.76 18.77
N ALA H 4 -17.57 0.43 19.33
CA ALA H 4 -16.69 0.75 20.46
C ALA H 4 -17.05 -0.09 21.69
N LEU H 5 -16.04 -0.37 22.51
CA LEU H 5 -16.25 -1.11 23.74
C LEU H 5 -17.28 -0.38 24.61
N THR H 6 -18.14 -1.13 25.28
CA THR H 6 -19.24 -0.54 26.02
C THR H 6 -18.83 0.01 27.39
N GLN H 7 -18.87 1.33 27.51
CA GLN H 7 -18.64 2.00 28.78
C GLN H 7 -19.90 2.72 29.21
N PRO H 8 -20.09 2.90 30.53
CA PRO H 8 -21.20 3.73 30.98
C PRO H 8 -21.02 5.17 30.50
N ALA H 9 -22.12 5.84 30.13
CA ALA H 9 -22.04 7.19 29.62
C ALA H 9 -21.41 8.14 30.63
N SER H 10 -21.81 7.99 31.89
CA SER H 10 -21.31 8.86 32.95
C SER H 10 -21.48 8.24 34.33
N VAL H 11 -20.47 8.43 35.18
CA VAL H 11 -20.57 8.01 36.58
C VAL H 11 -20.20 9.18 37.48
N SER H 12 -20.82 9.25 38.65
CA SER H 12 -20.57 10.34 39.57
C SER H 12 -20.35 9.83 40.99
N GLY H 13 -19.69 10.64 41.81
CA GLY H 13 -19.41 10.29 43.18
C GLY H 13 -18.92 11.46 44.00
N SER H 14 -19.11 11.37 45.32
CA SER H 14 -18.64 12.40 46.23
C SER H 14 -17.15 12.24 46.52
N PRO H 15 -16.46 13.34 46.88
CA PRO H 15 -15.03 13.28 47.20
C PRO H 15 -14.73 12.28 48.32
N GLY H 16 -13.71 11.46 48.12
CA GLY H 16 -13.34 10.45 49.11
C GLY H 16 -13.90 9.09 48.76
N GLN H 17 -14.98 9.07 47.98
CA GLN H 17 -15.63 7.83 47.57
C GLN H 17 -14.83 7.12 46.48
N SER H 18 -15.18 5.86 46.23
CA SER H 18 -14.56 5.10 45.16
C SER H 18 -15.57 4.81 44.07
N ILE H 19 -15.16 5.00 42.82
CA ILE H 19 -16.02 4.71 41.68
C ILE H 19 -15.34 3.70 40.76
N THR H 20 -16.13 3.02 39.94
CA THR H 20 -15.59 2.04 39.00
C THR H 20 -16.22 2.20 37.62
N ILE H 21 -15.38 2.21 36.60
CA ILE H 21 -15.84 2.33 35.22
C ILE H 21 -15.64 1.00 34.49
N SER H 22 -16.71 0.49 33.90
CA SER H 22 -16.67 -0.80 33.22
C SER H 22 -16.37 -0.64 31.73
N CYS H 23 -15.77 -1.66 31.15
CA CYS H 23 -15.39 -1.65 29.73
C CYS H 23 -15.61 -3.04 29.14
N THR H 24 -16.78 -3.25 28.56
CA THR H 24 -17.20 -4.57 28.11
C THR H 24 -16.98 -4.79 26.62
N GLY H 25 -16.33 -5.90 26.28
CA GLY H 25 -16.12 -6.30 24.90
C GLY H 25 -16.46 -7.75 24.70
N THR H 26 -15.66 -8.45 23.89
CA THR H 26 -15.85 -9.87 23.66
C THR H 26 -14.59 -10.65 24.00
N SER H 27 -14.63 -11.96 23.77
CA SER H 27 -13.47 -12.81 23.98
C SER H 27 -12.48 -12.68 22.83
N SER H 28 -12.82 -11.85 21.85
CA SER H 28 -11.96 -11.62 20.70
C SER H 28 -11.15 -10.35 20.89
N ASP H 29 -11.41 -9.63 21.99
CA ASP H 29 -10.68 -8.42 22.31
C ASP H 29 -10.32 -8.34 23.80
N VAL H 30 -11.22 -7.77 24.59
CA VAL H 30 -10.98 -7.57 26.02
C VAL H 30 -10.72 -8.89 26.74
N GLY H 31 -11.52 -9.90 26.44
CA GLY H 31 -11.38 -11.19 27.09
C GLY H 31 -10.41 -12.12 26.40
N GLY H 32 -9.78 -11.64 25.33
CA GLY H 32 -8.87 -12.46 24.55
C GLY H 32 -7.41 -12.07 24.71
N TYR H 33 -7.17 -10.85 25.19
CA TYR H 33 -5.82 -10.34 25.36
C TYR H 33 -5.64 -9.61 26.69
N ILE H 34 -4.40 -9.41 27.09
CA ILE H 34 -4.09 -8.59 28.26
C ILE H 34 -3.78 -7.16 27.84
N TYR H 35 -3.84 -6.91 26.54
CA TYR H 35 -3.50 -5.59 25.98
C TYR H 35 -4.65 -4.61 26.18
N VAL H 36 -5.02 -4.39 27.44
CA VAL H 36 -6.08 -3.46 27.79
C VAL H 36 -5.51 -2.24 28.52
N SER H 37 -5.87 -1.05 28.07
CA SER H 37 -5.35 0.17 28.68
C SER H 37 -6.46 1.18 28.98
N TRP H 38 -6.17 2.10 29.89
CA TRP H 38 -7.12 3.15 30.27
C TRP H 38 -6.51 4.54 30.10
N TYR H 39 -7.34 5.50 29.68
CA TYR H 39 -6.87 6.85 29.42
C TYR H 39 -7.76 7.91 30.06
N GLN H 40 -7.15 9.00 30.50
CA GLN H 40 -7.87 10.12 31.08
C GLN H 40 -7.72 11.36 30.21
N GLN H 41 -8.81 12.08 29.99
CA GLN H 41 -8.76 13.28 29.16
C GLN H 41 -9.57 14.44 29.74
N HIS H 42 -8.87 15.52 30.11
CA HIS H 42 -9.53 16.75 30.53
C HIS H 42 -9.90 17.59 29.31
N PRO H 43 -10.98 18.39 29.42
CA PRO H 43 -11.47 19.24 28.32
C PRO H 43 -10.39 20.13 27.70
N GLY H 44 -10.17 19.97 26.40
CA GLY H 44 -9.22 20.79 25.68
C GLY H 44 -7.79 20.27 25.79
N LYS H 45 -7.64 19.09 26.38
CA LYS H 45 -6.31 18.51 26.59
C LYS H 45 -6.17 17.16 25.89
N ALA H 46 -4.92 16.77 25.68
CA ALA H 46 -4.60 15.46 25.09
C ALA H 46 -4.81 14.36 26.12
N PRO H 47 -5.22 13.17 25.67
CA PRO H 47 -5.43 12.03 26.57
C PRO H 47 -4.15 11.65 27.32
N LYS H 48 -4.32 10.99 28.47
CA LYS H 48 -3.18 10.62 29.31
C LYS H 48 -3.30 9.16 29.73
N LEU H 49 -2.20 8.42 29.59
CA LEU H 49 -2.20 7.00 29.93
C LEU H 49 -2.24 6.79 31.44
N MET H 50 -3.27 6.08 31.91
CA MET H 50 -3.43 5.83 33.34
C MET H 50 -3.10 4.38 33.71
N ILE H 51 -3.55 3.46 32.88
CA ILE H 51 -3.33 2.03 33.12
C ILE H 51 -2.94 1.32 31.83
N TYR H 52 -1.96 0.43 31.90
CA TYR H 52 -1.63 -0.43 30.78
C TYR H 52 -1.53 -1.86 31.28
N ASP H 53 -1.62 -2.82 30.36
CA ASP H 53 -1.59 -4.25 30.72
C ASP H 53 -2.60 -4.57 31.80
N VAL H 54 -3.83 -4.08 31.60
CA VAL H 54 -4.97 -4.33 32.50
C VAL H 54 -4.83 -3.68 33.89
N SER H 55 -3.68 -3.84 34.53
CA SER H 55 -3.56 -3.41 35.93
C SER H 55 -2.30 -2.61 36.28
N ARG H 56 -1.42 -2.40 35.30
CA ARG H 56 -0.14 -1.75 35.57
C ARG H 56 -0.19 -0.24 35.38
N ARG H 57 0.56 0.48 36.19
CA ARG H 57 0.61 1.94 36.14
C ARG H 57 1.96 2.49 35.68
N PRO H 58 1.95 3.56 34.87
CA PRO H 58 3.15 4.31 34.52
C PRO H 58 3.81 4.91 35.76
N SER H 59 5.04 5.40 35.62
CA SER H 59 5.82 5.87 36.76
C SER H 59 5.26 7.10 37.47
N GLY H 60 4.36 7.83 36.81
CA GLY H 60 3.83 9.06 37.39
C GLY H 60 2.36 9.04 37.76
N ILE H 61 1.74 7.87 37.69
CA ILE H 61 0.31 7.76 37.97
C ILE H 61 0.03 7.37 39.42
N SER H 62 -0.92 8.08 40.04
CA SER H 62 -1.33 7.84 41.42
C SER H 62 -1.81 6.42 41.65
N ASP H 63 -1.60 5.92 42.88
CA ASP H 63 -2.04 4.57 43.22
C ASP H 63 -3.54 4.52 43.51
N ARG H 64 -4.21 5.67 43.39
CA ARG H 64 -5.66 5.74 43.53
C ARG H 64 -6.33 5.12 42.31
N PHE H 65 -5.61 5.06 41.20
CA PHE H 65 -6.12 4.46 39.98
C PHE H 65 -5.69 3.00 39.89
N SER H 66 -6.66 2.12 39.72
CA SER H 66 -6.37 0.68 39.61
C SER H 66 -7.21 0.05 38.50
N GLY H 67 -6.66 -0.99 37.89
CA GLY H 67 -7.35 -1.67 36.81
C GLY H 67 -7.47 -3.17 37.02
N SER H 68 -8.51 -3.76 36.45
CA SER H 68 -8.73 -5.19 36.52
C SER H 68 -9.69 -5.63 35.43
N LYS H 69 -9.79 -6.94 35.21
CA LYS H 69 -10.78 -7.47 34.27
C LYS H 69 -11.18 -8.90 34.64
N SER H 70 -12.44 -9.22 34.38
CA SER H 70 -12.94 -10.58 34.57
C SER H 70 -13.84 -10.94 33.40
N GLY H 71 -13.53 -12.05 32.74
CA GLY H 71 -14.27 -12.45 31.55
C GLY H 71 -13.96 -11.52 30.40
N ASN H 72 -14.98 -10.84 29.91
CA ASN H 72 -14.82 -9.94 28.77
C ASN H 72 -15.03 -8.47 29.17
N THR H 73 -14.92 -8.20 30.47
CA THR H 73 -15.16 -6.85 30.98
C THR H 73 -13.99 -6.33 31.81
N ALA H 74 -13.41 -5.21 31.37
CA ALA H 74 -12.34 -4.55 32.11
C ALA H 74 -12.92 -3.46 33.00
N SER H 75 -12.25 -3.18 34.11
CA SER H 75 -12.74 -2.20 35.07
C SER H 75 -11.65 -1.25 35.56
N LEU H 76 -11.95 0.04 35.56
CA LEU H 76 -11.05 1.04 36.12
C LEU H 76 -11.64 1.59 37.41
N THR H 77 -10.90 1.43 38.50
CA THR H 77 -11.37 1.89 39.80
C THR H 77 -10.59 3.10 40.28
N ILE H 78 -11.32 4.13 40.73
CA ILE H 78 -10.69 5.33 41.26
C ILE H 78 -11.05 5.54 42.72
N SER H 79 -10.11 5.23 43.62
CA SER H 79 -10.34 5.41 45.04
C SER H 79 -9.94 6.81 45.49
N GLY H 80 -10.57 7.29 46.56
CA GLY H 80 -10.31 8.61 47.08
C GLY H 80 -10.54 9.68 46.03
N LEU H 81 -11.77 9.74 45.52
CA LEU H 81 -12.11 10.62 44.41
C LEU H 81 -11.83 12.09 44.73
N GLN H 82 -11.21 12.79 43.79
CA GLN H 82 -10.87 14.19 43.96
C GLN H 82 -11.46 15.04 42.83
N ALA H 83 -11.44 16.36 43.00
CA ALA H 83 -12.01 17.28 42.02
C ALA H 83 -11.25 17.23 40.70
N GLU H 84 -9.95 16.97 40.78
CA GLU H 84 -9.10 16.92 39.59
C GLU H 84 -9.34 15.68 38.76
N ASP H 85 -10.07 14.72 39.32
CA ASP H 85 -10.36 13.46 38.63
C ASP H 85 -11.54 13.61 37.67
N GLU H 86 -12.20 14.76 37.72
CA GLU H 86 -13.32 15.05 36.83
C GLU H 86 -12.85 15.18 35.38
N ALA H 87 -13.06 14.13 34.61
CA ALA H 87 -12.66 14.11 33.21
C ALA H 87 -13.34 12.96 32.46
N ASP H 88 -13.07 12.85 31.16
CA ASP H 88 -13.52 11.70 30.39
C ASP H 88 -12.51 10.57 30.49
N TYR H 89 -12.99 9.34 30.57
CA TYR H 89 -12.12 8.18 30.66
C TYR H 89 -12.42 7.16 29.57
N TYR H 90 -11.38 6.76 28.85
CA TYR H 90 -11.52 5.79 27.77
C TYR H 90 -10.72 4.52 28.04
N CYS H 91 -11.28 3.38 27.68
CA CYS H 91 -10.53 2.14 27.68
C CYS H 91 -10.10 1.81 26.25
N ASN H 92 -9.16 0.88 26.11
CA ASN H 92 -8.68 0.48 24.80
C ASN H 92 -8.21 -0.96 24.83
N SER H 93 -8.49 -1.70 23.77
CA SER H 93 -8.12 -3.11 23.71
C SER H 93 -7.72 -3.54 22.30
N TYR H 94 -6.79 -4.48 22.23
CA TYR H 94 -6.43 -5.13 20.97
C TYR H 94 -7.53 -6.09 20.56
N THR H 95 -7.76 -6.23 19.26
CA THR H 95 -8.80 -7.14 18.77
C THR H 95 -8.23 -8.22 17.85
N THR H 96 -9.03 -9.26 17.63
CA THR H 96 -8.64 -10.35 16.75
C THR H 96 -8.48 -9.90 15.30
N LEU H 97 -9.05 -8.75 14.96
CA LEU H 97 -8.97 -8.24 13.60
C LEU H 97 -7.72 -7.40 13.38
N SER H 98 -6.73 -7.57 14.26
CA SER H 98 -5.49 -6.82 14.22
C SER H 98 -5.74 -5.31 14.24
N THR H 99 -6.68 -4.89 15.08
CA THR H 99 -6.97 -3.47 15.28
C THR H 99 -6.93 -3.12 16.76
N TRP H 100 -6.97 -1.83 17.05
CA TRP H 100 -7.07 -1.37 18.43
C TRP H 100 -8.36 -0.59 18.58
N LEU H 101 -9.12 -0.91 19.63
CA LEU H 101 -10.48 -0.39 19.75
C LEU H 101 -10.71 0.33 21.07
N PHE H 102 -11.08 1.60 20.97
CA PHE H 102 -11.41 2.40 22.15
C PHE H 102 -12.85 2.14 22.59
N GLY H 103 -13.15 2.49 23.83
CA GLY H 103 -14.51 2.42 24.32
C GLY H 103 -15.22 3.73 24.03
N GLY H 104 -16.52 3.77 24.32
CA GLY H 104 -17.30 4.97 24.06
C GLY H 104 -16.84 6.16 24.87
N GLY H 105 -16.33 5.89 26.07
CA GLY H 105 -15.86 6.94 26.96
C GLY H 105 -16.83 7.21 28.09
N THR H 106 -16.30 7.50 29.27
CA THR H 106 -17.13 7.75 30.45
C THR H 106 -16.81 9.09 31.08
N LYS H 107 -17.83 9.94 31.22
CA LYS H 107 -17.67 11.23 31.86
C LYS H 107 -17.82 11.12 33.38
N VAL H 108 -16.72 11.34 34.10
CA VAL H 108 -16.74 11.30 35.55
C VAL H 108 -17.02 12.68 36.12
N THR H 109 -18.02 12.75 36.99
CA THR H 109 -18.41 14.01 37.62
C THR H 109 -18.28 13.91 39.13
N VAL H 110 -17.63 14.89 39.74
CA VAL H 110 -17.49 14.92 41.20
C VAL H 110 -18.50 15.89 41.79
N LEU H 111 -19.26 15.40 42.76
CA LEU H 111 -20.31 16.20 43.39
C LEU H 111 -19.76 16.95 44.59
N ALA H 112 -20.10 18.23 44.70
CA ALA H 112 -19.64 19.05 45.81
C ALA H 112 -20.44 18.76 47.08
N LYS I 8 8.97 -30.14 32.22
CA LYS I 8 8.20 -29.77 31.04
C LYS I 8 8.74 -28.50 30.40
N PHE I 9 9.39 -27.67 31.21
CA PHE I 9 10.00 -26.44 30.73
C PHE I 9 11.19 -26.76 29.83
N GLU I 10 11.99 -27.72 30.27
CA GLU I 10 13.19 -28.12 29.55
C GLU I 10 12.87 -28.66 28.16
N SER I 11 11.72 -29.32 28.02
CA SER I 11 11.32 -29.94 26.75
C SER I 11 11.14 -28.92 25.62
N LYS I 12 10.46 -27.81 25.91
CA LYS I 12 10.29 -26.77 24.90
C LYS I 12 11.66 -26.15 24.64
N ALA I 13 12.45 -26.06 25.71
CA ALA I 13 13.82 -25.60 25.62
C ALA I 13 14.66 -26.63 24.86
N ALA I 14 14.47 -27.91 25.18
CA ALA I 14 15.17 -28.99 24.50
C ALA I 14 14.78 -29.07 23.03
N LEU I 15 13.52 -28.79 22.74
CA LEU I 15 13.03 -28.74 21.37
C LEU I 15 13.78 -27.62 20.67
N LEU I 16 13.84 -26.48 21.35
CA LEU I 16 14.58 -25.33 20.86
C LEU I 16 16.09 -25.59 20.88
N ALA I 17 16.53 -26.47 21.78
CA ALA I 17 17.95 -26.80 21.90
C ALA I 17 18.52 -27.50 20.67
N ALA I 18 17.68 -28.26 19.96
CA ALA I 18 18.14 -28.97 18.77
C ALA I 18 18.62 -28.02 17.67
N ARG I 19 17.99 -26.84 17.59
CA ARG I 19 18.32 -25.81 16.62
C ARG I 19 18.97 -24.54 17.19
N GLY I 20 20.17 -24.21 16.70
CA GLY I 20 20.90 -23.02 17.13
C GLY I 20 21.28 -22.94 18.59
N PRO I 21 22.24 -23.79 19.03
CA PRO I 21 22.73 -23.88 20.41
C PRO I 21 23.62 -22.73 20.88
N GLU I 22 24.27 -22.02 19.96
CA GLU I 22 25.28 -21.05 20.36
C GLU I 22 24.73 -19.73 20.89
N GLU I 23 23.69 -19.21 20.26
CA GLU I 23 23.12 -17.93 20.69
C GLU I 23 22.17 -18.18 21.86
N LEU I 24 21.74 -17.11 22.50
CA LEU I 24 20.76 -17.19 23.57
C LEU I 24 19.34 -17.32 23.02
N LEU I 25 18.59 -18.29 23.54
CA LEU I 25 17.24 -18.53 23.04
C LEU I 25 16.23 -18.06 24.07
N CYS I 26 15.38 -17.12 23.67
CA CYS I 26 14.33 -16.59 24.54
C CYS I 26 12.98 -16.85 23.90
N PHE I 27 11.99 -17.19 24.71
CA PHE I 27 10.65 -17.44 24.18
C PHE I 27 9.58 -17.21 25.24
N THR I 28 8.36 -16.96 24.78
CA THR I 28 7.21 -16.78 25.66
C THR I 28 6.13 -17.81 25.35
N GLU I 29 5.27 -18.10 26.32
CA GLU I 29 4.23 -19.09 26.13
C GLU I 29 2.83 -18.50 26.19
N ARG I 30 2.63 -17.51 27.07
CA ARG I 30 1.31 -16.92 27.23
C ARG I 30 1.35 -15.40 27.09
N LEU I 31 2.47 -14.90 26.60
CA LEU I 31 2.70 -13.45 26.44
C LEU I 31 2.62 -12.71 27.78
N GLU I 32 2.83 -13.42 28.88
CA GLU I 32 2.88 -12.82 30.20
C GLU I 32 4.14 -13.30 30.91
N ASP I 33 5.02 -13.91 30.13
CA ASP I 33 6.22 -14.53 30.68
C ASP I 33 7.35 -14.48 29.65
N LEU I 34 8.58 -14.62 30.13
CA LEU I 34 9.73 -14.73 29.23
C LEU I 34 10.88 -15.45 29.92
N VAL I 35 11.48 -16.40 29.22
CA VAL I 35 12.64 -17.12 29.74
C VAL I 35 13.74 -17.22 28.68
N CYS I 36 14.93 -16.77 29.06
CA CYS I 36 16.12 -16.92 28.23
C CYS I 36 17.01 -18.00 28.83
N PHE I 37 17.60 -18.84 27.99
CA PHE I 37 18.40 -19.98 28.46
C PHE I 37 19.53 -20.37 27.51
N TRP I 38 20.71 -20.66 28.06
CA TRP I 38 21.81 -21.12 27.22
C TRP I 38 22.65 -22.25 27.83
N GLU I 39 23.27 -23.04 26.97
CA GLU I 39 24.10 -24.18 27.39
C GLU I 39 25.55 -24.08 26.93
N GLU I 40 26.46 -24.45 27.82
CA GLU I 40 27.87 -24.47 27.49
C GLU I 40 28.42 -25.85 27.84
N ALA I 41 29.67 -26.12 27.46
CA ALA I 41 30.27 -27.43 27.70
C ALA I 41 30.59 -27.65 29.18
N ALA I 42 30.22 -28.82 29.68
CA ALA I 42 30.46 -29.18 31.07
C ALA I 42 31.89 -29.68 31.27
N PRO I 48 32.33 -24.85 35.21
CA PRO I 48 31.13 -24.07 34.88
C PRO I 48 31.30 -22.58 35.13
N GLY I 49 31.50 -21.83 34.04
CA GLY I 49 31.69 -20.38 34.12
C GLY I 49 30.56 -19.63 34.78
N GLN I 50 30.85 -18.40 35.21
CA GLN I 50 29.84 -17.57 35.86
C GLN I 50 29.53 -16.35 34.98
N TYR I 51 28.25 -15.98 34.94
CA TYR I 51 27.80 -14.88 34.09
C TYR I 51 26.83 -13.95 34.82
N SER I 52 26.59 -12.79 34.22
CA SER I 52 25.61 -11.85 34.75
C SER I 52 24.60 -11.49 33.65
N PHE I 53 23.32 -11.69 33.96
CA PHE I 53 22.26 -11.40 33.00
C PHE I 53 21.63 -10.04 33.27
N SER I 54 21.71 -9.15 32.30
CA SER I 54 21.10 -7.82 32.42
C SER I 54 20.15 -7.53 31.26
N TYR I 55 19.15 -6.69 31.52
CA TYR I 55 18.17 -6.35 30.48
C TYR I 55 17.62 -4.93 30.66
N GLN I 56 17.26 -4.31 29.55
CA GLN I 56 16.62 -2.99 29.57
C GLN I 56 15.32 -3.01 28.80
N LEU I 57 14.22 -2.68 29.49
CA LEU I 57 12.91 -2.67 28.86
C LEU I 57 12.38 -1.24 28.68
N GLU I 58 12.04 -0.89 27.45
CA GLU I 58 11.45 0.42 27.12
C GLU I 58 12.30 1.59 27.63
N ASP I 59 11.79 2.27 28.65
CA ASP I 59 12.45 3.43 29.23
C ASP I 59 12.98 3.12 30.62
N GLU I 60 12.74 1.90 31.08
CA GLU I 60 13.24 1.46 32.38
C GLU I 60 14.76 1.34 32.37
N PRO I 61 15.40 1.58 33.52
CA PRO I 61 16.86 1.42 33.65
C PRO I 61 17.26 -0.05 33.54
N TRP I 62 18.53 -0.32 33.27
CA TRP I 62 19.02 -1.69 33.17
C TRP I 62 18.85 -2.43 34.49
N LYS I 63 18.35 -3.65 34.41
CA LYS I 63 18.16 -4.48 35.59
C LYS I 63 18.95 -5.78 35.48
N LEU I 64 19.26 -6.39 36.61
CA LEU I 64 19.94 -7.68 36.64
C LEU I 64 18.95 -8.79 36.98
N CYS I 65 19.06 -9.90 36.25
CA CYS I 65 18.18 -11.04 36.48
C CYS I 65 18.87 -12.19 37.19
N ARG I 66 18.17 -12.80 38.15
CA ARG I 66 18.69 -13.95 38.89
C ARG I 66 18.90 -15.15 37.96
N LEU I 67 20.15 -15.54 37.78
CA LEU I 67 20.49 -16.62 36.85
C LEU I 67 20.46 -17.98 37.53
N HIS I 68 19.77 -18.93 36.90
CA HIS I 68 19.65 -20.29 37.44
C HIS I 68 20.49 -21.28 36.64
N GLN I 69 20.76 -22.45 37.23
CA GLN I 69 21.54 -23.47 36.54
C GLN I 69 21.10 -24.88 36.90
N ALA I 70 21.19 -25.78 35.93
CA ALA I 70 20.86 -27.19 36.14
C ALA I 70 21.56 -28.03 35.08
N PRO I 71 21.99 -29.25 35.43
CA PRO I 71 22.70 -30.07 34.45
C PRO I 71 21.76 -30.75 33.47
N THR I 72 22.20 -30.86 32.21
CA THR I 72 21.45 -31.58 31.19
C THR I 72 22.16 -32.87 30.80
N ALA I 76 25.81 -31.23 30.43
CA ALA I 76 26.05 -29.80 30.34
C ALA I 76 25.09 -29.03 31.23
N VAL I 77 25.41 -27.75 31.48
CA VAL I 77 24.59 -26.94 32.36
C VAL I 77 23.96 -25.79 31.58
N ARG I 78 22.66 -25.59 31.79
CA ARG I 78 21.93 -24.52 31.14
C ARG I 78 21.65 -23.37 32.10
N PHE I 79 22.11 -22.18 31.72
CA PHE I 79 21.87 -20.98 32.51
C PHE I 79 20.64 -20.28 31.99
N TRP I 80 19.63 -20.14 32.83
CA TRP I 80 18.41 -19.46 32.41
C TRP I 80 17.94 -18.40 33.38
N CYS I 81 17.25 -17.40 32.83
CA CYS I 81 16.63 -16.35 33.61
C CYS I 81 15.16 -16.22 33.27
N SER I 82 14.31 -16.29 34.29
CA SER I 82 12.88 -16.06 34.11
C SER I 82 12.55 -14.63 34.52
N LEU I 83 12.37 -13.77 33.53
CA LEU I 83 12.09 -12.36 33.78
C LEU I 83 10.82 -12.19 34.60
N PRO I 84 10.81 -11.19 35.50
CA PRO I 84 9.63 -10.83 36.27
C PRO I 84 8.46 -10.50 35.34
N THR I 85 7.26 -10.91 35.72
CA THR I 85 6.07 -10.74 34.87
C THR I 85 5.82 -9.27 34.56
N ALA I 86 6.23 -8.40 35.47
CA ALA I 86 6.06 -6.96 35.29
C ALA I 86 6.95 -6.44 34.17
N ASP I 87 8.03 -7.16 33.88
CA ASP I 87 8.95 -6.75 32.82
C ASP I 87 8.77 -7.55 31.54
N THR I 88 7.59 -8.16 31.38
CA THR I 88 7.29 -8.93 30.17
C THR I 88 6.22 -8.28 29.31
N SER I 89 6.40 -6.99 29.01
CA SER I 89 5.43 -6.26 28.19
C SER I 89 5.74 -6.41 26.71
N SER I 90 4.69 -6.39 25.89
CA SER I 90 4.83 -6.60 24.46
C SER I 90 4.95 -5.30 23.69
N PHE I 91 5.31 -5.40 22.41
CA PHE I 91 5.39 -4.27 21.49
C PHE I 91 6.41 -3.22 21.93
N VAL I 92 7.37 -3.64 22.75
CA VAL I 92 8.44 -2.75 23.18
C VAL I 92 9.80 -3.44 23.09
N PRO I 93 10.84 -2.66 22.75
CA PRO I 93 12.20 -3.22 22.65
C PRO I 93 12.71 -3.70 24.01
N LEU I 94 13.20 -4.93 24.05
CA LEU I 94 13.81 -5.48 25.25
C LEU I 94 15.26 -5.84 24.97
N GLU I 95 16.18 -4.95 25.35
CA GLU I 95 17.59 -5.16 25.11
C GLU I 95 18.18 -6.12 26.13
N LEU I 96 18.93 -7.11 25.66
CA LEU I 96 19.51 -8.12 26.52
C LEU I 96 21.04 -8.11 26.46
N ARG I 97 21.67 -8.38 27.60
CA ARG I 97 23.12 -8.45 27.67
C ARG I 97 23.59 -9.56 28.60
N VAL I 98 24.26 -10.55 28.05
CA VAL I 98 24.88 -11.60 28.85
C VAL I 98 26.37 -11.32 28.95
N THR I 99 26.83 -11.04 30.15
CA THR I 99 28.24 -10.68 30.35
C THR I 99 28.95 -11.72 31.21
N ALA I 100 30.13 -12.15 30.75
CA ALA I 100 30.96 -13.07 31.53
C ALA I 100 31.43 -12.39 32.80
N ALA I 101 31.82 -13.18 33.79
CA ALA I 101 32.28 -12.64 35.06
C ALA I 101 33.56 -11.83 34.86
N SER I 102 34.30 -12.14 33.79
CA SER I 102 35.52 -11.42 33.47
C SER I 102 35.22 -10.02 32.92
N GLY I 103 33.98 -9.80 32.53
CA GLY I 103 33.58 -8.53 31.93
C GLY I 103 33.43 -8.62 30.42
N ALA I 104 33.83 -9.76 29.86
CA ALA I 104 33.74 -9.99 28.42
C ALA I 104 32.30 -10.15 27.97
N PRO I 105 31.98 -9.69 26.75
CA PRO I 105 30.60 -9.78 26.26
C PRO I 105 30.30 -11.15 25.65
N ARG I 106 29.24 -11.77 26.15
CA ARG I 106 28.83 -13.09 25.68
C ARG I 106 27.69 -13.01 24.66
N TYR I 107 26.64 -12.27 25.01
CA TYR I 107 25.49 -12.11 24.12
C TYR I 107 24.98 -10.67 24.10
N HIS I 108 24.34 -10.29 22.99
CA HIS I 108 23.73 -8.97 22.88
C HIS I 108 22.58 -8.98 21.88
N ARG I 109 21.35 -9.01 22.38
CA ARG I 109 20.16 -9.05 21.53
C ARG I 109 19.13 -7.99 21.92
N VAL I 110 18.34 -7.56 20.94
CA VAL I 110 17.18 -6.71 21.19
C VAL I 110 15.94 -7.37 20.61
N ILE I 111 15.06 -7.86 21.48
CA ILE I 111 13.88 -8.60 21.03
C ILE I 111 12.57 -7.97 21.47
N HIS I 112 11.48 -8.49 20.90
CA HIS I 112 10.14 -8.15 21.35
C HIS I 112 9.45 -9.42 21.86
N ILE I 113 8.79 -9.32 23.01
CA ILE I 113 8.16 -10.48 23.64
C ILE I 113 7.09 -11.11 22.74
N ASN I 114 6.35 -10.26 22.03
CA ASN I 114 5.29 -10.74 21.15
C ASN I 114 5.81 -11.43 19.88
N GLU I 115 7.13 -11.48 19.72
CA GLU I 115 7.73 -12.06 18.53
C GLU I 115 8.53 -13.34 18.81
N VAL I 116 8.38 -13.89 20.02
CA VAL I 116 9.07 -15.13 20.38
C VAL I 116 8.13 -16.15 21.02
N VAL I 117 6.95 -16.32 20.46
CA VAL I 117 5.96 -17.24 21.01
C VAL I 117 6.24 -18.70 20.62
N LEU I 118 6.14 -19.60 21.60
CA LEU I 118 6.29 -21.04 21.35
C LEU I 118 5.12 -21.79 22.00
N LEU I 119 4.12 -22.14 21.20
CA LEU I 119 2.92 -22.80 21.71
C LEU I 119 3.12 -24.28 21.99
N ASP I 120 2.10 -24.90 22.59
CA ASP I 120 2.09 -26.35 22.82
C ASP I 120 1.80 -27.09 21.52
N ALA I 121 1.98 -28.41 21.54
CA ALA I 121 1.68 -29.26 20.39
C ALA I 121 0.18 -29.48 20.26
N PRO I 122 -0.31 -29.56 19.01
CA PRO I 122 -1.71 -29.91 18.73
C PRO I 122 -2.09 -31.27 19.31
N VAL I 123 -3.39 -31.47 19.57
CA VAL I 123 -3.86 -32.72 20.15
C VAL I 123 -5.05 -33.27 19.38
N GLY I 124 -5.41 -34.53 19.67
CA GLY I 124 -6.57 -35.14 19.07
C GLY I 124 -6.47 -35.32 17.56
N LEU I 125 -5.29 -35.69 17.10
CA LEU I 125 -5.07 -35.89 15.66
C LEU I 125 -5.76 -37.19 15.25
N VAL I 126 -6.63 -37.10 14.24
CA VAL I 126 -7.37 -38.27 13.77
C VAL I 126 -7.24 -38.41 12.25
N ALA I 127 -6.93 -39.62 11.81
CA ALA I 127 -6.83 -39.93 10.38
C ALA I 127 -8.03 -40.76 9.93
N ARG I 128 -8.55 -40.45 8.74
CA ARG I 128 -9.73 -41.13 8.23
C ARG I 128 -9.66 -41.31 6.73
N LEU I 129 -10.32 -42.35 6.22
CA LEU I 129 -10.38 -42.62 4.80
C LEU I 129 -11.40 -41.70 4.09
N SER I 133 -13.92 -42.06 1.55
CA SER I 133 -13.69 -42.85 0.35
C SER I 133 -12.20 -42.85 -0.02
N GLY I 134 -11.92 -42.56 -1.29
CA GLY I 134 -10.57 -42.58 -1.83
C GLY I 134 -9.49 -41.86 -1.04
N HIS I 135 -9.68 -40.56 -0.81
CA HIS I 135 -8.66 -39.74 -0.19
C HIS I 135 -8.70 -39.75 1.34
N VAL I 136 -7.54 -39.49 1.94
CA VAL I 136 -7.41 -39.46 3.40
C VAL I 136 -7.51 -38.03 3.94
N VAL I 137 -8.35 -37.86 4.96
CA VAL I 137 -8.55 -36.57 5.62
C VAL I 137 -7.95 -36.53 7.02
N LEU I 138 -7.15 -35.49 7.27
CA LEU I 138 -6.52 -35.30 8.57
C LEU I 138 -7.30 -34.30 9.41
N ARG I 139 -7.52 -34.61 10.68
CA ARG I 139 -8.18 -33.68 11.59
C ARG I 139 -7.44 -33.62 12.93
N TRP I 140 -7.30 -32.41 13.47
CA TRP I 140 -6.64 -32.26 14.77
C TRP I 140 -7.24 -31.09 15.56
N LEU I 141 -6.80 -30.95 16.80
CA LEU I 141 -7.23 -29.84 17.65
C LEU I 141 -6.06 -28.91 17.94
N PRO I 142 -6.35 -27.61 18.13
CA PRO I 142 -5.33 -26.63 18.49
C PRO I 142 -4.65 -26.97 19.81
N PRO I 143 -3.46 -26.40 20.07
CA PRO I 143 -2.77 -26.61 21.35
C PRO I 143 -3.65 -26.25 22.54
N PRO I 144 -3.70 -27.13 23.55
CA PRO I 144 -4.53 -26.91 24.74
C PRO I 144 -4.16 -25.64 25.51
N GLU I 145 -5.15 -25.10 26.23
CA GLU I 145 -4.99 -23.92 27.07
C GLU I 145 -4.29 -22.72 26.43
N THR I 146 -4.63 -22.42 25.18
CA THR I 146 -4.11 -21.21 24.54
C THR I 146 -5.25 -20.48 23.81
N PRO I 147 -5.39 -19.17 24.10
CA PRO I 147 -6.41 -18.34 23.45
C PRO I 147 -6.02 -17.94 22.03
N MET I 148 -6.98 -17.35 21.32
CA MET I 148 -6.78 -16.87 19.95
C MET I 148 -6.31 -17.97 18.99
N THR I 149 -7.18 -18.95 18.78
CA THR I 149 -6.91 -20.07 17.88
C THR I 149 -6.89 -19.63 16.42
N SER I 150 -7.71 -18.63 16.09
CA SER I 150 -7.89 -18.18 14.71
C SER I 150 -6.61 -17.67 14.06
N HIS I 151 -5.63 -17.27 14.87
CA HIS I 151 -4.38 -16.74 14.35
C HIS I 151 -3.22 -17.71 14.51
N ILE I 152 -3.53 -19.01 14.46
CA ILE I 152 -2.51 -20.05 14.53
C ILE I 152 -2.44 -20.83 13.22
N ARG I 153 -1.26 -20.85 12.60
CA ARG I 153 -1.08 -21.65 11.40
C ARG I 153 -0.33 -22.94 11.73
N TYR I 154 -0.55 -23.98 10.94
CA TYR I 154 -0.01 -25.30 11.26
C TYR I 154 0.84 -25.84 10.12
N GLU I 155 1.57 -26.93 10.41
CA GLU I 155 2.36 -27.63 9.41
C GLU I 155 2.29 -29.14 9.62
N VAL I 156 1.86 -29.86 8.60
CA VAL I 156 1.73 -31.31 8.69
C VAL I 156 2.89 -32.02 8.00
N ASP I 157 3.41 -33.06 8.63
CA ASP I 157 4.47 -33.88 8.05
C ASP I 157 3.90 -35.20 7.55
N VAL I 158 4.21 -35.56 6.31
CA VAL I 158 3.73 -36.80 5.73
C VAL I 158 4.84 -37.83 5.55
N SER I 159 4.71 -38.94 6.25
CA SER I 159 5.70 -40.01 6.21
C SER I 159 5.05 -41.38 6.03
N ALA I 160 5.74 -42.28 5.35
CA ALA I 160 5.26 -43.64 5.15
C ALA I 160 6.35 -44.66 5.47
N VAL I 167 8.71 -38.70 3.82
CA VAL I 167 8.87 -37.33 4.29
C VAL I 167 8.23 -36.33 3.33
N GLN I 168 7.20 -35.65 3.79
CA GLN I 168 6.52 -34.62 3.00
C GLN I 168 5.88 -33.56 3.90
N ARG I 169 6.14 -32.29 3.61
CA ARG I 169 5.63 -31.18 4.41
C ARG I 169 4.57 -30.36 3.71
N VAL I 170 3.44 -30.14 4.39
CA VAL I 170 2.35 -29.33 3.88
C VAL I 170 1.99 -28.22 4.85
N GLU I 171 2.00 -26.98 4.36
CA GLU I 171 1.65 -25.82 5.19
C GLU I 171 0.15 -25.59 5.24
N ILE I 172 -0.38 -25.42 6.45
CA ILE I 172 -1.80 -25.16 6.65
C ILE I 172 -2.03 -23.71 7.07
N LEU I 173 -2.95 -23.04 6.38
CA LEU I 173 -3.25 -21.64 6.67
C LEU I 173 -3.89 -21.47 8.05
N GLU I 174 -3.77 -20.27 8.59
CA GLU I 174 -4.20 -19.99 9.96
C GLU I 174 -5.68 -20.24 10.20
N GLY I 175 -6.00 -20.82 11.35
CA GLY I 175 -7.37 -21.09 11.74
C GLY I 175 -7.85 -22.46 11.29
N ARG I 176 -7.21 -22.99 10.25
CA ARG I 176 -7.62 -24.27 9.68
C ARG I 176 -6.92 -25.43 10.39
N THR I 177 -7.73 -26.35 10.91
CA THR I 177 -7.20 -27.44 11.72
C THR I 177 -7.45 -28.80 11.07
N GLU I 178 -7.50 -28.82 9.74
CA GLU I 178 -7.64 -30.08 9.02
C GLU I 178 -7.06 -30.02 7.61
N CYS I 179 -6.67 -31.18 7.09
CA CYS I 179 -5.95 -31.27 5.83
C CYS I 179 -6.33 -32.51 5.02
N VAL I 180 -6.58 -32.32 3.73
CA VAL I 180 -6.90 -33.43 2.83
C VAL I 180 -5.77 -33.73 1.87
N LEU I 181 -5.24 -34.95 1.95
CA LEU I 181 -4.09 -35.35 1.14
C LEU I 181 -4.53 -36.14 -0.09
N SER I 182 -3.93 -35.85 -1.23
CA SER I 182 -4.26 -36.54 -2.47
C SER I 182 -3.12 -37.35 -3.07
N ASN I 183 -2.19 -36.68 -3.74
CA ASN I 183 -1.04 -37.34 -4.34
C ASN I 183 -0.19 -38.08 -3.31
N GLY I 186 0.74 -43.37 -2.37
CA GLY I 186 1.61 -44.50 -2.66
C GLY I 186 0.96 -45.79 -2.23
N ARG I 187 -0.27 -45.66 -1.74
CA ARG I 187 -1.05 -46.80 -1.26
C ARG I 187 -0.32 -47.66 -0.26
N THR I 188 0.35 -47.01 0.70
CA THR I 188 1.05 -47.71 1.78
C THR I 188 0.46 -47.38 3.15
N ARG I 189 1.19 -47.72 4.20
CA ARG I 189 0.77 -47.38 5.56
C ARG I 189 1.47 -46.10 6.01
N TYR I 190 0.69 -45.02 6.07
CA TYR I 190 1.20 -43.70 6.43
C TYR I 190 0.97 -43.33 7.88
N THR I 191 1.88 -42.53 8.43
CA THR I 191 1.73 -41.99 9.78
C THR I 191 1.99 -40.48 9.76
N PHE I 192 1.14 -39.70 10.44
CA PHE I 192 1.19 -38.24 10.34
C PHE I 192 1.31 -37.51 11.68
N ALA I 193 1.93 -36.33 11.64
CA ALA I 193 2.05 -35.46 12.80
C ALA I 193 2.00 -33.99 12.38
N VAL I 194 1.61 -33.11 13.29
CA VAL I 194 1.43 -31.70 12.97
C VAL I 194 1.88 -30.77 14.11
N ARG I 195 2.54 -29.67 13.76
CA ARG I 195 2.97 -28.67 14.73
C ARG I 195 2.36 -27.31 14.43
N ALA I 196 2.45 -26.39 15.38
CA ALA I 196 1.78 -25.10 15.28
C ALA I 196 2.71 -23.92 15.54
N ARG I 197 2.27 -22.73 15.15
CA ARG I 197 2.99 -21.50 15.41
C ARG I 197 2.09 -20.28 15.24
N MET I 198 2.51 -19.15 15.79
CA MET I 198 1.78 -17.90 15.68
C MET I 198 1.86 -17.36 14.26
N ALA I 199 0.74 -16.85 13.74
CA ALA I 199 0.69 -16.36 12.37
C ALA I 199 0.14 -14.94 12.28
N GLU I 200 -0.38 -14.44 13.40
CA GLU I 200 -0.93 -13.10 13.47
C GLU I 200 0.15 -12.07 13.11
N PRO I 201 -0.19 -11.08 12.28
CA PRO I 201 0.74 -10.08 11.75
C PRO I 201 1.60 -9.39 12.82
N SER I 202 1.01 -9.00 13.94
CA SER I 202 1.73 -8.28 14.98
C SER I 202 2.49 -9.22 15.91
N PHE I 203 2.43 -10.52 15.61
CA PHE I 203 3.07 -11.53 16.45
C PHE I 203 4.02 -12.42 15.66
N GLY I 204 4.74 -13.28 16.37
CA GLY I 204 5.71 -14.17 15.76
C GLY I 204 6.32 -15.11 16.79
N GLY I 205 7.12 -16.06 16.32
CA GLY I 205 7.74 -17.02 17.21
C GLY I 205 8.35 -18.21 16.49
N PHE I 206 8.24 -19.39 17.11
CA PHE I 206 8.86 -20.59 16.57
C PHE I 206 7.88 -21.76 16.46
N TRP I 207 8.25 -22.75 15.64
CA TRP I 207 7.45 -23.95 15.45
C TRP I 207 7.33 -24.79 16.72
N SER I 208 6.13 -25.25 17.00
CA SER I 208 5.86 -26.10 18.17
C SER I 208 6.37 -27.52 18.01
N ALA I 209 6.26 -28.30 19.08
CA ALA I 209 6.58 -29.72 19.04
C ALA I 209 5.56 -30.47 18.18
N TRP I 210 5.97 -31.62 17.66
CA TRP I 210 5.08 -32.44 16.84
C TRP I 210 3.97 -33.07 17.69
N SER I 211 2.80 -33.24 17.11
CA SER I 211 1.68 -33.87 17.81
C SER I 211 1.86 -35.38 17.94
N GLU I 212 0.96 -36.02 18.68
CA GLU I 212 0.90 -37.47 18.72
C GLU I 212 0.47 -38.00 17.36
N PRO I 213 1.25 -38.93 16.78
CA PRO I 213 0.96 -39.42 15.43
C PRO I 213 -0.18 -40.43 15.36
N VAL I 214 -0.78 -40.52 14.17
CA VAL I 214 -1.83 -41.50 13.88
C VAL I 214 -1.50 -42.20 12.57
N SER I 215 -1.83 -43.49 12.48
CA SER I 215 -1.54 -44.24 11.25
C SER I 215 -2.79 -44.64 10.48
N LEU I 216 -2.59 -44.98 9.21
CA LEU I 216 -3.67 -45.39 8.33
C LEU I 216 -3.11 -46.12 7.12
N LEU I 217 -3.53 -47.38 6.93
CA LEU I 217 -3.05 -48.18 5.81
C LEU I 217 -3.96 -48.04 4.60
C1 GOL J . 29.35 15.57 -4.42
O1 GOL J . 30.54 15.73 -5.16
C2 GOL J . 29.43 16.40 -3.14
O2 GOL J . 28.95 17.70 -3.41
C3 GOL J . 28.57 15.75 -2.06
O3 GOL J . 29.02 16.18 -0.78
C1 GOL K . 24.59 3.88 -3.39
O1 GOL K . 25.06 5.00 -2.66
C2 GOL K . 23.52 3.17 -2.57
O2 GOL K . 24.09 2.03 -1.96
C3 GOL K . 22.38 2.75 -3.48
O3 GOL K . 22.88 1.92 -4.51
C1 GOL L . 37.36 22.42 -21.58
O1 GOL L . 38.53 22.21 -20.82
C2 GOL L . 37.63 22.16 -23.06
O2 GOL L . 37.46 23.37 -23.78
C3 GOL L . 39.03 21.62 -23.27
O3 GOL L . 39.09 20.29 -22.81
C1 GOL M . 27.16 -0.66 -11.07
O1 GOL M . 26.98 -0.01 -9.83
C2 GOL M . 25.84 -1.29 -11.48
O2 GOL M . 25.64 -1.10 -12.87
C3 GOL M . 24.69 -0.63 -10.72
O3 GOL M . 23.48 -1.25 -11.07
C1 GOL N . -32.97 1.43 -7.40
O1 GOL N . -32.32 2.14 -8.43
C2 GOL N . -32.49 1.94 -6.05
O2 GOL N . -33.55 1.88 -5.12
C3 GOL N . -31.35 1.05 -5.57
O3 GOL N . -30.98 1.43 -4.26
C1 GOL O . -27.81 3.85 -5.95
O1 GOL O . -28.78 4.87 -6.05
C2 GOL O . -27.89 3.19 -4.58
O2 GOL O . -26.82 3.64 -3.77
C3 GOL O . -27.82 1.68 -4.72
O3 GOL O . -26.65 1.33 -5.41
C1 PGE P . -21.20 3.95 -0.83
O1 PGE P . -20.63 2.71 -1.22
C2 PGE P . -22.69 3.93 -1.08
O2 PGE P . -23.39 3.64 0.11
C3 PGE P . -24.74 3.30 -0.09
C4 PGE P . -25.38 2.85 1.21
O4 PGE P . -23.72 -0.71 3.44
C6 PGE P . -24.16 0.64 3.52
C5 PGE P . -23.86 1.36 2.23
O3 PGE P . -25.05 1.50 1.48
C1 PEG Q . -3.38 -2.66 -25.65
O1 PEG Q . -4.16 -1.65 -26.09
C2 PEG Q . -3.76 -3.02 -24.25
O2 PEG Q . -5.09 -3.50 -24.22
C3 PEG Q . -5.57 -3.76 -22.88
C4 PEG Q . -7.00 -4.27 -22.94
O4 PEG Q . -7.50 -4.39 -21.63
C1 GOL R . -8.36 -17.29 -17.38
O1 GOL R . -7.84 -17.82 -16.19
C2 GOL R . -9.06 -18.38 -18.18
O2 GOL R . -9.65 -19.31 -17.30
C3 GOL R . -10.16 -17.76 -19.04
O3 GOL R . -11.43 -18.07 -18.49
C1 GOL S . -31.58 -26.72 0.69
O1 GOL S . -31.25 -25.38 0.40
C2 GOL S . -31.62 -26.94 2.20
O2 GOL S . -31.40 -25.72 2.88
C3 GOL S . -30.57 -27.97 2.61
O3 GOL S . -29.31 -27.60 2.10
C1 GOL T . -7.12 -22.95 -10.88
O1 GOL T . -6.75 -24.30 -10.72
C2 GOL T . -5.89 -22.12 -11.23
O2 GOL T . -6.22 -21.19 -12.24
C3 GOL T . -5.41 -21.39 -10.00
O3 GOL T . -4.26 -20.64 -10.31
C1 GOL U . -32.70 -13.45 45.28
O1 GOL U . -33.83 -12.62 45.39
C2 GOL U . -33.14 -14.85 44.87
O2 GOL U . -34.42 -14.80 44.28
C3 GOL U . -32.14 -15.46 43.92
O3 GOL U . -30.93 -15.75 44.61
C1 GOL V . -3.52 2.05 1.30
O1 GOL V . -2.13 1.95 1.42
C2 GOL V . -4.20 1.24 2.41
O2 GOL V . -5.20 2.01 3.02
C3 GOL V . -4.81 -0.03 1.80
O3 GOL V . -5.46 -0.76 2.82
C1 GOL W . 2.97 -3.93 2.86
O1 GOL W . 2.03 -4.88 2.41
C2 GOL W . 2.46 -3.28 4.13
O2 GOL W . 1.38 -2.43 3.80
C3 GOL W . 1.96 -4.37 5.08
O3 GOL W . 1.21 -3.79 6.13
C1 GOL X . -11.16 17.86 24.23
O1 GOL X . -9.91 17.52 23.65
C2 GOL X . -12.23 16.87 23.79
O2 GOL X . -12.99 16.48 24.91
C3 GOL X . -13.14 17.53 22.75
O3 GOL X . -14.11 16.60 22.33
C1 GOL Y . -17.23 11.20 26.17
O1 GOL Y . -17.40 10.02 26.93
C2 GOL Y . -17.70 10.96 24.74
O2 GOL Y . -18.24 12.15 24.22
C3 GOL Y . -18.75 9.86 24.72
O3 GOL Y . -18.83 9.30 23.43
C1 GOL Z . -1.12 14.40 27.74
O1 GOL Z . -1.43 14.83 29.05
C2 GOL Z . 0.11 13.51 27.77
O2 GOL Z . -0.21 12.24 27.26
C3 GOL Z . 1.21 14.14 26.91
O3 GOL Z . 2.22 13.20 26.64
#